data_7KN3
#
_entry.id   7KN3
#
_cell.length_a   191.564
_cell.length_b   191.564
_cell.length_c   117.371
_cell.angle_alpha   90.000
_cell.angle_beta   90.000
_cell.angle_gamma   120.000
#
_symmetry.space_group_name_H-M   'H 3'
#
loop_
_entity.id
_entity.type
_entity.pdbx_description
1 polymer 'Spike protein S1'
2 polymer 'S-B8 Fab heavy chain'
3 polymer 'S-B8 Fab light chain'
4 non-polymer 2-acetamido-2-deoxy-beta-D-glucopyranose
5 non-polymer 1,2-ETHANEDIOL
6 non-polymer 'SULFATE ION'
7 non-polymer 'TRIETHYLENE GLYCOL'
8 water water
#
loop_
_entity_poly.entity_id
_entity_poly.type
_entity_poly.pdbx_seq_one_letter_code
_entity_poly.pdbx_strand_id
1 'polypeptide(L)'
;RVQPTESIVRFPNITNLCPFGEVFNATRFASVYAWNRKRISNCVADYSVLYNSASFSTFKCYGVSPTKLNDLCFTNVYAD
SFVIRGDEVRQIAPGQTGKIADYNYKLPDDFTGCVIAWNSNNLDSKVGGNYNYLYRLFRKSNLKPFERDISTEIYQAGST
PCNGVEGFNCYFPLQSYGFQPTNGVGYQPYRVVVLSFELLHAPATVCGPKKSTNLVKNKCVNFSGHHHHHH
;
A,B
2 'polypeptide(L)'
;QVQLVQSGGGLIQPGGSLRLSCAASGFTVSLSHMNWVRQAPGKGLEWVSITYGDGNSDYADSVKGRFTISRDNSKNTLYL
QMNSLRAEDTAVYYCAREYYYGMDVWGQGTTVTVSSASTKGPSVFPLAPSSKSTSGGTAALGCLVKDYFPEPVTVSWNSG
ALTSGVHTFPAVLQSSGLYSLSSVVTVPSSSLGTQTYICNVNHKPSNTKVDKKVEPKSC
;
H,M
3 'polypeptide(L)'
;DIVMTQSPDSLAVSLGERATINCKSSQSVLYSSNNKNYLAWYQQKPGQPPKLLIYWASTRESGVPDRFSGSGSGTDFTLT
ISSLQAEDVAVYYCQQYYSLPLTFGGGTKLEIKRTVAAPSVFIFPPSDEQLKSGTASVVCLLNNFYPREAKVQWKVDNAL
QSGNSQESVTEQDSKDSTYSLSSTLTLSKADYEKHKVYACEVTHQGLSSPVTKSFNRGECS
;
L,N
#
loop_
_chem_comp.id
_chem_comp.type
_chem_comp.name
_chem_comp.formula
EDO non-polymer 1,2-ETHANEDIOL 'C2 H6 O2'
NAG D-saccharide, beta linking 2-acetamido-2-deoxy-beta-D-glucopyranose 'C8 H15 N O6'
PGE non-polymer 'TRIETHYLENE GLYCOL' 'C6 H14 O4'
SO4 non-polymer 'SULFATE ION' 'O4 S -2'
#
# COMPACT_ATOMS: atom_id res chain seq x y z
N ASN A 16 23.03 -15.18 7.20
CA ASN A 16 22.83 -13.74 7.30
C ASN A 16 22.51 -13.14 5.96
N LEU A 17 21.26 -13.31 5.51
CA LEU A 17 20.85 -12.80 4.20
C LEU A 17 20.74 -11.29 4.22
N CYS A 18 21.28 -10.65 3.18
CA CYS A 18 21.15 -9.21 3.05
C CYS A 18 19.68 -8.84 2.85
N PRO A 19 19.13 -7.91 3.62
CA PRO A 19 17.69 -7.62 3.55
C PRO A 19 17.32 -6.73 2.37
N PHE A 20 17.43 -7.29 1.15
CA PHE A 20 16.98 -6.56 -0.03
C PHE A 20 15.47 -6.42 -0.06
N GLY A 21 14.75 -7.35 0.57
CA GLY A 21 13.30 -7.26 0.60
C GLY A 21 12.78 -6.03 1.29
N GLU A 22 13.56 -5.48 2.23
CA GLU A 22 13.18 -4.22 2.86
C GLU A 22 13.16 -3.08 1.86
N VAL A 23 14.01 -3.16 0.83
CA VAL A 23 14.16 -2.07 -0.13
C VAL A 23 13.23 -2.26 -1.32
N PHE A 24 13.29 -3.42 -1.97
CA PHE A 24 12.51 -3.64 -3.18
C PHE A 24 11.02 -3.74 -2.89
N ASN A 25 10.65 -4.29 -1.74
CA ASN A 25 9.25 -4.52 -1.39
C ASN A 25 8.75 -3.57 -0.31
N ALA A 26 9.41 -2.43 -0.12
CA ALA A 26 8.91 -1.42 0.80
C ALA A 26 7.57 -0.90 0.33
N THR A 27 6.67 -0.65 1.27
CA THR A 27 5.35 -0.17 0.92
C THR A 27 5.40 1.26 0.39
N ARG A 28 6.15 2.13 1.08
CA ARG A 28 6.28 3.52 0.67
C ARG A 28 7.65 3.75 0.05
N PHE A 29 7.68 4.44 -1.08
CA PHE A 29 8.91 4.87 -1.73
C PHE A 29 9.04 6.38 -1.63
N ALA A 30 10.28 6.87 -1.66
CA ALA A 30 10.52 8.28 -1.48
C ALA A 30 10.40 9.03 -2.81
N SER A 31 10.17 10.34 -2.70
CA SER A 31 10.31 11.21 -3.85
C SER A 31 11.77 11.29 -4.26
N VAL A 32 12.00 11.48 -5.57
CA VAL A 32 13.36 11.38 -6.10
C VAL A 32 14.27 12.45 -5.51
N TYR A 33 13.74 13.65 -5.24
CA TYR A 33 14.58 14.71 -4.68
C TYR A 33 15.03 14.35 -3.26
N ALA A 34 14.22 13.59 -2.52
CA ALA A 34 14.59 13.15 -1.18
C ALA A 34 14.80 11.64 -1.17
N TRP A 35 15.60 11.14 -2.12
CA TRP A 35 15.77 9.70 -2.28
C TRP A 35 16.35 9.07 -1.02
N ASN A 36 15.95 7.83 -0.76
CA ASN A 36 16.40 7.09 0.40
C ASN A 36 17.63 6.25 0.05
N ARG A 37 18.46 6.01 1.06
CA ARG A 37 19.65 5.18 0.91
C ARG A 37 19.72 4.22 2.07
N LYS A 38 19.93 2.94 1.78
CA LYS A 38 20.17 1.92 2.79
C LYS A 38 21.57 1.35 2.59
N ARG A 39 22.39 1.41 3.63
CA ARG A 39 23.73 0.86 3.60
C ARG A 39 23.65 -0.60 4.04
N ILE A 40 24.16 -1.50 3.21
CA ILE A 40 24.04 -2.94 3.42
C ILE A 40 25.44 -3.51 3.65
N SER A 41 25.66 -4.07 4.83
CA SER A 41 26.96 -4.59 5.22
C SER A 41 26.80 -5.93 5.92
N ASN A 42 27.92 -6.66 6.02
CA ASN A 42 28.06 -7.86 6.84
C ASN A 42 26.90 -8.83 6.61
N CYS A 43 26.81 -9.33 5.38
CA CYS A 43 25.71 -10.21 5.00
C CYS A 43 26.10 -10.96 3.74
N VAL A 44 25.25 -11.91 3.35
CA VAL A 44 25.42 -12.70 2.14
C VAL A 44 24.26 -12.37 1.22
N ALA A 45 24.58 -11.86 0.03
CA ALA A 45 23.58 -11.41 -0.93
C ALA A 45 23.37 -12.46 -2.02
N ASP A 46 22.10 -12.67 -2.38
CA ASP A 46 21.73 -13.58 -3.45
C ASP A 46 21.05 -12.77 -4.54
N TYR A 47 21.84 -12.21 -5.45
CA TYR A 47 21.30 -11.42 -6.56
C TYR A 47 20.55 -12.26 -7.57
N SER A 48 20.59 -13.59 -7.45
CA SER A 48 19.85 -14.45 -8.37
C SER A 48 18.36 -14.20 -8.30
N VAL A 49 17.84 -13.87 -7.11
CA VAL A 49 16.41 -13.64 -6.95
C VAL A 49 15.94 -12.36 -7.65
N LEU A 50 16.86 -11.53 -8.11
CA LEU A 50 16.52 -10.28 -8.79
C LEU A 50 16.72 -10.34 -10.30
N TYR A 51 17.91 -10.73 -10.77
CA TYR A 51 18.13 -10.72 -12.22
C TYR A 51 17.37 -11.84 -12.92
N ASN A 52 17.15 -12.97 -12.24
CA ASN A 52 16.28 -13.99 -12.79
C ASN A 52 14.81 -13.64 -12.67
N SER A 53 14.47 -12.61 -11.91
CA SER A 53 13.08 -12.20 -11.75
C SER A 53 12.59 -11.49 -13.01
N ALA A 54 11.34 -11.76 -13.38
CA ALA A 54 10.72 -11.14 -14.54
C ALA A 54 9.95 -9.87 -14.19
N SER A 55 10.00 -9.44 -12.94
CA SER A 55 9.18 -8.32 -12.48
C SER A 55 9.77 -6.95 -12.85
N PHE A 56 10.94 -6.91 -13.48
CA PHE A 56 11.65 -5.66 -13.71
C PHE A 56 11.65 -5.31 -15.20
N SER A 57 11.42 -4.03 -15.49
CA SER A 57 11.49 -3.51 -16.85
C SER A 57 12.87 -3.00 -17.20
N THR A 58 13.68 -2.66 -16.21
CA THR A 58 15.04 -2.17 -16.43
C THR A 58 15.96 -2.88 -15.44
N PHE A 59 17.08 -3.42 -15.94
CA PHE A 59 18.09 -4.06 -15.11
C PHE A 59 19.44 -3.91 -15.82
N LYS A 60 19.96 -2.68 -15.82
CA LYS A 60 21.23 -2.37 -16.45
C LYS A 60 22.29 -2.24 -15.38
N CYS A 61 23.38 -2.99 -15.53
CA CYS A 61 24.48 -2.94 -14.58
C CYS A 61 25.70 -2.28 -15.22
N TYR A 62 26.58 -1.78 -14.36
CA TYR A 62 27.76 -1.05 -14.79
C TYR A 62 28.95 -1.50 -13.97
N GLY A 63 30.05 -1.85 -14.63
CA GLY A 63 31.24 -2.34 -13.96
C GLY A 63 31.17 -3.78 -13.52
N VAL A 64 29.99 -4.42 -13.58
CA VAL A 64 29.82 -5.82 -13.26
C VAL A 64 28.89 -6.44 -14.31
N SER A 65 29.09 -7.72 -14.58
CA SER A 65 28.14 -8.46 -15.41
C SER A 65 27.00 -8.94 -14.51
N PRO A 66 25.74 -8.62 -14.83
CA PRO A 66 24.66 -8.95 -13.89
C PRO A 66 24.52 -10.43 -13.60
N THR A 67 24.76 -11.29 -14.60
CA THR A 67 24.55 -12.72 -14.43
C THR A 67 25.64 -13.39 -13.61
N LYS A 68 26.72 -12.69 -13.27
CA LYS A 68 27.82 -13.24 -12.48
C LYS A 68 27.96 -12.53 -11.13
N LEU A 69 26.86 -11.96 -10.63
CA LEU A 69 26.93 -11.12 -9.44
C LEU A 69 27.27 -11.92 -8.19
N ASN A 70 26.80 -13.17 -8.10
CA ASN A 70 27.00 -13.96 -6.89
C ASN A 70 28.44 -14.41 -6.69
N ASP A 71 29.28 -14.32 -7.72
CA ASP A 71 30.69 -14.69 -7.62
C ASP A 71 31.55 -13.53 -7.14
N LEU A 72 30.95 -12.42 -6.74
CA LEU A 72 31.67 -11.20 -6.39
C LEU A 72 31.53 -10.87 -4.91
N CYS A 73 32.43 -10.01 -4.45
CA CYS A 73 32.57 -9.64 -3.04
C CYS A 73 32.91 -8.16 -2.93
N PHE A 74 32.11 -7.43 -2.15
CA PHE A 74 32.30 -5.99 -2.02
C PHE A 74 32.38 -5.62 -0.54
N THR A 75 33.03 -4.47 -0.29
CA THR A 75 33.10 -3.95 1.07
C THR A 75 31.72 -3.63 1.60
N ASN A 76 30.98 -2.79 0.89
CA ASN A 76 29.61 -2.45 1.24
C ASN A 76 28.78 -2.37 -0.04
N VAL A 77 27.47 -2.45 0.13
CA VAL A 77 26.51 -2.25 -0.96
C VAL A 77 25.49 -1.24 -0.51
N TYR A 78 25.15 -0.31 -1.40
CA TYR A 78 24.21 0.76 -1.11
C TYR A 78 22.99 0.60 -2.01
N ALA A 79 21.81 0.67 -1.42
CA ALA A 79 20.55 0.60 -2.16
C ALA A 79 19.85 1.95 -2.05
N ASP A 80 19.78 2.66 -3.16
CA ASP A 80 19.03 3.92 -3.25
C ASP A 80 17.73 3.66 -3.98
N SER A 81 16.64 4.25 -3.47
CA SER A 81 15.31 4.00 -4.04
C SER A 81 14.50 5.29 -4.05
N PHE A 82 13.64 5.41 -5.06
CA PHE A 82 12.82 6.60 -5.26
C PHE A 82 11.81 6.28 -6.37
N VAL A 83 10.95 7.25 -6.66
CA VAL A 83 9.95 7.14 -7.71
C VAL A 83 10.19 8.25 -8.73
N ILE A 84 10.21 7.89 -10.01
CA ILE A 84 10.19 8.81 -11.12
C ILE A 84 9.14 8.32 -12.11
N ARG A 85 8.98 9.07 -13.20
CA ARG A 85 8.05 8.65 -14.24
C ARG A 85 8.80 7.89 -15.33
N GLY A 86 8.04 7.19 -16.16
CA GLY A 86 8.62 6.17 -17.03
C GLY A 86 9.71 6.70 -17.95
N ASP A 87 9.44 7.81 -18.63
CA ASP A 87 10.42 8.34 -19.59
C ASP A 87 11.61 9.00 -18.92
N GLU A 88 11.71 8.97 -17.59
CA GLU A 88 12.86 9.50 -16.89
C GLU A 88 13.82 8.42 -16.41
N VAL A 89 13.46 7.13 -16.57
CA VAL A 89 14.32 6.05 -16.12
C VAL A 89 15.66 6.08 -16.84
N ARG A 90 15.66 6.49 -18.11
CA ARG A 90 16.91 6.55 -18.87
C ARG A 90 17.89 7.56 -18.28
N GLN A 91 17.41 8.54 -17.51
CA GLN A 91 18.31 9.51 -16.89
C GLN A 91 19.07 8.92 -15.71
N ILE A 92 18.65 7.77 -15.20
CA ILE A 92 19.34 7.15 -14.06
C ILE A 92 20.43 6.26 -14.65
N ALA A 93 21.50 6.91 -15.11
CA ALA A 93 22.64 6.25 -15.74
C ALA A 93 23.81 7.23 -15.76
N PRO A 94 25.05 6.75 -15.79
CA PRO A 94 26.20 7.67 -15.82
C PRO A 94 26.18 8.55 -17.06
N GLY A 95 26.63 9.79 -16.88
CA GLY A 95 26.76 10.73 -17.98
C GLY A 95 25.47 11.33 -18.49
N GLN A 96 24.33 10.96 -17.92
CA GLN A 96 23.06 11.46 -18.42
C GLN A 96 22.81 12.89 -17.98
N THR A 97 21.92 13.56 -18.71
CA THR A 97 21.49 14.92 -18.40
C THR A 97 19.98 14.96 -18.32
N GLY A 98 19.45 16.11 -17.89
CA GLY A 98 18.05 16.27 -17.60
C GLY A 98 17.83 16.70 -16.16
N LYS A 99 16.59 17.11 -15.88
CA LYS A 99 16.27 17.66 -14.57
C LYS A 99 16.42 16.62 -13.46
N ILE A 100 16.16 15.35 -13.76
CA ILE A 100 16.33 14.31 -12.74
C ILE A 100 17.81 14.08 -12.47
N ALA A 101 18.59 13.88 -13.53
CA ALA A 101 20.01 13.58 -13.36
C ALA A 101 20.79 14.78 -12.85
N ASP A 102 20.40 15.99 -13.24
CA ASP A 102 21.14 17.18 -12.84
C ASP A 102 20.69 17.72 -11.49
N TYR A 103 19.40 17.63 -11.18
CA TYR A 103 18.85 18.29 -10.00
C TYR A 103 18.31 17.34 -8.93
N ASN A 104 18.25 16.03 -9.19
CA ASN A 104 17.58 15.14 -8.25
C ASN A 104 18.44 13.94 -7.84
N TYR A 105 18.92 13.17 -8.81
CA TYR A 105 19.74 12.00 -8.50
C TYR A 105 20.78 11.81 -9.58
N LYS A 106 22.05 11.93 -9.21
CA LYS A 106 23.16 11.90 -10.14
C LYS A 106 24.04 10.70 -9.87
N LEU A 107 24.37 9.94 -10.92
CA LEU A 107 25.33 8.87 -10.79
C LEU A 107 26.71 9.34 -11.23
N PRO A 108 27.77 8.86 -10.61
CA PRO A 108 29.12 9.22 -11.06
C PRO A 108 29.48 8.53 -12.36
N ASP A 109 30.49 9.08 -13.03
CA ASP A 109 30.95 8.48 -14.28
C ASP A 109 31.53 7.08 -14.03
N ASP A 110 32.21 6.90 -12.90
CA ASP A 110 32.83 5.63 -12.55
C ASP A 110 31.88 4.71 -11.77
N PHE A 111 30.58 4.82 -12.02
CA PHE A 111 29.60 4.07 -11.24
C PHE A 111 29.77 2.57 -11.42
N THR A 112 29.80 1.85 -10.30
CA THR A 112 29.83 0.39 -10.30
C THR A 112 28.59 -0.10 -9.56
N GLY A 113 27.61 -0.59 -10.31
CA GLY A 113 26.40 -1.09 -9.70
C GLY A 113 25.34 -1.38 -10.75
N CYS A 114 24.12 -1.56 -10.29
CA CYS A 114 23.00 -1.87 -11.16
C CYS A 114 21.85 -0.91 -10.90
N VAL A 115 21.08 -0.64 -11.95
CA VAL A 115 19.92 0.24 -11.90
C VAL A 115 18.70 -0.62 -12.23
N ILE A 116 17.79 -0.75 -11.27
CA ILE A 116 16.64 -1.63 -11.37
C ILE A 116 15.36 -0.80 -11.25
N ALA A 117 14.43 -1.01 -12.17
CA ALA A 117 13.20 -0.25 -12.21
C ALA A 117 12.04 -1.15 -12.62
N TRP A 118 10.84 -0.76 -12.21
CA TRP A 118 9.64 -1.48 -12.61
C TRP A 118 8.43 -0.55 -12.51
N ASN A 119 7.46 -0.79 -13.39
CA ASN A 119 6.24 0.01 -13.41
C ASN A 119 5.46 -0.18 -12.11
N SER A 120 5.07 0.93 -11.49
CA SER A 120 4.36 0.90 -10.22
C SER A 120 3.05 1.66 -10.32
N ASN A 121 2.38 1.56 -11.46
CA ASN A 121 1.14 2.31 -11.68
C ASN A 121 0.09 1.96 -10.63
N ASN A 122 -0.05 0.68 -10.30
CA ASN A 122 -1.09 0.27 -9.35
C ASN A 122 -0.80 0.75 -7.95
N LEU A 123 0.47 0.91 -7.58
CA LEU A 123 0.83 1.32 -6.23
C LEU A 123 0.88 2.83 -6.05
N ASP A 124 1.25 3.58 -7.09
CA ASP A 124 1.57 4.99 -6.95
C ASP A 124 0.69 5.93 -7.74
N SER A 125 -0.21 5.44 -8.58
CA SER A 125 -1.19 6.29 -9.24
C SER A 125 -2.48 6.33 -8.44
N LYS A 126 -3.20 7.44 -8.54
CA LYS A 126 -4.45 7.63 -7.82
C LYS A 126 -5.47 8.28 -8.73
N VAL A 127 -6.74 7.88 -8.56
CA VAL A 127 -7.83 8.58 -9.24
C VAL A 127 -7.89 10.01 -8.73
N GLY A 128 -7.99 10.96 -9.67
CA GLY A 128 -7.82 12.35 -9.35
C GLY A 128 -6.39 12.82 -9.29
N GLY A 129 -5.42 11.91 -9.44
CA GLY A 129 -4.03 12.27 -9.46
C GLY A 129 -3.34 12.10 -8.11
N ASN A 130 -2.10 11.60 -8.14
CA ASN A 130 -1.25 11.50 -6.96
C ASN A 130 -0.19 12.59 -7.05
N TYR A 131 -0.36 13.64 -6.25
CA TYR A 131 0.54 14.79 -6.27
C TYR A 131 1.55 14.77 -5.11
N ASN A 132 1.71 13.62 -4.46
CA ASN A 132 2.63 13.53 -3.33
C ASN A 132 4.08 13.33 -3.75
N TYR A 133 4.32 12.80 -4.96
CA TYR A 133 5.68 12.59 -5.44
C TYR A 133 6.19 13.87 -6.09
N LEU A 134 7.33 14.35 -5.61
CA LEU A 134 7.89 15.61 -6.05
C LEU A 134 9.26 15.39 -6.68
N TYR A 135 9.68 16.36 -7.49
CA TYR A 135 11.03 16.42 -8.04
C TYR A 135 11.49 17.86 -8.02
N ARG A 136 12.80 18.06 -8.00
CA ARG A 136 13.36 19.40 -8.02
C ARG A 136 13.44 19.90 -9.46
N LEU A 137 12.81 21.04 -9.72
CA LEU A 137 12.81 21.64 -11.05
C LEU A 137 13.90 22.70 -11.23
N PHE A 138 14.27 23.39 -10.16
CA PHE A 138 15.21 24.50 -10.22
C PHE A 138 16.37 24.27 -9.27
N ARG A 139 17.57 24.65 -9.69
CA ARG A 139 18.74 24.63 -8.81
C ARG A 139 19.80 25.56 -9.39
N LYS A 140 20.56 26.19 -8.49
CA LYS A 140 21.61 27.10 -8.92
C LYS A 140 22.78 26.38 -9.56
N SER A 141 22.94 25.08 -9.32
CA SER A 141 24.01 24.30 -9.93
C SER A 141 23.59 22.83 -9.93
N ASN A 142 24.29 22.05 -10.74
CA ASN A 142 24.01 20.62 -10.82
C ASN A 142 24.45 19.92 -9.54
N LEU A 143 23.75 18.84 -9.22
CA LEU A 143 24.16 18.00 -8.09
C LEU A 143 25.46 17.29 -8.41
N LYS A 144 26.26 17.09 -7.36
CA LYS A 144 27.38 16.17 -7.46
C LYS A 144 26.87 14.74 -7.38
N PRO A 145 27.68 13.76 -7.79
CA PRO A 145 27.23 12.37 -7.72
C PRO A 145 26.83 11.98 -6.30
N PHE A 146 25.68 11.31 -6.20
CA PHE A 146 25.15 10.81 -4.92
C PHE A 146 24.86 11.94 -3.94
N GLU A 147 24.52 13.13 -4.44
CA GLU A 147 24.12 14.23 -3.59
C GLU A 147 22.60 14.25 -3.43
N ARG A 148 22.15 14.65 -2.25
CA ARG A 148 20.73 14.66 -1.91
C ARG A 148 20.38 16.04 -1.36
N ASP A 149 19.54 16.77 -2.08
CA ASP A 149 19.17 18.15 -1.75
C ASP A 149 17.70 18.18 -1.38
N ILE A 150 17.41 18.46 -0.11
CA ILE A 150 16.04 18.52 0.38
C ILE A 150 15.61 19.94 0.71
N SER A 151 16.38 20.94 0.28
CA SER A 151 16.03 22.32 0.57
C SER A 151 14.80 22.76 -0.22
N THR A 152 14.05 23.68 0.36
CA THR A 152 12.86 24.24 -0.27
C THR A 152 12.94 25.76 -0.32
N GLU A 153 14.13 26.28 -0.63
CA GLU A 153 14.31 27.72 -0.76
C GLU A 153 13.70 28.21 -2.07
N ILE A 154 13.05 29.38 -2.02
CA ILE A 154 12.50 29.97 -3.22
C ILE A 154 13.63 30.30 -4.19
N TYR A 155 13.43 29.95 -5.46
CA TYR A 155 14.47 30.06 -6.47
C TYR A 155 14.29 31.33 -7.29
N GLN A 156 15.39 32.06 -7.48
CA GLN A 156 15.38 33.32 -8.22
C GLN A 156 15.70 33.03 -9.68
N ALA A 157 14.66 32.99 -10.51
CA ALA A 157 14.82 32.71 -11.93
C ALA A 157 14.99 33.97 -12.77
N GLY A 158 14.73 35.15 -12.20
CA GLY A 158 14.78 36.38 -12.97
C GLY A 158 15.67 37.46 -12.39
N SER A 159 15.39 38.71 -12.76
CA SER A 159 16.25 39.82 -12.38
C SER A 159 16.20 40.12 -10.89
N THR A 160 15.05 39.89 -10.25
CA THR A 160 14.78 40.46 -8.94
C THR A 160 14.96 39.42 -7.85
N PRO A 161 15.63 39.76 -6.75
CA PRO A 161 15.72 38.83 -5.61
C PRO A 161 14.35 38.55 -5.02
N CYS A 162 14.27 37.42 -4.32
CA CYS A 162 12.99 36.89 -3.87
C CYS A 162 12.72 37.08 -2.38
N ASN A 163 13.77 37.12 -1.55
CA ASN A 163 13.64 37.28 -0.11
C ASN A 163 12.77 36.18 0.50
N GLY A 164 12.95 34.95 0.02
CA GLY A 164 12.26 33.81 0.57
C GLY A 164 10.76 33.79 0.37
N VAL A 165 10.23 34.62 -0.52
CA VAL A 165 8.79 34.63 -0.80
C VAL A 165 8.59 34.55 -2.31
N GLU A 166 7.45 33.98 -2.70
CA GLU A 166 7.14 33.80 -4.12
C GLU A 166 6.73 35.13 -4.75
N GLY A 167 7.32 35.43 -5.91
CA GLY A 167 6.96 36.59 -6.69
C GLY A 167 7.18 36.30 -8.15
N PHE A 168 7.19 37.32 -9.00
CA PHE A 168 7.42 37.08 -10.42
C PHE A 168 8.83 36.53 -10.63
N ASN A 169 8.92 35.43 -11.37
CA ASN A 169 10.17 34.71 -11.60
C ASN A 169 10.84 34.29 -10.31
N CYS A 170 10.05 34.10 -9.25
CA CYS A 170 10.51 33.61 -7.96
C CYS A 170 9.67 32.38 -7.63
N TYR A 171 10.22 31.20 -7.90
CA TYR A 171 9.45 29.96 -7.92
C TYR A 171 9.79 29.07 -6.73
N PHE A 172 8.79 28.32 -6.28
CA PHE A 172 9.04 27.18 -5.43
C PHE A 172 9.82 26.14 -6.24
N PRO A 173 10.87 25.54 -5.67
CA PRO A 173 11.79 24.73 -6.49
C PRO A 173 11.30 23.32 -6.78
N LEU A 174 10.25 22.83 -6.12
CA LEU A 174 9.78 21.47 -6.31
C LEU A 174 8.48 21.47 -7.11
N GLN A 175 8.28 20.39 -7.88
CA GLN A 175 7.08 20.20 -8.69
C GLN A 175 6.65 18.75 -8.58
N SER A 176 5.37 18.51 -8.82
CA SER A 176 4.79 17.18 -8.70
C SER A 176 4.55 16.56 -10.07
N TYR A 177 4.25 15.26 -10.07
CA TYR A 177 3.92 14.53 -11.28
C TYR A 177 2.41 14.46 -11.50
N GLY A 178 1.65 14.17 -10.45
CA GLY A 178 0.21 14.01 -10.57
C GLY A 178 -0.21 12.71 -11.23
N PHE A 179 0.41 11.59 -10.82
CA PHE A 179 0.15 10.31 -11.46
C PHE A 179 -1.32 9.93 -11.38
N GLN A 180 -1.90 9.60 -12.53
CA GLN A 180 -3.24 9.04 -12.64
C GLN A 180 -3.16 7.65 -13.28
N PRO A 181 -4.08 6.74 -12.95
CA PRO A 181 -3.99 5.38 -13.50
C PRO A 181 -4.15 5.31 -15.01
N THR A 182 -4.82 6.29 -15.62
CA THR A 182 -5.06 6.30 -17.05
C THR A 182 -3.94 6.97 -17.85
N ASN A 183 -2.88 7.41 -17.19
CA ASN A 183 -1.77 8.06 -17.88
C ASN A 183 -1.14 7.12 -18.90
N GLY A 184 -0.58 7.70 -19.95
CA GLY A 184 0.29 6.93 -20.84
C GLY A 184 1.46 6.35 -20.07
N VAL A 185 1.98 5.23 -20.58
CA VAL A 185 2.96 4.46 -19.81
C VAL A 185 4.24 5.26 -19.61
N GLY A 186 4.58 6.16 -20.53
CA GLY A 186 5.74 7.01 -20.33
C GLY A 186 5.56 8.04 -19.23
N TYR A 187 4.32 8.35 -18.88
CA TYR A 187 4.00 9.25 -17.79
C TYR A 187 3.57 8.52 -16.53
N GLN A 188 3.63 7.19 -16.52
CA GLN A 188 3.26 6.40 -15.36
C GLN A 188 4.41 6.33 -14.38
N PRO A 189 4.13 6.10 -13.09
CA PRO A 189 5.21 6.07 -12.10
C PRO A 189 6.00 4.78 -12.17
N TYR A 190 7.30 4.90 -11.93
CA TYR A 190 8.20 3.76 -11.87
C TYR A 190 9.02 3.83 -10.60
N ARG A 191 9.18 2.69 -9.94
CA ARG A 191 10.00 2.58 -8.73
C ARG A 191 11.39 2.09 -9.12
N VAL A 192 12.41 2.79 -8.64
CA VAL A 192 13.79 2.56 -9.04
C VAL A 192 14.61 2.18 -7.81
N VAL A 193 15.44 1.16 -7.94
CA VAL A 193 16.44 0.81 -6.94
C VAL A 193 17.81 0.84 -7.61
N VAL A 194 18.72 1.59 -7.03
CA VAL A 194 20.09 1.71 -7.53
C VAL A 194 21.01 1.04 -6.52
N LEU A 195 21.63 -0.06 -6.93
CA LEU A 195 22.58 -0.77 -6.09
C LEU A 195 23.99 -0.27 -6.43
N SER A 196 24.71 0.21 -5.42
CA SER A 196 26.10 0.60 -5.58
C SER A 196 26.99 -0.43 -4.93
N PHE A 197 27.98 -0.92 -5.69
CA PHE A 197 28.92 -1.92 -5.20
C PHE A 197 30.24 -1.23 -4.88
N GLU A 198 30.51 -1.05 -3.59
CA GLU A 198 31.66 -0.29 -3.12
C GLU A 198 32.82 -1.21 -2.82
N LEU A 199 33.97 -0.93 -3.44
CA LEU A 199 35.20 -1.68 -3.22
C LEU A 199 36.23 -0.74 -2.61
N LEU A 200 36.56 -0.95 -1.33
CA LEU A 200 37.58 -0.19 -0.64
C LEU A 200 38.76 -1.09 -0.31
N HIS A 201 39.83 -0.47 0.20
CA HIS A 201 41.01 -1.21 0.64
C HIS A 201 40.76 -1.67 2.08
N ALA A 202 39.87 -2.64 2.20
CA ALA A 202 39.37 -3.12 3.49
C ALA A 202 38.73 -4.48 3.27
N PRO A 203 38.53 -5.26 4.34
CA PRO A 203 37.90 -6.58 4.16
C PRO A 203 36.48 -6.46 3.62
N ALA A 204 36.16 -7.32 2.65
CA ALA A 204 34.83 -7.34 2.08
C ALA A 204 33.83 -7.92 3.08
N THR A 205 32.64 -7.30 3.13
CA THR A 205 31.61 -7.71 4.07
C THR A 205 30.32 -8.19 3.40
N VAL A 206 30.16 -7.99 2.10
CA VAL A 206 28.98 -8.46 1.37
C VAL A 206 29.44 -9.32 0.20
N CYS A 207 29.02 -10.59 0.22
CA CYS A 207 29.42 -11.60 -0.75
C CYS A 207 28.23 -12.44 -1.18
N GLY A 208 28.36 -13.04 -2.36
CA GLY A 208 27.41 -14.03 -2.80
C GLY A 208 27.51 -15.29 -1.98
N PRO A 209 26.59 -16.22 -2.23
CA PRO A 209 26.57 -17.51 -1.54
C PRO A 209 27.48 -18.55 -2.21
N THR B 15 -29.15 13.93 -4.60
CA THR B 15 -29.13 14.95 -3.57
C THR B 15 -29.46 14.32 -2.21
N ASN B 16 -29.98 13.10 -2.24
CA ASN B 16 -30.16 12.34 -1.01
C ASN B 16 -28.80 11.98 -0.43
N LEU B 17 -28.76 11.82 0.90
CA LEU B 17 -27.51 11.49 1.58
C LEU B 17 -27.29 9.99 1.56
N CYS B 18 -26.05 9.59 1.30
CA CYS B 18 -25.70 8.18 1.26
C CYS B 18 -25.88 7.56 2.64
N PRO B 19 -26.54 6.40 2.75
CA PRO B 19 -26.87 5.83 4.07
C PRO B 19 -25.69 5.13 4.72
N PHE B 20 -24.62 5.88 4.96
CA PHE B 20 -23.45 5.32 5.62
C PHE B 20 -23.72 4.95 7.07
N GLY B 21 -24.77 5.52 7.68
CA GLY B 21 -25.07 5.21 9.06
C GLY B 21 -25.50 3.77 9.27
N GLU B 22 -26.27 3.22 8.33
CA GLU B 22 -26.74 1.84 8.48
C GLU B 22 -25.58 0.86 8.45
N VAL B 23 -24.48 1.20 7.81
CA VAL B 23 -23.32 0.32 7.78
C VAL B 23 -22.47 0.50 9.03
N PHE B 24 -22.01 1.73 9.27
CA PHE B 24 -21.07 1.97 10.37
C PHE B 24 -21.74 1.78 11.73
N ASN B 25 -23.01 2.16 11.84
CA ASN B 25 -23.73 2.13 13.11
C ASN B 25 -24.65 0.93 13.24
N ALA B 26 -24.49 -0.09 12.39
CA ALA B 26 -25.31 -1.28 12.49
C ALA B 26 -25.07 -1.97 13.83
N THR B 27 -26.15 -2.52 14.40
CA THR B 27 -26.03 -3.19 15.69
C THR B 27 -25.23 -4.47 15.59
N ARG B 28 -25.52 -5.29 14.57
CA ARG B 28 -24.85 -6.56 14.37
C ARG B 28 -23.92 -6.48 13.16
N PHE B 29 -22.71 -6.99 13.32
CA PHE B 29 -21.75 -7.11 12.23
C PHE B 29 -21.60 -8.58 11.86
N ALA B 30 -21.18 -8.82 10.62
CA ALA B 30 -21.07 -10.18 10.11
C ALA B 30 -19.69 -10.77 10.40
N SER B 31 -19.64 -12.10 10.37
CA SER B 31 -18.35 -12.79 10.37
C SER B 31 -17.61 -12.48 9.08
N VAL B 32 -16.28 -12.47 9.16
CA VAL B 32 -15.48 -12.05 8.01
C VAL B 32 -15.62 -13.02 6.84
N TYR B 33 -15.81 -14.32 7.12
CA TYR B 33 -15.98 -15.27 6.03
C TYR B 33 -17.31 -15.06 5.31
N ALA B 34 -18.33 -14.58 6.02
CA ALA B 34 -19.61 -14.26 5.41
C ALA B 34 -19.81 -12.74 5.44
N TRP B 35 -18.87 -12.01 4.87
CA TRP B 35 -18.89 -10.55 4.99
C TRP B 35 -20.07 -9.94 4.26
N ASN B 36 -20.60 -8.86 4.83
CA ASN B 36 -21.74 -8.16 4.26
C ASN B 36 -21.29 -7.16 3.22
N ARG B 37 -22.18 -6.85 2.28
CA ARG B 37 -21.93 -5.86 1.25
C ARG B 37 -23.21 -5.06 1.01
N LYS B 38 -23.11 -3.74 1.13
CA LYS B 38 -24.19 -2.84 0.77
C LYS B 38 -23.78 -2.02 -0.44
N ARG B 39 -24.62 -2.03 -1.48
CA ARG B 39 -24.37 -1.28 -2.69
C ARG B 39 -25.01 0.10 -2.56
N ILE B 40 -24.22 1.14 -2.82
CA ILE B 40 -24.63 2.52 -2.56
C ILE B 40 -24.59 3.28 -3.88
N SER B 41 -25.70 3.96 -4.18
CA SER B 41 -25.81 4.67 -5.46
C SER B 41 -26.86 5.77 -5.34
N ASN B 42 -26.78 6.73 -6.26
CA ASN B 42 -27.74 7.83 -6.37
C ASN B 42 -27.87 8.61 -5.07
N CYS B 43 -26.73 9.08 -4.56
CA CYS B 43 -26.71 9.82 -3.30
C CYS B 43 -25.46 10.68 -3.25
N VAL B 44 -25.43 11.56 -2.25
CA VAL B 44 -24.31 12.46 -2.01
C VAL B 44 -23.60 12.00 -0.75
N ALA B 45 -22.31 11.71 -0.87
CA ALA B 45 -21.51 11.22 0.24
C ALA B 45 -20.50 12.29 0.64
N ASP B 46 -20.55 12.72 1.90
CA ASP B 46 -19.51 13.54 2.49
C ASP B 46 -18.58 12.60 3.25
N TYR B 47 -17.36 12.46 2.77
CA TYR B 47 -16.41 11.58 3.44
C TYR B 47 -15.61 12.28 4.52
N SER B 48 -15.86 13.57 4.76
CA SER B 48 -15.13 14.27 5.80
C SER B 48 -15.77 14.08 7.17
N VAL B 49 -17.07 13.76 7.24
CA VAL B 49 -17.65 13.40 8.53
C VAL B 49 -16.94 12.19 9.12
N LEU B 50 -16.50 11.27 8.27
CA LEU B 50 -15.85 10.05 8.73
C LEU B 50 -14.32 10.14 8.72
N TYR B 51 -13.73 10.85 7.76
CA TYR B 51 -12.27 10.91 7.72
C TYR B 51 -11.72 11.66 8.93
N ASN B 52 -12.34 12.78 9.28
CA ASN B 52 -11.94 13.52 10.47
C ASN B 52 -12.54 12.96 11.75
N SER B 53 -13.20 11.80 11.67
CA SER B 53 -13.77 11.16 12.84
C SER B 53 -12.66 10.50 13.65
N ALA B 54 -12.54 10.87 14.92
CA ALA B 54 -11.54 10.29 15.81
C ALA B 54 -11.94 8.93 16.35
N SER B 55 -13.11 8.42 15.97
CA SER B 55 -13.60 7.14 16.47
C SER B 55 -13.00 5.95 15.74
N PHE B 56 -12.10 6.17 14.79
CA PHE B 56 -11.59 5.11 13.91
C PHE B 56 -10.13 4.84 14.21
N SER B 57 -9.81 3.57 14.47
CA SER B 57 -8.42 3.18 14.71
C SER B 57 -7.63 3.19 13.41
N THR B 58 -8.26 2.79 12.31
CA THR B 58 -7.62 2.70 11.01
C THR B 58 -8.46 3.41 9.97
N PHE B 59 -7.80 4.18 9.10
CA PHE B 59 -8.48 4.84 7.99
C PHE B 59 -7.50 5.04 6.84
N LYS B 60 -7.23 3.98 6.10
CA LYS B 60 -6.26 3.99 5.01
C LYS B 60 -6.96 3.85 3.68
N CYS B 61 -6.70 4.79 2.77
CA CYS B 61 -7.28 4.78 1.45
C CYS B 61 -6.24 4.36 0.42
N TYR B 62 -6.70 3.77 -0.68
CA TYR B 62 -5.83 3.24 -1.72
C TYR B 62 -6.32 3.71 -3.07
N GLY B 63 -5.38 4.10 -3.93
CA GLY B 63 -5.72 4.56 -5.27
C GLY B 63 -6.49 5.86 -5.33
N VAL B 64 -6.61 6.57 -4.20
CA VAL B 64 -7.32 7.85 -4.16
C VAL B 64 -6.93 8.60 -2.90
N SER B 65 -6.61 9.89 -3.04
CA SER B 65 -6.28 10.70 -1.88
C SER B 65 -7.55 11.00 -1.09
N PRO B 66 -7.49 10.93 0.24
CA PRO B 66 -8.68 11.27 1.04
C PRO B 66 -9.11 12.73 0.88
N THR B 67 -8.15 13.63 0.66
CA THR B 67 -8.44 15.04 0.48
C THR B 67 -9.16 15.33 -0.83
N LYS B 68 -9.37 14.33 -1.67
CA LYS B 68 -10.06 14.52 -2.95
C LYS B 68 -11.39 13.81 -3.03
N LEU B 69 -11.77 13.04 -2.00
CA LEU B 69 -12.97 12.22 -2.07
C LEU B 69 -14.23 13.07 -2.22
N ASN B 70 -14.26 14.24 -1.59
CA ASN B 70 -15.42 15.11 -1.68
C ASN B 70 -15.55 15.78 -3.05
N ASP B 71 -14.54 15.66 -3.91
CA ASP B 71 -14.58 16.25 -5.24
C ASP B 71 -14.87 15.23 -6.34
N LEU B 72 -14.81 13.94 -6.04
CA LEU B 72 -14.90 12.91 -7.05
C LEU B 72 -16.30 12.31 -7.12
N CYS B 73 -16.63 11.78 -8.29
CA CYS B 73 -17.89 11.08 -8.54
C CYS B 73 -17.60 9.68 -9.02
N PHE B 74 -18.35 8.70 -8.52
CA PHE B 74 -18.13 7.31 -8.86
C PHE B 74 -19.44 6.67 -9.29
N THR B 75 -19.32 5.65 -10.15
CA THR B 75 -20.50 4.95 -10.65
C THR B 75 -21.28 4.30 -9.52
N ASN B 76 -20.59 3.52 -8.68
CA ASN B 76 -21.18 2.93 -7.50
C ASN B 76 -20.15 2.94 -6.37
N VAL B 77 -20.64 2.83 -5.15
CA VAL B 77 -19.79 2.66 -3.98
C VAL B 77 -20.31 1.45 -3.21
N TYR B 78 -19.42 0.54 -2.86
CA TYR B 78 -19.75 -0.64 -2.08
C TYR B 78 -19.14 -0.50 -0.69
N ALA B 79 -19.95 -0.80 0.33
CA ALA B 79 -19.51 -0.73 1.73
C ALA B 79 -19.59 -2.14 2.30
N ASP B 80 -18.43 -2.79 2.43
CA ASP B 80 -18.34 -4.13 2.99
C ASP B 80 -17.97 -4.02 4.47
N SER B 81 -18.57 -4.89 5.28
CA SER B 81 -18.39 -4.82 6.73
C SER B 81 -18.28 -6.22 7.32
N PHE B 82 -17.47 -6.34 8.36
CA PHE B 82 -17.23 -7.61 9.05
C PHE B 82 -16.44 -7.31 10.32
N VAL B 83 -16.13 -8.37 11.06
CA VAL B 83 -15.38 -8.27 12.32
C VAL B 83 -14.18 -9.22 12.23
N ILE B 84 -13.00 -8.72 12.61
CA ILE B 84 -11.78 -9.51 12.69
C ILE B 84 -11.05 -9.15 13.97
N ARG B 85 -9.87 -9.73 14.15
CA ARG B 85 -9.04 -9.43 15.30
C ARG B 85 -8.19 -8.18 15.05
N GLY B 86 -7.71 -7.59 16.13
CA GLY B 86 -6.96 -6.34 16.01
C GLY B 86 -5.70 -6.49 15.19
N ASP B 87 -4.92 -7.54 15.46
CA ASP B 87 -3.69 -7.77 14.71
C ASP B 87 -3.94 -8.33 13.32
N GLU B 88 -5.20 -8.50 12.92
CA GLU B 88 -5.54 -8.92 11.58
C GLU B 88 -5.98 -7.78 10.68
N VAL B 89 -6.10 -6.56 11.23
CA VAL B 89 -6.46 -5.39 10.42
C VAL B 89 -5.40 -5.17 9.34
N ARG B 90 -4.15 -5.53 9.62
CA ARG B 90 -3.06 -5.35 8.67
C ARG B 90 -3.32 -6.10 7.36
N GLN B 91 -4.10 -7.18 7.42
CA GLN B 91 -4.34 -8.00 6.24
C GLN B 91 -5.40 -7.44 5.31
N ILE B 92 -6.18 -6.46 5.76
CA ILE B 92 -7.24 -5.88 4.91
C ILE B 92 -6.58 -4.76 4.12
N ALA B 93 -5.81 -5.15 3.11
CA ALA B 93 -5.10 -4.23 2.23
C ALA B 93 -4.66 -5.00 1.00
N PRO B 94 -4.48 -4.32 -0.14
CA PRO B 94 -4.06 -5.03 -1.35
C PRO B 94 -2.68 -5.68 -1.18
N GLY B 95 -2.54 -6.87 -1.74
CA GLY B 95 -1.27 -7.57 -1.73
C GLY B 95 -0.91 -8.29 -0.44
N GLN B 96 -1.83 -8.36 0.52
CA GLN B 96 -1.53 -9.00 1.79
C GLN B 96 -1.69 -10.51 1.69
N THR B 97 -0.96 -11.22 2.55
CA THR B 97 -1.05 -12.67 2.68
C THR B 97 -1.52 -13.00 4.10
N GLY B 98 -1.90 -14.25 4.29
CA GLY B 98 -2.46 -14.71 5.54
C GLY B 98 -3.87 -15.25 5.37
N LYS B 99 -4.33 -15.93 6.42
CA LYS B 99 -5.61 -16.64 6.34
C LYS B 99 -6.77 -15.68 6.08
N ILE B 100 -6.71 -14.46 6.62
CA ILE B 100 -7.79 -13.51 6.40
C ILE B 100 -7.76 -12.97 4.98
N ALA B 101 -6.59 -12.49 4.56
CA ALA B 101 -6.48 -11.89 3.22
C ALA B 101 -6.66 -12.91 2.12
N ASP B 102 -6.32 -14.18 2.38
CA ASP B 102 -6.35 -15.19 1.34
C ASP B 102 -7.58 -16.08 1.38
N TYR B 103 -8.16 -16.33 2.56
CA TYR B 103 -9.27 -17.26 2.69
C TYR B 103 -10.60 -16.60 3.07
N ASN B 104 -10.60 -15.33 3.46
CA ASN B 104 -11.80 -14.69 3.98
C ASN B 104 -12.20 -13.44 3.20
N TYR B 105 -11.28 -12.50 3.01
CA TYR B 105 -11.59 -11.25 2.33
C TYR B 105 -10.33 -10.73 1.66
N LYS B 106 -10.34 -10.68 0.32
CA LYS B 106 -9.20 -10.23 -0.46
C LYS B 106 -9.57 -9.00 -1.27
N LEU B 107 -8.65 -8.05 -1.34
CA LEU B 107 -8.69 -6.82 -2.13
C LEU B 107 -7.78 -6.94 -3.34
N PRO B 108 -8.17 -6.39 -4.49
CA PRO B 108 -7.34 -6.49 -5.69
C PRO B 108 -6.16 -5.52 -5.63
N ASP B 109 -5.21 -5.77 -6.52
CA ASP B 109 -4.01 -4.93 -6.58
C ASP B 109 -4.35 -3.50 -6.98
N ASP B 110 -5.30 -3.34 -7.90
CA ASP B 110 -5.74 -2.01 -8.35
C ASP B 110 -6.86 -1.44 -7.50
N PHE B 111 -6.89 -1.77 -6.21
CA PHE B 111 -8.00 -1.39 -5.35
C PHE B 111 -8.08 0.12 -5.21
N THR B 112 -9.26 0.66 -5.48
CA THR B 112 -9.57 2.08 -5.27
C THR B 112 -10.62 2.15 -4.17
N GLY B 113 -10.19 2.52 -2.96
CA GLY B 113 -11.12 2.59 -1.86
C GLY B 113 -10.40 2.87 -0.55
N CYS B 114 -11.16 2.79 0.53
CA CYS B 114 -10.66 3.08 1.87
C CYS B 114 -11.03 1.95 2.81
N VAL B 115 -10.14 1.68 3.76
CA VAL B 115 -10.32 0.64 4.76
C VAL B 115 -10.42 1.31 6.12
N ILE B 116 -11.53 1.06 6.83
CA ILE B 116 -11.83 1.73 8.09
C ILE B 116 -12.06 0.67 9.15
N ALA B 117 -11.45 0.85 10.32
CA ALA B 117 -11.57 -0.10 11.42
C ALA B 117 -11.57 0.64 12.75
N TRP B 118 -12.26 0.05 13.73
CA TRP B 118 -12.27 0.59 15.08
C TRP B 118 -12.49 -0.55 16.07
N ASN B 119 -11.97 -0.35 17.28
CA ASN B 119 -12.07 -1.37 18.32
C ASN B 119 -13.53 -1.52 18.76
N SER B 120 -13.99 -2.77 18.82
CA SER B 120 -15.36 -3.09 19.23
C SER B 120 -15.37 -4.09 20.37
N ASN B 121 -14.44 -3.92 21.32
CA ASN B 121 -14.40 -4.80 22.48
C ASN B 121 -15.66 -4.64 23.33
N ASN B 122 -16.15 -3.42 23.48
CA ASN B 122 -17.30 -3.16 24.33
C ASN B 122 -18.58 -3.79 23.77
N LEU B 123 -18.64 -4.08 22.48
CA LEU B 123 -19.84 -4.61 21.85
C LEU B 123 -19.74 -6.07 21.46
N ASP B 124 -18.57 -6.54 21.02
CA ASP B 124 -18.44 -7.84 20.41
C ASP B 124 -17.75 -8.87 21.30
N SER B 125 -17.31 -8.49 22.49
CA SER B 125 -16.75 -9.43 23.44
C SER B 125 -17.78 -9.82 24.49
N LYS B 126 -17.55 -10.97 25.12
CA LYS B 126 -18.44 -11.46 26.15
C LYS B 126 -17.61 -12.20 27.20
N VAL B 127 -17.99 -12.03 28.47
CA VAL B 127 -17.33 -12.76 29.54
C VAL B 127 -17.59 -14.24 29.34
N GLY B 128 -16.51 -15.03 29.25
CA GLY B 128 -16.58 -16.42 28.89
C GLY B 128 -16.28 -16.66 27.41
N GLY B 129 -16.56 -15.70 26.56
CA GLY B 129 -16.20 -15.80 25.14
C GLY B 129 -17.39 -15.64 24.22
N ASN B 130 -17.20 -14.84 23.18
CA ASN B 130 -18.16 -14.70 22.09
C ASN B 130 -17.70 -15.59 20.94
N TYR B 131 -18.44 -16.66 20.69
CA TYR B 131 -18.06 -17.64 19.68
C TYR B 131 -18.92 -17.54 18.42
N ASN B 132 -19.60 -16.42 18.22
CA ASN B 132 -20.45 -16.24 17.04
C ASN B 132 -19.69 -15.74 15.84
N TYR B 133 -18.58 -15.02 16.04
CA TYR B 133 -17.78 -14.53 14.93
C TYR B 133 -16.82 -15.61 14.46
N LEU B 134 -16.84 -15.91 13.17
CA LEU B 134 -16.07 -17.00 12.59
C LEU B 134 -15.16 -16.49 11.50
N TYR B 135 -14.14 -17.29 11.20
CA TYR B 135 -13.24 -17.06 10.07
C TYR B 135 -12.92 -18.38 9.42
N ARG B 136 -12.60 -18.34 8.13
CA ARG B 136 -12.16 -19.53 7.42
C ARG B 136 -10.68 -19.76 7.65
N LEU B 137 -10.33 -20.96 8.10
CA LEU B 137 -8.94 -21.31 8.39
C LEU B 137 -8.27 -22.06 7.25
N PHE B 138 -9.01 -22.88 6.51
CA PHE B 138 -8.46 -23.70 5.45
C PHE B 138 -9.20 -23.45 4.15
N ARG B 139 -8.49 -23.60 3.04
CA ARG B 139 -9.07 -23.51 1.71
C ARG B 139 -8.07 -24.06 0.70
N LYS B 140 -8.57 -24.77 -0.30
CA LYS B 140 -7.70 -25.37 -1.30
C LYS B 140 -6.97 -24.34 -2.14
N SER B 141 -7.48 -23.12 -2.24
CA SER B 141 -6.84 -22.07 -3.02
C SER B 141 -7.28 -20.72 -2.48
N ASN B 142 -6.56 -19.69 -2.89
CA ASN B 142 -6.86 -18.34 -2.44
C ASN B 142 -8.17 -17.85 -3.05
N LEU B 143 -8.85 -16.96 -2.31
CA LEU B 143 -10.02 -16.29 -2.85
C LEU B 143 -9.63 -15.39 -4.02
N LYS B 144 -10.59 -15.13 -4.89
CA LYS B 144 -10.47 -14.04 -5.83
C LYS B 144 -10.83 -12.74 -5.12
N PRO B 145 -10.36 -11.60 -5.62
CA PRO B 145 -10.74 -10.32 -5.01
C PRO B 145 -12.26 -10.17 -4.96
N PHE B 146 -12.75 -9.76 -3.78
CA PHE B 146 -14.18 -9.55 -3.54
C PHE B 146 -15.00 -10.84 -3.67
N GLU B 147 -14.37 -11.99 -3.43
CA GLU B 147 -15.09 -13.25 -3.39
C GLU B 147 -15.58 -13.54 -1.98
N ARG B 148 -16.79 -14.08 -1.87
CA ARG B 148 -17.41 -14.41 -0.60
C ARG B 148 -17.69 -15.91 -0.58
N ASP B 149 -17.00 -16.64 0.29
CA ASP B 149 -17.10 -18.10 0.36
C ASP B 149 -17.70 -18.48 1.69
N ILE B 150 -18.87 -19.13 1.65
CA ILE B 150 -19.58 -19.56 2.85
C ILE B 150 -19.75 -21.08 2.91
N SER B 151 -19.03 -21.81 2.08
CA SER B 151 -19.14 -23.26 2.11
C SER B 151 -18.58 -23.82 3.41
N THR B 152 -19.03 -25.02 3.76
CA THR B 152 -18.59 -25.71 4.98
C THR B 152 -18.13 -27.13 4.67
N GLU B 153 -17.58 -27.34 3.48
CA GLU B 153 -17.07 -28.66 3.13
C GLU B 153 -15.86 -29.02 3.98
N ILE B 154 -15.76 -30.30 4.34
CA ILE B 154 -14.65 -30.77 5.17
C ILE B 154 -13.36 -30.64 4.38
N TYR B 155 -12.34 -30.05 5.01
CA TYR B 155 -11.09 -29.75 4.33
C TYR B 155 -10.11 -30.91 4.43
N GLN B 156 -9.45 -31.22 3.33
CA GLN B 156 -8.47 -32.30 3.26
C GLN B 156 -7.08 -31.70 3.46
N ALA B 157 -6.56 -31.81 4.68
CA ALA B 157 -5.24 -31.34 5.02
C ALA B 157 -4.21 -32.46 5.04
N GLY B 158 -4.54 -33.62 4.48
CA GLY B 158 -3.64 -34.76 4.54
C GLY B 158 -3.68 -35.66 3.33
N SER B 159 -3.05 -36.84 3.44
CA SER B 159 -2.97 -37.76 2.31
C SER B 159 -4.33 -38.36 1.98
N THR B 160 -5.13 -38.66 3.00
CA THR B 160 -6.38 -39.40 2.87
C THR B 160 -7.53 -38.46 2.53
N PRO B 161 -8.40 -38.84 1.59
CA PRO B 161 -9.63 -38.08 1.36
C PRO B 161 -10.52 -38.07 2.60
N CYS B 162 -11.50 -37.17 2.59
CA CYS B 162 -12.37 -36.98 3.74
C CYS B 162 -13.80 -37.48 3.53
N ASN B 163 -14.29 -37.47 2.29
CA ASN B 163 -15.65 -37.90 1.97
C ASN B 163 -16.69 -37.10 2.77
N GLY B 164 -16.42 -35.81 2.96
CA GLY B 164 -17.33 -34.95 3.67
C GLY B 164 -17.51 -35.28 5.14
N VAL B 165 -16.57 -36.00 5.74
CA VAL B 165 -16.64 -36.41 7.13
C VAL B 165 -15.33 -36.06 7.81
N GLU B 166 -15.43 -35.56 9.04
CA GLU B 166 -14.23 -35.21 9.81
C GLU B 166 -13.47 -36.46 10.22
N GLY B 167 -12.15 -36.39 10.10
CA GLY B 167 -11.27 -37.44 10.56
C GLY B 167 -9.92 -36.85 10.85
N PHE B 168 -8.91 -37.71 10.96
CA PHE B 168 -7.56 -37.22 11.16
C PHE B 168 -7.11 -36.41 9.94
N ASN B 169 -6.72 -35.16 10.19
CA ASN B 169 -6.31 -34.23 9.12
C ASN B 169 -7.44 -34.03 8.10
N CYS B 170 -8.68 -33.98 8.60
CA CYS B 170 -9.86 -33.63 7.79
C CYS B 170 -10.70 -32.70 8.66
N TYR B 171 -10.49 -31.40 8.49
CA TYR B 171 -10.99 -30.39 9.41
C TYR B 171 -12.23 -29.69 8.90
N PHE B 172 -13.06 -29.24 9.82
CA PHE B 172 -14.07 -28.24 9.50
C PHE B 172 -13.35 -26.95 9.13
N PRO B 173 -13.75 -26.28 8.04
CA PRO B 173 -12.95 -25.15 7.55
C PRO B 173 -13.09 -23.87 8.37
N LEU B 174 -14.14 -23.72 9.16
CA LEU B 174 -14.37 -22.49 9.92
C LEU B 174 -13.95 -22.67 11.37
N GLN B 175 -13.49 -21.57 11.96
CA GLN B 175 -13.13 -21.52 13.37
C GLN B 175 -13.71 -20.25 14.00
N SER B 176 -13.83 -20.26 15.31
CA SER B 176 -14.39 -19.13 16.05
C SER B 176 -13.27 -18.32 16.70
N TYR B 177 -13.56 -17.04 16.95
CA TYR B 177 -12.56 -16.13 17.51
C TYR B 177 -12.49 -16.22 19.02
N GLY B 178 -13.63 -16.42 19.69
CA GLY B 178 -13.66 -16.48 21.14
C GLY B 178 -13.27 -15.17 21.79
N PHE B 179 -13.93 -14.09 21.40
CA PHE B 179 -13.58 -12.76 21.91
C PHE B 179 -13.94 -12.64 23.39
N GLN B 180 -12.95 -12.35 24.22
CA GLN B 180 -13.14 -12.09 25.63
C GLN B 180 -12.66 -10.69 25.97
N PRO B 181 -13.35 -9.97 26.86
CA PRO B 181 -12.98 -8.57 27.12
C PRO B 181 -11.61 -8.41 27.76
N THR B 182 -11.04 -9.48 28.31
CA THR B 182 -9.73 -9.42 28.95
C THR B 182 -8.58 -9.73 28.00
N ASN B 183 -8.88 -10.04 26.74
CA ASN B 183 -7.83 -10.36 25.77
C ASN B 183 -6.93 -9.14 25.54
N GLY B 184 -5.70 -9.42 25.11
CA GLY B 184 -4.86 -8.36 24.58
C GLY B 184 -5.50 -7.74 23.36
N VAL B 185 -5.16 -6.46 23.13
CA VAL B 185 -5.84 -5.69 22.08
C VAL B 185 -5.67 -6.35 20.71
N GLY B 186 -4.53 -7.00 20.48
CA GLY B 186 -4.33 -7.73 19.24
C GLY B 186 -5.34 -8.86 19.04
N TYR B 187 -5.88 -9.40 20.14
CA TYR B 187 -6.87 -10.46 20.08
C TYR B 187 -8.29 -9.95 20.32
N GLN B 188 -8.46 -8.62 20.44
CA GLN B 188 -9.76 -8.01 20.64
C GLN B 188 -10.47 -7.82 19.29
N PRO B 189 -11.80 -7.79 19.29
CA PRO B 189 -12.53 -7.65 18.03
C PRO B 189 -12.53 -6.21 17.51
N TYR B 190 -12.40 -6.09 16.20
CA TYR B 190 -12.47 -4.80 15.51
C TYR B 190 -13.49 -4.88 14.40
N ARG B 191 -14.31 -3.83 14.29
CA ARG B 191 -15.29 -3.74 13.21
C ARG B 191 -14.67 -3.00 12.03
N VAL B 192 -14.74 -3.61 10.85
CA VAL B 192 -14.07 -3.10 9.66
C VAL B 192 -15.12 -2.77 8.60
N VAL B 193 -14.96 -1.62 7.96
CA VAL B 193 -15.80 -1.21 6.84
C VAL B 193 -14.88 -0.88 5.67
N VAL B 194 -15.08 -1.55 4.54
CA VAL B 194 -14.29 -1.33 3.34
C VAL B 194 -15.18 -0.63 2.32
N LEU B 195 -14.75 0.55 1.88
CA LEU B 195 -15.44 1.29 0.83
C LEU B 195 -14.73 1.05 -0.49
N SER B 196 -15.50 0.66 -1.51
CA SER B 196 -14.99 0.50 -2.87
C SER B 196 -15.56 1.61 -3.73
N PHE B 197 -14.70 2.27 -4.50
CA PHE B 197 -15.10 3.33 -5.42
C PHE B 197 -14.96 2.79 -6.85
N GLU B 198 -16.09 2.43 -7.45
CA GLU B 198 -16.11 1.77 -8.75
C GLU B 198 -16.34 2.79 -9.85
N LEU B 199 -15.54 2.70 -10.91
CA LEU B 199 -15.65 3.58 -12.08
C LEU B 199 -15.91 2.71 -13.32
N LEU B 200 -17.12 2.80 -13.86
CA LEU B 200 -17.47 2.14 -15.10
C LEU B 200 -17.68 3.18 -16.18
N HIS B 201 -17.89 2.70 -17.40
CA HIS B 201 -18.25 3.56 -18.53
C HIS B 201 -19.75 3.83 -18.51
N ALA B 202 -20.21 4.38 -17.38
CA ALA B 202 -21.61 4.60 -17.11
C ALA B 202 -21.75 5.86 -16.28
N PRO B 203 -22.93 6.49 -16.26
CA PRO B 203 -23.09 7.74 -15.50
C PRO B 203 -22.78 7.56 -14.02
N ALA B 204 -22.10 8.55 -13.46
CA ALA B 204 -21.73 8.52 -12.05
C ALA B 204 -22.93 8.86 -11.18
N THR B 205 -23.14 8.07 -10.12
CA THR B 205 -24.30 8.23 -9.26
C THR B 205 -23.98 8.60 -7.81
N VAL B 206 -22.74 8.43 -7.36
CA VAL B 206 -22.34 8.79 -6.01
C VAL B 206 -21.29 9.88 -6.12
N CYS B 207 -21.63 11.08 -5.66
CA CYS B 207 -20.74 12.24 -5.71
C CYS B 207 -20.52 12.80 -4.32
N GLY B 208 -19.41 13.51 -4.16
CA GLY B 208 -19.18 14.29 -2.98
C GLY B 208 -20.00 15.56 -3.02
N PRO B 209 -20.04 16.31 -1.90
CA PRO B 209 -20.83 17.54 -1.88
C PRO B 209 -20.32 18.59 -2.86
N LYS B 210 -19.03 18.57 -3.20
CA LYS B 210 -18.47 19.51 -4.15
C LYS B 210 -18.38 18.90 -5.55
N GLN C 1 1.61 14.41 -18.20
CA GLN C 1 1.21 15.32 -19.27
C GLN C 1 0.51 16.54 -18.68
N VAL C 2 1.20 17.69 -18.69
CA VAL C 2 0.57 18.92 -18.21
C VAL C 2 -0.61 19.25 -19.12
N GLN C 3 -1.70 19.70 -18.51
CA GLN C 3 -2.91 19.98 -19.27
C GLN C 3 -3.77 20.96 -18.49
N LEU C 4 -4.39 21.89 -19.21
CA LEU C 4 -5.32 22.86 -18.65
C LEU C 4 -6.65 22.76 -19.38
N VAL C 5 -7.73 22.63 -18.63
CA VAL C 5 -9.08 22.53 -19.18
C VAL C 5 -9.91 23.65 -18.57
N GLN C 6 -10.46 24.50 -19.43
CA GLN C 6 -11.19 25.69 -18.99
C GLN C 6 -12.69 25.43 -19.00
N SER C 7 -13.40 26.18 -18.17
CA SER C 7 -14.85 26.06 -18.06
C SER C 7 -15.42 27.40 -17.63
N GLY C 8 -16.72 27.55 -17.82
CA GLY C 8 -17.40 28.79 -17.48
C GLY C 8 -17.48 29.76 -18.64
N GLY C 9 -17.78 31.01 -18.31
CA GLY C 9 -17.88 32.06 -19.30
C GLY C 9 -19.28 32.23 -19.86
N GLY C 10 -19.36 32.72 -21.10
CA GLY C 10 -20.65 32.90 -21.75
C GLY C 10 -21.06 34.35 -21.90
N LEU C 11 -22.37 34.57 -21.97
CA LEU C 11 -22.94 35.89 -22.19
C LEU C 11 -23.34 36.53 -20.87
N ILE C 12 -23.08 37.84 -20.75
CA ILE C 12 -23.39 38.58 -19.53
C ILE C 12 -23.66 40.03 -19.90
N GLN C 13 -24.49 40.69 -19.10
CA GLN C 13 -24.82 42.10 -19.32
C GLN C 13 -23.75 42.99 -18.70
N PRO C 14 -23.61 44.22 -19.19
CA PRO C 14 -22.68 45.17 -18.55
C PRO C 14 -23.02 45.36 -17.08
N GLY C 15 -21.98 45.35 -16.25
CA GLY C 15 -22.15 45.40 -14.82
C GLY C 15 -22.33 44.06 -14.15
N GLY C 16 -22.52 42.99 -14.91
CA GLY C 16 -22.68 41.67 -14.35
C GLY C 16 -21.35 41.05 -13.95
N SER C 17 -21.43 39.80 -13.48
CA SER C 17 -20.27 39.08 -13.00
C SER C 17 -20.24 37.68 -13.60
N LEU C 18 -19.03 37.20 -13.87
CA LEU C 18 -18.81 35.85 -14.37
C LEU C 18 -17.65 35.22 -13.61
N ARG C 19 -17.65 33.89 -13.54
CA ARG C 19 -16.62 33.13 -12.85
C ARG C 19 -16.03 32.13 -13.84
N LEU C 20 -14.76 32.31 -14.17
CA LEU C 20 -14.04 31.40 -15.05
C LEU C 20 -13.24 30.42 -14.22
N SER C 21 -13.18 29.16 -14.67
CA SER C 21 -12.42 28.13 -13.98
C SER C 21 -11.39 27.54 -14.91
N CYS C 22 -10.31 27.03 -14.32
CA CYS C 22 -9.21 26.44 -15.09
C CYS C 22 -8.64 25.28 -14.28
N ALA C 23 -8.93 24.05 -14.71
CA ALA C 23 -8.50 22.86 -14.01
C ALA C 23 -7.22 22.32 -14.64
N ALA C 24 -6.27 21.95 -13.80
CA ALA C 24 -4.96 21.47 -14.25
C ALA C 24 -4.77 20.01 -13.88
N SER C 25 -3.93 19.33 -14.66
CA SER C 25 -3.46 18.00 -14.36
C SER C 25 -2.01 17.87 -14.80
N GLY C 26 -1.31 16.90 -14.23
CA GLY C 26 0.10 16.72 -14.53
C GLY C 26 1.03 17.66 -13.80
N PHE C 27 0.51 18.64 -13.06
CA PHE C 27 1.33 19.52 -12.24
C PHE C 27 0.43 20.14 -11.18
N THR C 28 1.06 20.72 -10.16
CA THR C 28 0.35 21.29 -9.02
C THR C 28 0.27 22.80 -9.18
N VAL C 29 -0.97 23.32 -9.23
CA VAL C 29 -1.17 24.76 -9.39
C VAL C 29 -0.53 25.52 -8.24
N SER C 30 -0.77 25.07 -7.00
CA SER C 30 -0.23 25.73 -5.82
C SER C 30 1.29 25.61 -5.71
N LEU C 31 1.95 24.97 -6.67
CA LEU C 31 3.40 24.97 -6.76
C LEU C 31 3.91 25.74 -7.97
N SER C 32 3.01 26.36 -8.73
CA SER C 32 3.35 26.99 -10.00
C SER C 32 2.82 28.42 -10.03
N HIS C 33 3.14 29.12 -11.12
CA HIS C 33 2.60 30.44 -11.40
C HIS C 33 1.65 30.33 -12.60
N MET C 34 0.46 30.91 -12.48
CA MET C 34 -0.57 30.78 -13.48
C MET C 34 -1.02 32.16 -13.97
N ASN C 35 -1.20 32.27 -15.28
CA ASN C 35 -1.67 33.50 -15.91
C ASN C 35 -3.12 33.35 -16.36
N TRP C 36 -3.79 34.49 -16.46
CA TRP C 36 -4.96 34.65 -17.31
C TRP C 36 -4.60 35.63 -18.40
N VAL C 37 -4.93 35.27 -19.65
CA VAL C 37 -4.67 36.09 -20.81
C VAL C 37 -5.94 36.15 -21.64
N ARG C 38 -6.23 37.32 -22.21
CA ARG C 38 -7.45 37.50 -22.98
C ARG C 38 -7.12 38.07 -24.36
N GLN C 39 -8.02 37.80 -25.29
CA GLN C 39 -7.85 38.19 -26.70
C GLN C 39 -9.19 38.66 -27.22
N ALA C 40 -9.34 39.98 -27.39
CA ALA C 40 -10.55 40.54 -27.96
C ALA C 40 -10.72 40.06 -29.40
N PRO C 41 -11.95 40.03 -29.90
CA PRO C 41 -12.18 39.55 -31.27
C PRO C 41 -11.34 40.29 -32.29
N GLY C 42 -10.48 39.54 -32.98
CA GLY C 42 -9.63 40.11 -34.01
C GLY C 42 -8.42 40.86 -33.51
N LYS C 43 -8.16 40.87 -32.21
CA LYS C 43 -7.07 41.63 -31.63
C LYS C 43 -5.96 40.68 -31.17
N GLY C 44 -4.97 41.25 -30.49
CA GLY C 44 -3.84 40.50 -29.97
C GLY C 44 -4.05 40.00 -28.56
N LEU C 45 -2.96 39.60 -27.94
CA LEU C 45 -2.98 38.99 -26.60
C LEU C 45 -2.70 40.05 -25.54
N GLU C 46 -3.52 40.05 -24.49
CA GLU C 46 -3.35 40.97 -23.37
C GLU C 46 -3.27 40.16 -22.08
N TRP C 47 -2.18 40.34 -21.34
CA TRP C 47 -2.01 39.65 -20.07
C TRP C 47 -2.95 40.25 -19.02
N VAL C 48 -3.64 39.39 -18.27
CA VAL C 48 -4.66 39.81 -17.32
C VAL C 48 -4.14 39.75 -15.89
N SER C 49 -3.60 38.60 -15.49
CA SER C 49 -3.20 38.41 -14.10
C SER C 49 -2.17 37.29 -14.02
N ILE C 50 -1.48 37.23 -12.89
CA ILE C 50 -0.59 36.12 -12.56
C ILE C 50 -0.85 35.75 -11.10
N THR C 51 -0.84 34.45 -10.82
CA THR C 51 -1.11 33.93 -9.47
C THR C 51 0.01 32.98 -9.09
N TYR C 52 0.72 33.31 -8.01
CA TYR C 52 1.85 32.51 -7.57
C TYR C 52 1.38 31.34 -6.72
N GLY C 53 2.33 30.52 -6.27
CA GLY C 53 1.99 29.31 -5.56
C GLY C 53 1.30 29.55 -4.23
N ASP C 54 1.59 30.69 -3.60
CA ASP C 54 1.00 30.99 -2.30
C ASP C 54 -0.44 31.51 -2.39
N GLY C 55 -0.95 31.75 -3.60
CA GLY C 55 -2.29 32.25 -3.79
C GLY C 55 -2.40 33.73 -4.04
N ASN C 56 -1.32 34.49 -3.80
CA ASN C 56 -1.34 35.92 -4.07
C ASN C 56 -1.20 36.18 -5.57
N SER C 57 -1.69 37.33 -6.00
CA SER C 57 -1.79 37.64 -7.42
C SER C 57 -1.38 39.06 -7.71
N ASP C 58 -0.97 39.28 -8.96
CA ASP C 58 -0.73 40.60 -9.52
C ASP C 58 -1.58 40.75 -10.77
N TYR C 59 -2.09 41.96 -11.01
CA TYR C 59 -3.06 42.19 -12.06
C TYR C 59 -2.60 43.32 -12.98
N ALA C 60 -3.04 43.24 -14.23
CA ALA C 60 -2.88 44.36 -15.14
C ALA C 60 -3.78 45.51 -14.70
N ASP C 61 -3.36 46.73 -15.04
CA ASP C 61 -4.10 47.91 -14.61
C ASP C 61 -5.52 47.92 -15.16
N SER C 62 -5.73 47.35 -16.35
CA SER C 62 -7.04 47.39 -17.00
C SER C 62 -8.10 46.59 -16.26
N VAL C 63 -7.72 45.72 -15.32
CA VAL C 63 -8.67 44.87 -14.61
C VAL C 63 -8.53 44.96 -13.09
N LYS C 64 -7.62 45.77 -12.57
CA LYS C 64 -7.41 45.80 -11.13
C LYS C 64 -8.60 46.42 -10.41
N GLY C 65 -8.96 45.84 -9.28
CA GLY C 65 -10.14 46.23 -8.55
C GLY C 65 -11.42 45.54 -8.99
N ARG C 66 -11.42 44.89 -10.14
CA ARG C 66 -12.60 44.21 -10.67
C ARG C 66 -12.44 42.70 -10.77
N PHE C 67 -11.25 42.22 -11.10
CA PHE C 67 -10.98 40.80 -11.25
C PHE C 67 -10.23 40.29 -10.03
N THR C 68 -10.59 39.10 -9.56
CA THR C 68 -9.92 38.47 -8.43
C THR C 68 -9.73 36.99 -8.71
N ILE C 69 -8.61 36.45 -8.25
CA ILE C 69 -8.26 35.05 -8.44
C ILE C 69 -8.40 34.32 -7.12
N SER C 70 -9.09 33.19 -7.14
CA SER C 70 -9.13 32.25 -6.03
C SER C 70 -8.70 30.88 -6.53
N ARG C 71 -8.55 29.94 -5.61
CA ARG C 71 -7.99 28.63 -5.96
C ARG C 71 -8.60 27.55 -5.07
N ASP C 72 -8.69 26.35 -5.63
CA ASP C 72 -9.08 25.15 -4.89
C ASP C 72 -7.93 24.15 -5.06
N ASN C 73 -7.13 23.99 -4.00
CA ASN C 73 -5.96 23.14 -4.08
C ASN C 73 -6.33 21.68 -4.32
N SER C 74 -7.35 21.18 -3.62
CA SER C 74 -7.74 19.79 -3.76
C SER C 74 -8.23 19.48 -5.17
N LYS C 75 -8.92 20.43 -5.80
CA LYS C 75 -9.38 20.29 -7.17
C LYS C 75 -8.34 20.73 -8.18
N ASN C 76 -7.20 21.24 -7.73
CA ASN C 76 -6.13 21.73 -8.61
C ASN C 76 -6.69 22.69 -9.67
N THR C 77 -7.54 23.61 -9.21
CA THR C 77 -8.31 24.47 -10.10
C THR C 77 -8.12 25.93 -9.69
N LEU C 78 -7.96 26.80 -10.69
CA LEU C 78 -7.85 28.23 -10.50
C LEU C 78 -9.11 28.90 -11.03
N TYR C 79 -9.58 29.92 -10.31
CA TYR C 79 -10.80 30.63 -10.67
C TYR C 79 -10.52 32.11 -10.87
N LEU C 80 -11.10 32.67 -11.93
CA LEU C 80 -11.03 34.10 -12.20
C LEU C 80 -12.43 34.68 -12.02
N GLN C 81 -12.62 35.47 -10.97
CA GLN C 81 -13.90 36.11 -10.70
C GLN C 81 -13.87 37.51 -11.32
N MET C 82 -14.72 37.73 -12.32
CA MET C 82 -14.79 38.99 -13.04
C MET C 82 -16.06 39.72 -12.63
N ASN C 83 -15.90 40.87 -11.97
CA ASN C 83 -17.01 41.71 -11.56
C ASN C 83 -17.02 43.00 -12.35
N SER C 84 -18.19 43.66 -12.35
CA SER C 84 -18.37 44.96 -13.00
C SER C 84 -17.89 44.95 -14.44
N LEU C 85 -18.40 43.97 -15.20
CA LEU C 85 -17.92 43.76 -16.56
C LEU C 85 -18.43 44.84 -17.51
N ARG C 86 -17.58 45.19 -18.47
CA ARG C 86 -17.91 46.16 -19.51
C ARG C 86 -17.76 45.49 -20.88
N ALA C 87 -18.31 46.15 -21.91
CA ALA C 87 -18.26 45.59 -23.25
C ALA C 87 -16.82 45.42 -23.74
N GLU C 88 -15.91 46.28 -23.27
CA GLU C 88 -14.50 46.16 -23.63
C GLU C 88 -13.84 44.92 -23.05
N ASP C 89 -14.48 44.26 -22.08
CA ASP C 89 -13.97 43.00 -21.55
C ASP C 89 -14.35 41.80 -22.40
N THR C 90 -15.09 42.01 -23.49
CA THR C 90 -15.43 40.92 -24.39
C THR C 90 -14.17 40.37 -25.05
N ALA C 91 -13.94 39.07 -24.88
CA ALA C 91 -12.72 38.44 -25.39
C ALA C 91 -12.81 36.94 -25.14
N VAL C 92 -11.90 36.21 -25.77
CA VAL C 92 -11.62 34.84 -25.37
C VAL C 92 -10.59 34.89 -24.24
N TYR C 93 -10.87 34.19 -23.16
CA TYR C 93 -10.02 34.19 -21.97
C TYR C 93 -9.30 32.86 -21.85
N TYR C 94 -7.98 32.92 -21.74
CA TYR C 94 -7.14 31.74 -21.56
C TYR C 94 -6.53 31.73 -20.18
N CYS C 95 -6.31 30.54 -19.65
CA CYS C 95 -5.38 30.33 -18.55
C CYS C 95 -4.13 29.66 -19.11
N ALA C 96 -2.97 30.04 -18.60
CA ALA C 96 -1.71 29.50 -19.09
C ALA C 96 -0.69 29.56 -17.96
N ARG C 97 0.15 28.53 -17.89
CA ARG C 97 1.17 28.47 -16.85
C ARG C 97 2.32 29.41 -17.19
N GLU C 98 2.77 30.18 -16.21
CA GLU C 98 3.99 30.95 -16.33
C GLU C 98 5.16 30.02 -15.98
N TYR C 99 5.58 29.23 -16.96
CA TYR C 99 6.84 28.53 -16.82
C TYR C 99 7.98 29.54 -16.79
N TYR C 100 9.14 29.12 -16.30
CA TYR C 100 10.23 30.07 -16.12
C TYR C 100 10.80 30.59 -17.43
N TYR C 101 10.46 29.96 -18.57
CA TYR C 101 10.88 30.50 -19.87
C TYR C 101 9.69 30.80 -20.78
N GLY C 102 8.50 31.01 -20.22
CA GLY C 102 7.36 31.39 -21.04
C GLY C 102 6.08 30.64 -20.72
N MET C 103 5.01 30.94 -21.43
CA MET C 103 3.72 30.28 -21.21
C MET C 103 3.70 29.00 -22.03
N ASP C 104 4.05 27.88 -21.40
CA ASP C 104 4.28 26.64 -22.11
C ASP C 104 3.01 25.83 -22.37
N VAL C 105 2.03 25.87 -21.48
CA VAL C 105 0.80 25.12 -21.63
C VAL C 105 -0.38 26.06 -21.43
N TRP C 106 -1.38 25.93 -22.30
CA TRP C 106 -2.54 26.83 -22.32
C TRP C 106 -3.82 26.04 -22.22
N GLY C 107 -4.83 26.66 -21.60
CA GLY C 107 -6.18 26.16 -21.70
C GLY C 107 -6.75 26.41 -23.08
N GLN C 108 -7.87 25.74 -23.38
CA GLN C 108 -8.44 25.82 -24.71
C GLN C 108 -9.12 27.16 -24.99
N GLY C 109 -9.40 27.95 -23.97
CA GLY C 109 -10.00 29.24 -24.19
C GLY C 109 -11.48 29.26 -23.85
N THR C 110 -11.95 30.40 -23.35
CA THR C 110 -13.34 30.57 -22.92
C THR C 110 -13.86 31.90 -23.45
N THR C 111 -14.92 31.84 -24.24
CA THR C 111 -15.52 33.05 -24.81
C THR C 111 -16.35 33.77 -23.75
N VAL C 112 -16.11 35.07 -23.60
CA VAL C 112 -16.90 35.93 -22.73
C VAL C 112 -17.42 37.08 -23.57
N THR C 113 -18.74 37.22 -23.64
CA THR C 113 -19.39 38.27 -24.40
C THR C 113 -20.18 39.15 -23.44
N VAL C 114 -19.73 40.39 -23.28
CA VAL C 114 -20.40 41.37 -22.44
C VAL C 114 -21.23 42.26 -23.34
N SER C 115 -22.55 42.18 -23.21
CA SER C 115 -23.46 42.90 -24.09
C SER C 115 -24.83 42.97 -23.45
N SER C 116 -25.58 44.01 -23.79
CA SER C 116 -26.97 44.14 -23.39
C SER C 116 -27.94 43.72 -24.48
N ALA C 117 -27.43 43.24 -25.61
CA ALA C 117 -28.30 42.79 -26.69
C ALA C 117 -29.03 41.51 -26.30
N SER C 118 -30.24 41.35 -26.83
CA SER C 118 -31.05 40.19 -26.57
C SER C 118 -30.79 39.10 -27.61
N THR C 119 -30.86 37.85 -27.16
CA THR C 119 -30.69 36.72 -28.06
C THR C 119 -31.79 36.74 -29.13
N LYS C 120 -31.37 36.68 -30.39
CA LYS C 120 -32.28 37.00 -31.49
C LYS C 120 -31.83 36.27 -32.75
N GLY C 121 -32.77 35.63 -33.44
CA GLY C 121 -32.50 34.98 -34.70
C GLY C 121 -32.40 35.97 -35.85
N PRO C 122 -31.67 35.60 -36.90
CA PRO C 122 -31.40 36.54 -37.97
C PRO C 122 -32.52 36.62 -39.01
N SER C 123 -32.58 37.76 -39.68
CA SER C 123 -33.33 37.90 -40.92
C SER C 123 -32.43 37.49 -42.07
N VAL C 124 -33.01 36.76 -43.03
CA VAL C 124 -32.25 36.24 -44.17
C VAL C 124 -32.83 36.84 -45.43
N PHE C 125 -31.99 37.57 -46.18
CA PHE C 125 -32.40 38.21 -47.41
C PHE C 125 -31.57 37.70 -48.58
N PRO C 126 -32.16 37.56 -49.76
CA PRO C 126 -31.40 37.04 -50.90
C PRO C 126 -30.50 38.10 -51.50
N LEU C 127 -29.33 37.67 -51.94
CA LEU C 127 -28.46 38.47 -52.79
C LEU C 127 -28.63 37.90 -54.20
N ALA C 128 -29.62 38.43 -54.92
CA ALA C 128 -30.07 37.80 -56.14
C ALA C 128 -29.05 38.00 -57.26
N PRO C 129 -28.83 37.00 -58.11
CA PRO C 129 -27.89 37.15 -59.22
C PRO C 129 -28.38 38.19 -60.22
N SER C 130 -27.44 38.97 -60.76
CA SER C 130 -27.78 39.95 -61.78
C SER C 130 -28.34 39.27 -63.02
N SER C 131 -29.27 39.95 -63.68
CA SER C 131 -29.78 39.48 -64.96
C SER C 131 -28.88 39.89 -66.12
N LYS C 132 -27.79 40.61 -65.86
CA LYS C 132 -26.84 41.02 -66.88
C LYS C 132 -25.53 40.26 -66.78
N SER C 133 -25.54 39.06 -66.21
CA SER C 133 -24.32 38.26 -66.11
C SER C 133 -23.81 37.88 -67.49
N THR C 134 -22.50 37.70 -67.59
CA THR C 134 -21.88 37.39 -68.86
C THR C 134 -22.25 35.99 -69.31
N SER C 135 -22.79 35.88 -70.52
CA SER C 135 -23.05 34.56 -71.11
C SER C 135 -21.72 33.84 -71.31
N GLY C 136 -21.59 32.68 -70.68
CA GLY C 136 -20.33 31.98 -70.61
C GLY C 136 -19.45 32.39 -69.45
N GLY C 137 -19.73 33.54 -68.82
CA GLY C 137 -19.01 34.00 -67.67
C GLY C 137 -19.56 33.44 -66.38
N THR C 138 -19.28 34.14 -65.28
CA THR C 138 -19.62 33.69 -63.94
C THR C 138 -20.60 34.66 -63.29
N ALA C 139 -21.57 34.12 -62.59
CA ALA C 139 -22.52 34.89 -61.80
C ALA C 139 -22.27 34.67 -60.32
N ALA C 140 -22.68 35.64 -59.51
CA ALA C 140 -22.54 35.57 -58.06
C ALA C 140 -23.91 35.75 -57.41
N LEU C 141 -24.17 34.95 -56.38
CA LEU C 141 -25.40 35.05 -55.61
C LEU C 141 -25.07 34.74 -54.16
N GLY C 142 -26.00 35.06 -53.27
CA GLY C 142 -25.74 34.82 -51.87
C GLY C 142 -26.94 35.13 -51.00
N CYS C 143 -26.72 35.09 -49.70
CA CYS C 143 -27.73 35.38 -48.69
C CYS C 143 -27.16 36.34 -47.68
N LEU C 144 -27.92 37.39 -47.37
CA LEU C 144 -27.57 38.34 -46.32
C LEU C 144 -28.22 37.90 -45.02
N VAL C 145 -27.41 37.71 -43.99
CA VAL C 145 -27.85 37.20 -42.70
C VAL C 145 -27.66 38.33 -41.70
N LYS C 146 -28.75 39.00 -41.32
CA LYS C 146 -28.69 40.29 -40.66
C LYS C 146 -29.37 40.25 -39.29
N ASP C 147 -28.78 40.98 -38.34
CA ASP C 147 -29.41 41.33 -37.06
C ASP C 147 -29.69 40.08 -36.21
N TYR C 148 -28.62 39.38 -35.85
CA TYR C 148 -28.71 38.25 -34.93
C TYR C 148 -27.75 38.46 -33.78
N PHE C 149 -28.00 37.73 -32.69
CA PHE C 149 -27.17 37.78 -31.50
C PHE C 149 -27.49 36.57 -30.65
N PRO C 150 -26.50 35.90 -30.06
CA PRO C 150 -25.08 36.19 -30.27
C PRO C 150 -24.48 35.37 -31.41
N GLU C 151 -23.15 35.38 -31.52
CA GLU C 151 -22.47 34.50 -32.45
C GLU C 151 -22.67 33.05 -32.02
N PRO C 152 -22.56 32.09 -32.96
CA PRO C 152 -22.28 32.24 -34.38
C PRO C 152 -23.45 31.87 -35.29
N VAL C 153 -23.27 32.10 -36.59
CA VAL C 153 -24.20 31.65 -37.62
C VAL C 153 -23.42 30.83 -38.64
N THR C 154 -23.99 29.72 -39.07
CA THR C 154 -23.44 28.90 -40.14
C THR C 154 -24.39 28.93 -41.34
N VAL C 155 -23.82 28.89 -42.53
CA VAL C 155 -24.59 28.91 -43.77
C VAL C 155 -24.07 27.80 -44.68
N SER C 156 -24.94 26.86 -45.01
CA SER C 156 -24.66 25.86 -46.04
C SER C 156 -25.45 26.20 -47.29
N TRP C 157 -25.07 25.58 -48.40
CA TRP C 157 -25.71 25.81 -49.69
C TRP C 157 -26.19 24.49 -50.27
N ASN C 158 -27.48 24.44 -50.61
CA ASN C 158 -28.12 23.22 -51.10
C ASN C 158 -27.85 22.05 -50.16
N SER C 159 -27.95 22.33 -48.85
CA SER C 159 -27.78 21.33 -47.80
C SER C 159 -26.42 20.63 -47.87
N GLY C 160 -25.41 21.33 -48.38
CA GLY C 160 -24.05 20.81 -48.43
C GLY C 160 -23.60 20.34 -49.79
N ALA C 161 -24.49 20.22 -50.77
CA ALA C 161 -24.09 19.75 -52.09
C ALA C 161 -23.32 20.82 -52.87
N LEU C 162 -23.39 22.08 -52.46
CA LEU C 162 -22.69 23.17 -53.12
C LEU C 162 -21.64 23.71 -52.15
N THR C 163 -20.36 23.45 -52.44
CA THR C 163 -19.27 23.89 -51.58
C THR C 163 -18.24 24.68 -52.36
N SER C 164 -18.04 24.31 -53.63
CA SER C 164 -17.02 24.95 -54.45
C SER C 164 -17.41 26.40 -54.72
N GLY C 165 -16.51 27.33 -54.38
CA GLY C 165 -16.73 28.74 -54.62
C GLY C 165 -17.53 29.46 -53.56
N VAL C 166 -17.84 28.81 -52.44
CA VAL C 166 -18.63 29.42 -51.38
C VAL C 166 -17.72 30.25 -50.49
N HIS C 167 -18.14 31.49 -50.20
CA HIS C 167 -17.45 32.35 -49.24
C HIS C 167 -18.47 32.83 -48.22
N THR C 168 -18.26 32.46 -46.95
CA THR C 168 -19.06 32.96 -45.84
C THR C 168 -18.17 33.90 -45.03
N PHE C 169 -18.47 35.19 -45.09
CA PHE C 169 -17.60 36.19 -44.51
C PHE C 169 -17.72 36.20 -42.99
N PRO C 170 -16.66 36.61 -42.29
CA PRO C 170 -16.78 36.81 -40.84
C PRO C 170 -17.83 37.87 -40.54
N ALA C 171 -18.59 37.63 -39.47
CA ALA C 171 -19.61 38.59 -39.07
C ALA C 171 -18.98 39.90 -38.62
N VAL C 172 -19.73 40.98 -38.78
CA VAL C 172 -19.34 42.29 -38.26
C VAL C 172 -20.35 42.67 -37.18
N LEU C 173 -19.85 43.30 -36.12
CA LEU C 173 -20.71 43.82 -35.07
C LEU C 173 -21.19 45.21 -35.49
N GLN C 174 -22.51 45.37 -35.60
CA GLN C 174 -23.09 46.64 -35.99
C GLN C 174 -23.29 47.53 -34.77
N SER C 175 -23.46 48.82 -35.02
CA SER C 175 -23.72 49.76 -33.94
C SER C 175 -24.98 49.40 -33.16
N SER C 176 -25.88 48.63 -33.77
CA SER C 176 -27.06 48.12 -33.07
C SER C 176 -26.70 47.17 -31.94
N GLY C 177 -25.48 46.66 -31.91
CA GLY C 177 -25.11 45.58 -31.02
C GLY C 177 -25.41 44.20 -31.56
N LEU C 178 -26.04 44.11 -32.72
CA LEU C 178 -26.34 42.84 -33.37
C LEU C 178 -25.32 42.56 -34.48
N TYR C 179 -25.18 41.28 -34.80
CA TYR C 179 -24.22 40.85 -35.81
C TYR C 179 -24.90 40.73 -37.17
N SER C 180 -24.07 40.71 -38.21
CA SER C 180 -24.55 40.58 -39.58
C SER C 180 -23.42 39.99 -40.43
N LEU C 181 -23.78 39.10 -41.35
CA LEU C 181 -22.79 38.55 -42.27
C LEU C 181 -23.47 38.25 -43.60
N SER C 182 -22.65 37.98 -44.60
CA SER C 182 -23.08 37.51 -45.91
C SER C 182 -22.34 36.22 -46.25
N SER C 183 -23.01 35.37 -47.01
CA SER C 183 -22.38 34.17 -47.56
C SER C 183 -22.71 34.12 -49.04
N VAL C 184 -21.68 34.12 -49.89
CA VAL C 184 -21.85 34.23 -51.33
C VAL C 184 -21.26 32.99 -51.99
N VAL C 185 -21.60 32.81 -53.27
CA VAL C 185 -21.06 31.74 -54.09
C VAL C 185 -21.08 32.20 -55.54
N THR C 186 -20.06 31.78 -56.29
CA THR C 186 -19.98 32.05 -57.72
C THR C 186 -20.29 30.77 -58.48
N VAL C 187 -21.15 30.89 -59.49
CA VAL C 187 -21.57 29.75 -60.31
C VAL C 187 -21.59 30.18 -61.77
N PRO C 188 -21.58 29.22 -62.69
CA PRO C 188 -21.71 29.58 -64.11
C PRO C 188 -23.04 30.27 -64.38
N SER C 189 -23.00 31.28 -65.25
CA SER C 189 -24.23 31.94 -65.66
C SER C 189 -25.19 30.97 -66.32
N SER C 190 -24.66 29.92 -66.95
CA SER C 190 -25.49 28.90 -67.58
C SER C 190 -26.40 28.19 -66.59
N SER C 191 -26.03 28.17 -65.30
CA SER C 191 -26.76 27.35 -64.33
C SER C 191 -27.99 28.05 -63.75
N LEU C 192 -28.11 29.37 -63.93
CA LEU C 192 -29.15 30.13 -63.24
C LEU C 192 -30.56 29.70 -63.68
N GLY C 193 -30.70 29.17 -64.89
CA GLY C 193 -32.01 28.79 -65.38
C GLY C 193 -32.40 27.36 -65.03
N THR C 194 -31.42 26.54 -64.66
CA THR C 194 -31.65 25.11 -64.47
C THR C 194 -31.34 24.61 -63.07
N GLN C 195 -30.57 25.32 -62.27
CA GLN C 195 -30.16 24.86 -60.95
C GLN C 195 -30.74 25.76 -59.87
N THR C 196 -31.36 25.15 -58.86
CA THR C 196 -31.89 25.88 -57.72
C THR C 196 -30.78 26.11 -56.69
N TYR C 197 -30.78 27.29 -56.09
CA TYR C 197 -29.80 27.66 -55.07
C TYR C 197 -30.52 28.09 -53.81
N ILE C 198 -30.28 27.35 -52.72
CA ILE C 198 -30.92 27.61 -51.44
C ILE C 198 -29.84 27.69 -50.37
N CYS C 199 -29.84 28.78 -49.60
CA CYS C 199 -28.96 28.89 -48.46
C CYS C 199 -29.67 28.34 -47.22
N ASN C 200 -28.93 27.64 -46.38
CA ASN C 200 -29.45 27.04 -45.15
C ASN C 200 -28.74 27.70 -43.98
N VAL C 201 -29.45 28.61 -43.31
CA VAL C 201 -28.89 29.42 -42.24
C VAL C 201 -29.24 28.77 -40.90
N ASN C 202 -28.24 28.60 -40.05
CA ASN C 202 -28.43 28.04 -38.71
C ASN C 202 -27.94 29.04 -37.68
N HIS C 203 -28.80 29.38 -36.73
CA HIS C 203 -28.43 30.19 -35.56
C HIS C 203 -28.96 29.45 -34.34
N LYS C 204 -28.19 28.51 -33.84
CA LYS C 204 -28.61 27.63 -32.76
C LYS C 204 -28.83 28.32 -31.42
N PRO C 205 -28.15 29.43 -31.09
CA PRO C 205 -28.52 30.14 -29.86
C PRO C 205 -29.99 30.51 -29.79
N SER C 206 -30.63 30.77 -30.93
CA SER C 206 -32.06 31.06 -30.97
C SER C 206 -32.87 29.92 -31.59
N ASN C 207 -32.26 28.75 -31.76
CA ASN C 207 -32.95 27.58 -32.34
C ASN C 207 -33.58 27.91 -33.69
N THR C 208 -32.84 28.65 -34.51
CA THR C 208 -33.34 29.17 -35.78
C THR C 208 -32.72 28.41 -36.94
N LYS C 209 -33.56 27.98 -37.87
CA LYS C 209 -33.10 27.42 -39.14
C LYS C 209 -33.95 28.03 -40.25
N VAL C 210 -33.28 28.61 -41.26
CA VAL C 210 -33.95 29.28 -42.36
C VAL C 210 -33.39 28.74 -43.67
N ASP C 211 -34.27 28.33 -44.57
CA ASP C 211 -33.92 27.98 -45.94
C ASP C 211 -34.46 29.07 -46.85
N LYS C 212 -33.57 29.72 -47.60
CA LYS C 212 -33.93 30.82 -48.48
C LYS C 212 -33.53 30.48 -49.91
N LYS C 213 -34.52 30.34 -50.78
CA LYS C 213 -34.26 30.18 -52.20
C LYS C 213 -33.78 31.51 -52.79
N VAL C 214 -32.70 31.46 -53.56
CA VAL C 214 -32.11 32.64 -54.18
C VAL C 214 -32.18 32.47 -55.69
N GLU C 215 -32.94 33.36 -56.34
CA GLU C 215 -33.23 33.23 -57.76
C GLU C 215 -33.09 34.60 -58.42
N PRO C 216 -32.93 34.63 -59.74
CA PRO C 216 -32.93 35.92 -60.45
C PRO C 216 -34.26 36.63 -60.29
N LYS C 217 -34.19 37.96 -60.18
CA LYS C 217 -35.38 38.75 -59.90
C LYS C 217 -36.16 39.02 -61.18
N SER C 218 -37.44 39.31 -61.00
CA SER C 218 -38.33 39.65 -62.09
C SER C 218 -38.24 41.15 -62.39
N CYS C 219 -38.23 41.48 -63.68
CA CYS C 219 -38.24 42.86 -64.10
C CYS C 219 -39.57 43.17 -64.79
N ASP D 1 6.20 49.98 -18.28
CA ASP D 1 5.97 48.74 -19.01
C ASP D 1 6.95 48.59 -20.18
N ILE D 2 7.24 47.36 -20.54
CA ILE D 2 8.11 47.06 -21.67
C ILE D 2 7.23 46.86 -22.90
N VAL D 3 7.29 47.78 -23.84
CA VAL D 3 6.43 47.77 -25.02
C VAL D 3 7.09 46.92 -26.10
N MET D 4 6.34 45.95 -26.63
CA MET D 4 6.81 45.07 -27.69
C MET D 4 6.22 45.50 -29.01
N THR D 5 7.07 45.65 -30.02
CA THR D 5 6.66 46.14 -31.34
C THR D 5 7.14 45.17 -32.40
N GLN D 6 6.20 44.56 -33.12
CA GLN D 6 6.51 43.63 -34.19
C GLN D 6 6.43 44.31 -35.54
N SER D 7 7.11 43.73 -36.53
CA SER D 7 7.09 44.24 -37.89
C SER D 7 7.54 43.14 -38.84
N PRO D 8 6.90 42.98 -40.00
CA PRO D 8 5.73 43.77 -40.40
C PRO D 8 4.44 43.26 -39.76
N ASP D 9 3.35 44.02 -39.90
CA ASP D 9 2.06 43.54 -39.42
C ASP D 9 1.58 42.34 -40.23
N SER D 10 1.95 42.27 -41.51
CA SER D 10 1.58 41.16 -42.38
C SER D 10 2.76 40.88 -43.31
N LEU D 11 2.97 39.59 -43.59
CA LEU D 11 4.09 39.16 -44.41
C LEU D 11 3.64 38.04 -45.34
N ALA D 12 3.97 38.18 -46.62
CA ALA D 12 3.63 37.19 -47.63
C ALA D 12 4.91 36.57 -48.18
N VAL D 13 5.05 35.26 -48.01
CA VAL D 13 6.25 34.54 -48.42
C VAL D 13 5.82 33.39 -49.33
N SER D 14 6.53 33.21 -50.43
CA SER D 14 6.25 32.09 -51.32
C SER D 14 6.55 30.77 -50.61
N LEU D 15 5.76 29.74 -50.95
CA LEU D 15 5.97 28.43 -50.36
C LEU D 15 7.37 27.91 -50.68
N GLY D 16 8.06 27.45 -49.65
CA GLY D 16 9.42 26.99 -49.80
C GLY D 16 10.49 28.05 -49.62
N GLU D 17 10.10 29.32 -49.46
CA GLU D 17 11.04 30.40 -49.27
C GLU D 17 11.18 30.73 -47.78
N ARG D 18 12.01 31.72 -47.49
CA ARG D 18 12.36 32.08 -46.11
C ARG D 18 11.51 33.24 -45.63
N ALA D 19 10.97 33.12 -44.43
CA ALA D 19 10.19 34.16 -43.79
C ALA D 19 10.96 34.72 -42.59
N THR D 20 10.89 36.03 -42.41
CA THR D 20 11.61 36.71 -41.34
C THR D 20 10.69 37.71 -40.66
N ILE D 21 10.46 37.53 -39.36
CA ILE D 21 9.63 38.41 -38.55
C ILE D 21 10.52 39.09 -37.52
N ASN D 22 10.29 40.38 -37.30
CA ASN D 22 11.08 41.16 -36.35
C ASN D 22 10.24 41.56 -35.16
N CYS D 23 10.87 41.61 -33.98
CA CYS D 23 10.26 42.08 -32.76
C CYS D 23 11.26 43.00 -32.05
N LYS D 24 10.75 44.12 -31.54
CA LYS D 24 11.58 45.08 -30.83
C LYS D 24 10.94 45.40 -29.48
N SER D 25 11.76 45.44 -28.44
CA SER D 25 11.34 45.80 -27.10
C SER D 25 11.80 47.21 -26.78
N SER D 26 10.96 47.95 -26.06
CA SER D 26 11.28 49.34 -25.73
C SER D 26 12.51 49.44 -24.83
N GLN D 27 12.78 48.39 -24.06
CA GLN D 27 14.00 48.31 -23.27
C GLN D 27 14.47 46.85 -23.26
N SER D 28 15.75 46.67 -22.95
CA SER D 28 16.40 45.38 -23.17
C SER D 28 15.88 44.32 -22.22
N VAL D 29 15.75 43.09 -22.72
CA VAL D 29 15.31 41.96 -21.91
C VAL D 29 16.48 41.02 -21.69
N LEU D 30 17.70 41.55 -21.77
CA LEU D 30 18.91 40.75 -21.58
C LEU D 30 19.37 40.89 -20.14
N TYR D 31 19.24 39.80 -19.37
CA TYR D 31 19.72 39.77 -18.00
C TYR D 31 21.23 39.62 -18.00
N SER D 32 21.93 40.57 -17.37
CA SER D 32 23.39 40.60 -17.44
C SER D 32 24.03 39.40 -16.76
N SER D 33 23.43 38.89 -15.70
CA SER D 33 24.10 37.89 -14.87
C SER D 33 24.11 36.50 -15.50
N ASN D 34 23.00 36.08 -16.12
CA ASN D 34 22.94 34.78 -16.76
C ASN D 34 22.97 34.86 -18.28
N ASN D 35 23.03 36.07 -18.85
CA ASN D 35 23.14 36.27 -20.29
C ASN D 35 21.97 35.64 -21.05
N LYS D 36 20.78 35.66 -20.47
CA LYS D 36 19.58 35.13 -21.09
C LYS D 36 18.67 36.26 -21.52
N ASN D 37 18.18 36.20 -22.75
CA ASN D 37 17.16 37.12 -23.23
C ASN D 37 15.79 36.55 -22.87
N TYR D 38 15.03 37.29 -22.07
CA TYR D 38 13.72 36.83 -21.59
C TYR D 38 12.66 37.16 -22.64
N LEU D 39 12.76 36.45 -23.76
CA LEU D 39 11.87 36.68 -24.90
C LEU D 39 11.42 35.36 -25.48
N ALA D 40 10.14 35.27 -25.81
CA ALA D 40 9.54 34.07 -26.37
C ALA D 40 8.76 34.39 -27.63
N TRP D 41 8.62 33.39 -28.49
CA TRP D 41 7.83 33.49 -29.71
C TRP D 41 6.69 32.48 -29.64
N TYR D 42 5.50 32.91 -30.06
CA TYR D 42 4.33 32.06 -30.09
C TYR D 42 3.75 32.01 -31.49
N GLN D 43 3.17 30.86 -31.85
CA GLN D 43 2.42 30.69 -33.07
C GLN D 43 0.97 30.41 -32.71
N GLN D 44 0.05 31.20 -33.26
CA GLN D 44 -1.37 31.01 -33.02
C GLN D 44 -2.09 30.86 -34.35
N LYS D 45 -2.88 29.79 -34.45
CA LYS D 45 -3.78 29.51 -35.55
C LYS D 45 -5.22 29.74 -35.09
N PRO D 46 -6.14 30.04 -36.01
CA PRO D 46 -7.49 30.45 -35.60
C PRO D 46 -8.18 29.38 -34.75
N GLY D 47 -8.85 29.84 -33.69
CA GLY D 47 -9.59 28.97 -32.81
C GLY D 47 -8.75 28.20 -31.81
N GLN D 48 -7.44 28.40 -31.78
CA GLN D 48 -6.53 27.69 -30.89
C GLN D 48 -5.82 28.67 -29.98
N PRO D 49 -5.37 28.23 -28.81
CA PRO D 49 -4.47 29.05 -28.00
C PRO D 49 -3.12 29.19 -28.67
N PRO D 50 -2.34 30.21 -28.30
CA PRO D 50 -0.97 30.30 -28.82
C PRO D 50 -0.14 29.11 -28.39
N LYS D 51 0.89 28.81 -29.18
CA LYS D 51 1.81 27.71 -28.89
C LYS D 51 3.23 28.25 -28.83
N LEU D 52 3.93 27.92 -27.75
CA LEU D 52 5.33 28.30 -27.60
C LEU D 52 6.18 27.70 -28.71
N LEU D 53 6.91 28.55 -29.42
CA LEU D 53 7.86 28.11 -30.43
C LEU D 53 9.30 28.25 -29.95
N ILE D 54 9.71 29.46 -29.60
CA ILE D 54 11.07 29.76 -29.18
C ILE D 54 11.02 30.42 -27.81
N TYR D 55 12.01 30.11 -26.98
CA TYR D 55 12.21 30.80 -25.71
C TYR D 55 13.69 31.04 -25.52
N TRP D 56 14.03 31.89 -24.54
CA TRP D 56 15.39 32.41 -24.39
C TRP D 56 15.90 32.98 -25.70
N ALA D 57 14.99 33.59 -26.47
CA ALA D 57 15.26 34.22 -27.76
C ALA D 57 15.63 33.23 -28.86
N SER D 58 16.32 32.13 -28.52
CA SER D 58 16.83 31.24 -29.54
C SER D 58 16.65 29.75 -29.26
N THR D 59 16.10 29.37 -28.11
CA THR D 59 15.93 27.96 -27.78
C THR D 59 14.58 27.46 -28.28
N ARG D 60 14.61 26.38 -29.06
CA ARG D 60 13.39 25.80 -29.59
C ARG D 60 12.71 24.93 -28.55
N GLU D 61 11.39 25.08 -28.43
CA GLU D 61 10.61 24.14 -27.64
C GLU D 61 10.61 22.78 -28.31
N SER D 62 10.54 21.72 -27.49
CA SER D 62 10.55 20.37 -28.01
C SER D 62 9.38 20.15 -28.97
N GLY D 63 9.68 19.55 -30.13
CA GLY D 63 8.68 19.26 -31.12
C GLY D 63 8.59 20.27 -32.25
N VAL D 64 9.22 21.43 -32.11
CA VAL D 64 9.17 22.45 -33.16
C VAL D 64 10.11 22.04 -34.29
N PRO D 65 9.66 22.09 -35.54
CA PRO D 65 10.53 21.68 -36.66
C PRO D 65 11.78 22.55 -36.77
N ASP D 66 12.80 21.98 -37.43
CA ASP D 66 14.10 22.64 -37.51
C ASP D 66 14.04 23.95 -38.26
N ARG D 67 13.08 24.11 -39.18
CA ARG D 67 13.00 25.32 -39.98
C ARG D 67 12.72 26.56 -39.15
N PHE D 68 12.15 26.40 -37.96
CA PHE D 68 11.93 27.53 -37.06
C PHE D 68 13.21 27.82 -36.28
N SER D 69 13.60 29.09 -36.23
CA SER D 69 14.77 29.50 -35.48
C SER D 69 14.59 30.93 -35.00
N GLY D 70 15.25 31.25 -33.88
CA GLY D 70 15.17 32.58 -33.31
C GLY D 70 16.55 33.18 -33.13
N SER D 71 16.62 34.49 -33.26
CA SER D 71 17.88 35.21 -33.19
C SER D 71 17.64 36.58 -32.56
N GLY D 72 18.74 37.27 -32.29
CA GLY D 72 18.69 38.61 -31.71
C GLY D 72 19.08 38.60 -30.25
N SER D 73 19.23 39.82 -29.73
CA SER D 73 19.64 40.03 -28.34
C SER D 73 19.35 41.47 -27.95
N GLY D 74 19.15 41.68 -26.65
CA GLY D 74 18.90 43.01 -26.13
C GLY D 74 17.50 43.52 -26.41
N THR D 75 17.35 44.34 -27.45
CA THR D 75 16.07 44.93 -27.80
C THR D 75 15.55 44.51 -29.17
N ASP D 76 16.36 43.88 -30.01
CA ASP D 76 15.97 43.54 -31.36
C ASP D 76 16.06 42.03 -31.55
N PHE D 77 14.96 41.40 -31.96
CA PHE D 77 14.88 39.96 -32.10
C PHE D 77 14.23 39.61 -33.43
N THR D 78 14.43 38.37 -33.86
CA THR D 78 13.96 37.93 -35.17
C THR D 78 13.59 36.46 -35.10
N LEU D 79 12.47 36.12 -35.75
CA LEU D 79 12.03 34.74 -35.93
C LEU D 79 12.13 34.39 -37.40
N THR D 80 12.77 33.26 -37.70
CA THR D 80 13.04 32.86 -39.07
C THR D 80 12.47 31.48 -39.36
N ILE D 81 11.71 31.37 -40.43
CA ILE D 81 11.29 30.09 -40.98
C ILE D 81 12.12 29.86 -42.24
N SER D 82 13.02 28.89 -42.18
CA SER D 82 13.99 28.70 -43.27
C SER D 82 13.30 28.37 -44.58
N SER D 83 12.36 27.42 -44.55
CA SER D 83 11.62 27.00 -45.73
C SER D 83 10.14 26.98 -45.38
N LEU D 84 9.38 27.95 -45.92
CA LEU D 84 7.99 28.10 -45.53
C LEU D 84 7.16 26.91 -45.98
N GLN D 85 6.35 26.38 -45.07
CA GLN D 85 5.38 25.35 -45.36
C GLN D 85 3.97 25.94 -45.25
N ALA D 86 3.02 25.27 -45.91
CA ALA D 86 1.63 25.72 -45.85
C ALA D 86 1.09 25.67 -44.42
N GLU D 87 1.60 24.75 -43.61
CA GLU D 87 1.16 24.61 -42.23
C GLU D 87 1.69 25.73 -41.34
N ASP D 88 2.65 26.53 -41.81
CA ASP D 88 3.20 27.63 -41.03
C ASP D 88 2.39 28.91 -41.15
N VAL D 89 1.35 28.93 -41.98
CA VAL D 89 0.49 30.09 -42.12
C VAL D 89 -0.25 30.29 -40.80
N ALA D 90 0.05 31.37 -40.10
CA ALA D 90 -0.53 31.64 -38.78
C ALA D 90 -0.17 33.08 -38.40
N VAL D 91 -0.54 33.46 -37.18
CA VAL D 91 -0.12 34.72 -36.59
C VAL D 91 0.94 34.42 -35.54
N TYR D 92 2.00 35.22 -35.53
CA TYR D 92 3.12 35.02 -34.63
C TYR D 92 3.26 36.21 -33.69
N TYR D 93 3.52 35.92 -32.42
CA TYR D 93 3.62 36.93 -31.38
C TYR D 93 4.96 36.79 -30.67
N CYS D 94 5.58 37.91 -30.34
CA CYS D 94 6.66 37.92 -29.38
C CYS D 94 6.12 38.32 -28.01
N GLN D 95 6.88 38.00 -26.98
CA GLN D 95 6.48 38.32 -25.62
C GLN D 95 7.71 38.38 -24.73
N GLN D 96 7.81 39.42 -23.93
CA GLN D 96 8.83 39.50 -22.91
C GLN D 96 8.30 38.92 -21.61
N TYR D 97 9.15 38.17 -20.92
CA TYR D 97 8.87 37.70 -19.57
C TYR D 97 9.97 38.16 -18.62
N TYR D 98 10.45 39.38 -18.85
CA TYR D 98 11.49 40.01 -18.04
C TYR D 98 10.91 40.73 -16.83
N SER D 99 9.77 41.40 -17.00
CA SER D 99 9.20 42.21 -15.93
C SER D 99 7.70 42.30 -16.11
N LEU D 100 6.99 42.54 -15.00
CA LEU D 100 5.56 42.77 -15.05
C LEU D 100 5.28 44.23 -15.42
N PRO D 101 4.20 44.50 -16.18
CA PRO D 101 3.27 43.51 -16.71
C PRO D 101 3.80 42.74 -17.91
N LEU D 102 3.43 41.47 -18.04
CA LEU D 102 3.78 40.71 -19.23
C LEU D 102 3.11 41.33 -20.45
N THR D 103 3.90 41.53 -21.51
CA THR D 103 3.40 42.21 -22.69
C THR D 103 3.78 41.43 -23.94
N PHE D 104 2.86 41.41 -24.90
CA PHE D 104 3.07 40.78 -26.20
C PHE D 104 3.23 41.85 -27.28
N GLY D 105 3.81 41.45 -28.39
CA GLY D 105 3.77 42.29 -29.58
C GLY D 105 2.38 42.27 -30.21
N GLY D 106 2.17 43.20 -31.12
CA GLY D 106 0.89 43.29 -31.80
C GLY D 106 0.57 42.11 -32.70
N GLY D 107 1.55 41.29 -33.02
CA GLY D 107 1.34 40.13 -33.85
C GLY D 107 1.75 40.37 -35.29
N THR D 108 2.17 39.30 -35.95
CA THR D 108 2.56 39.34 -37.36
C THR D 108 1.82 38.23 -38.09
N LYS D 109 1.03 38.61 -39.09
CA LYS D 109 0.27 37.65 -39.87
C LYS D 109 1.14 37.12 -41.01
N LEU D 110 1.29 35.80 -41.08
CA LEU D 110 2.08 35.15 -42.10
C LEU D 110 1.15 34.49 -43.11
N GLU D 111 1.32 34.83 -44.38
CA GLU D 111 0.45 34.32 -45.44
C GLU D 111 1.30 33.91 -46.64
N ILE D 112 0.68 33.17 -47.55
CA ILE D 112 1.36 32.66 -48.74
C ILE D 112 1.29 33.70 -49.85
N LYS D 113 2.44 33.96 -50.49
CA LYS D 113 2.52 34.90 -51.58
C LYS D 113 2.25 34.20 -52.90
N ARG D 114 1.36 34.78 -53.71
CA ARG D 114 1.01 34.26 -55.01
C ARG D 114 1.04 35.39 -56.04
N THR D 115 0.81 35.05 -57.29
CA THR D 115 0.74 36.07 -58.33
C THR D 115 -0.47 36.97 -58.13
N VAL D 116 -0.41 38.15 -58.72
CA VAL D 116 -1.51 39.11 -58.60
C VAL D 116 -2.72 38.56 -59.33
N ALA D 117 -3.89 38.64 -58.67
CA ALA D 117 -5.15 38.21 -59.24
C ALA D 117 -6.17 39.32 -59.05
N ALA D 118 -6.72 39.83 -60.14
CA ALA D 118 -7.70 40.89 -60.04
C ALA D 118 -9.03 40.31 -59.52
N PRO D 119 -9.77 41.07 -58.71
CA PRO D 119 -11.07 40.58 -58.24
C PRO D 119 -12.13 40.72 -59.31
N SER D 120 -13.05 39.75 -59.31
CA SER D 120 -14.32 39.91 -60.00
C SER D 120 -15.28 40.62 -59.05
N VAL D 121 -15.99 41.60 -59.58
CA VAL D 121 -16.76 42.53 -58.75
C VAL D 121 -18.24 42.35 -59.07
N PHE D 122 -19.06 42.35 -58.02
CA PHE D 122 -20.51 42.23 -58.12
C PHE D 122 -21.15 43.19 -57.14
N ILE D 123 -22.31 43.74 -57.52
CA ILE D 123 -23.09 44.61 -56.65
C ILE D 123 -24.50 44.04 -56.54
N PHE D 124 -25.08 44.13 -55.34
CA PHE D 124 -26.39 43.56 -55.05
C PHE D 124 -27.28 44.64 -54.47
N PRO D 125 -28.43 44.93 -55.07
CA PRO D 125 -29.38 45.87 -54.45
C PRO D 125 -30.02 45.24 -53.24
N PRO D 126 -30.67 46.05 -52.39
CA PRO D 126 -31.43 45.46 -51.28
C PRO D 126 -32.63 44.69 -51.80
N SER D 127 -33.02 43.65 -51.05
CA SER D 127 -34.20 42.89 -51.39
C SER D 127 -35.46 43.70 -51.12
N ASP D 128 -36.53 43.35 -51.83
CA ASP D 128 -37.83 43.95 -51.53
C ASP D 128 -38.31 43.54 -50.15
N GLU D 129 -37.99 42.31 -49.73
CA GLU D 129 -38.35 41.86 -48.39
C GLU D 129 -37.69 42.72 -47.32
N GLN D 130 -36.43 43.11 -47.53
CA GLN D 130 -35.74 43.91 -46.53
C GLN D 130 -36.30 45.32 -46.45
N LEU D 131 -36.69 45.90 -47.60
CA LEU D 131 -37.18 47.27 -47.59
C LEU D 131 -38.47 47.41 -46.80
N LYS D 132 -39.28 46.35 -46.76
CA LYS D 132 -40.45 46.34 -45.89
C LYS D 132 -40.06 46.48 -44.41
N SER D 133 -38.83 46.10 -44.06
CA SER D 133 -38.37 46.21 -42.68
C SER D 133 -37.92 47.62 -42.31
N GLY D 134 -37.72 48.51 -43.28
CA GLY D 134 -37.28 49.86 -43.01
C GLY D 134 -35.81 50.13 -43.23
N THR D 135 -35.03 49.11 -43.59
CA THR D 135 -33.60 49.27 -43.81
C THR D 135 -33.26 48.73 -45.20
N ALA D 136 -32.20 49.30 -45.79
CA ALA D 136 -31.70 48.89 -47.09
C ALA D 136 -30.22 48.57 -46.97
N SER D 137 -29.83 47.36 -47.34
CA SER D 137 -28.43 46.95 -47.39
C SER D 137 -28.00 46.79 -48.83
N VAL D 138 -26.91 47.45 -49.21
CA VAL D 138 -26.29 47.31 -50.52
C VAL D 138 -24.94 46.64 -50.32
N VAL D 139 -24.71 45.54 -51.05
CA VAL D 139 -23.54 44.70 -50.87
C VAL D 139 -22.69 44.74 -52.12
N CYS D 140 -21.39 44.99 -51.94
CA CYS D 140 -20.41 44.90 -53.01
C CYS D 140 -19.48 43.73 -52.70
N LEU D 141 -19.24 42.88 -53.70
CA LEU D 141 -18.46 41.67 -53.53
C LEU D 141 -17.20 41.73 -54.40
N LEU D 142 -16.05 41.52 -53.77
CA LEU D 142 -14.78 41.35 -54.44
C LEU D 142 -14.36 39.90 -54.25
N ASN D 143 -14.23 39.16 -55.36
CA ASN D 143 -14.11 37.71 -55.31
C ASN D 143 -12.75 37.26 -55.81
N ASN D 144 -12.04 36.49 -54.98
CA ASN D 144 -10.84 35.75 -55.38
C ASN D 144 -9.76 36.67 -55.94
N PHE D 145 -9.25 37.56 -55.10
CA PHE D 145 -8.22 38.49 -55.51
C PHE D 145 -6.98 38.37 -54.62
N TYR D 146 -5.87 38.88 -55.16
CA TYR D 146 -4.59 38.95 -54.45
C TYR D 146 -3.79 40.09 -55.05
N PRO D 147 -3.11 40.91 -54.24
CA PRO D 147 -3.05 40.83 -52.77
C PRO D 147 -4.30 41.37 -52.08
N ARG D 148 -4.25 41.41 -50.74
CA ARG D 148 -5.43 41.73 -49.95
C ARG D 148 -5.82 43.20 -50.05
N GLU D 149 -4.84 44.07 -50.28
CA GLU D 149 -5.10 45.52 -50.30
C GLU D 149 -6.02 45.87 -51.46
N ALA D 150 -7.10 46.58 -51.15
CA ALA D 150 -8.04 47.01 -52.16
C ALA D 150 -8.83 48.20 -51.64
N LYS D 151 -9.27 49.06 -52.55
CA LYS D 151 -10.06 50.23 -52.21
C LYS D 151 -11.47 50.04 -52.76
N VAL D 152 -12.47 50.10 -51.89
CA VAL D 152 -13.86 49.96 -52.25
C VAL D 152 -14.55 51.27 -51.91
N GLN D 153 -15.01 51.98 -52.94
CA GLN D 153 -15.62 53.30 -52.78
C GLN D 153 -17.08 53.24 -53.18
N TRP D 154 -17.96 53.59 -52.24
CA TRP D 154 -19.40 53.64 -52.51
C TRP D 154 -19.78 54.99 -53.08
N LYS D 155 -20.69 54.98 -54.05
CA LYS D 155 -21.16 56.19 -54.72
C LYS D 155 -22.68 56.15 -54.81
N VAL D 156 -23.33 57.16 -54.25
CA VAL D 156 -24.79 57.28 -54.30
C VAL D 156 -25.10 58.59 -55.02
N ASP D 157 -25.74 58.47 -56.19
CA ASP D 157 -25.97 59.61 -57.07
C ASP D 157 -24.67 60.35 -57.36
N ASN D 158 -23.59 59.58 -57.55
CA ASN D 158 -22.24 60.05 -57.84
C ASN D 158 -21.59 60.80 -56.67
N ALA D 159 -22.21 60.79 -55.49
CA ALA D 159 -21.61 61.36 -54.31
C ALA D 159 -20.88 60.25 -53.54
N LEU D 160 -19.59 60.44 -53.31
CA LEU D 160 -18.80 59.45 -52.62
C LEU D 160 -19.23 59.34 -51.16
N GLN D 161 -19.48 58.12 -50.70
CA GLN D 161 -19.99 57.86 -49.36
C GLN D 161 -18.86 57.40 -48.45
N SER D 162 -18.83 57.94 -47.24
CA SER D 162 -17.85 57.56 -46.24
C SER D 162 -18.50 57.58 -44.86
N GLY D 163 -18.33 56.50 -44.11
CA GLY D 163 -18.85 56.41 -42.76
C GLY D 163 -20.11 55.59 -42.59
N ASN D 164 -20.65 55.03 -43.67
CA ASN D 164 -21.89 54.27 -43.60
C ASN D 164 -21.73 52.88 -44.22
N SER D 165 -20.51 52.35 -44.21
CA SER D 165 -20.25 51.04 -44.79
C SER D 165 -19.32 50.25 -43.88
N GLN D 166 -19.46 48.93 -43.92
CA GLN D 166 -18.62 48.02 -43.16
C GLN D 166 -18.07 46.95 -44.09
N GLU D 167 -16.78 46.64 -43.94
CA GLU D 167 -16.11 45.66 -44.76
C GLU D 167 -15.87 44.38 -43.98
N SER D 168 -15.83 43.27 -44.70
CA SER D 168 -15.47 41.96 -44.15
C SER D 168 -14.67 41.21 -45.19
N VAL D 169 -13.61 40.53 -44.75
CA VAL D 169 -12.70 39.84 -45.65
C VAL D 169 -12.45 38.44 -45.11
N THR D 170 -12.45 37.47 -46.01
CA THR D 170 -12.16 36.09 -45.63
C THR D 170 -10.67 35.92 -45.36
N GLU D 171 -10.35 34.85 -44.63
CA GLU D 171 -8.96 34.45 -44.53
C GLU D 171 -8.50 33.85 -45.84
N GLN D 172 -7.18 33.76 -46.01
CA GLN D 172 -6.62 33.31 -47.28
C GLN D 172 -7.11 31.91 -47.63
N ASP D 173 -7.60 31.75 -48.86
CA ASP D 173 -8.10 30.47 -49.30
C ASP D 173 -6.98 29.43 -49.34
N SER D 174 -7.28 28.23 -48.89
CA SER D 174 -6.25 27.20 -48.80
C SER D 174 -5.86 26.67 -50.18
N LYS D 175 -6.76 26.71 -51.14
CA LYS D 175 -6.52 26.10 -52.44
C LYS D 175 -5.83 27.05 -53.43
N ASP D 176 -6.33 28.28 -53.56
CA ASP D 176 -5.77 29.23 -54.51
C ASP D 176 -5.12 30.44 -53.86
N SER D 177 -5.12 30.52 -52.52
CA SER D 177 -4.42 31.56 -51.77
C SER D 177 -4.94 32.97 -52.07
N THR D 178 -6.19 33.12 -52.49
CA THR D 178 -6.77 34.42 -52.73
C THR D 178 -7.60 34.87 -51.53
N TYR D 179 -8.02 36.13 -51.57
CA TYR D 179 -8.95 36.69 -50.61
C TYR D 179 -10.24 37.07 -51.33
N SER D 180 -11.32 37.17 -50.55
CA SER D 180 -12.57 37.72 -51.02
C SER D 180 -13.09 38.70 -49.98
N LEU D 181 -13.77 39.74 -50.46
CA LEU D 181 -14.16 40.85 -49.61
C LEU D 181 -15.60 41.24 -49.89
N SER D 182 -16.34 41.57 -48.83
CA SER D 182 -17.66 42.17 -48.93
C SER D 182 -17.63 43.53 -48.24
N SER D 183 -18.33 44.50 -48.83
CA SER D 183 -18.55 45.80 -48.21
C SER D 183 -20.03 46.11 -48.29
N THR D 184 -20.61 46.49 -47.16
CA THR D 184 -22.05 46.62 -47.02
C THR D 184 -22.41 48.06 -46.68
N LEU D 185 -23.21 48.69 -47.55
CA LEU D 185 -23.71 50.03 -47.32
C LEU D 185 -25.10 49.93 -46.69
N THR D 186 -25.26 50.54 -45.52
CA THR D 186 -26.50 50.47 -44.76
C THR D 186 -27.19 51.82 -44.81
N LEU D 187 -28.43 51.84 -45.30
CA LEU D 187 -29.22 53.05 -45.38
C LEU D 187 -30.60 52.78 -44.79
N SER D 188 -31.23 53.85 -44.31
CA SER D 188 -32.66 53.80 -44.03
C SER D 188 -33.41 53.63 -45.35
N LYS D 189 -34.60 53.04 -45.26
CA LYS D 189 -35.42 52.90 -46.47
C LYS D 189 -35.70 54.27 -47.09
N ALA D 190 -36.00 55.27 -46.25
CA ALA D 190 -36.28 56.61 -46.75
C ALA D 190 -35.10 57.17 -47.53
N ASP D 191 -33.89 57.04 -46.98
CA ASP D 191 -32.70 57.50 -47.68
C ASP D 191 -32.50 56.77 -49.00
N TYR D 192 -32.71 55.45 -49.00
CA TYR D 192 -32.51 54.65 -50.19
C TYR D 192 -33.46 55.08 -51.31
N GLU D 193 -34.70 55.42 -50.96
CA GLU D 193 -35.68 55.81 -51.98
C GLU D 193 -35.42 57.19 -52.55
N LYS D 194 -34.67 58.03 -51.84
CA LYS D 194 -34.40 59.38 -52.31
C LYS D 194 -33.25 59.48 -53.30
N HIS D 195 -32.67 58.35 -53.70
CA HIS D 195 -31.54 58.37 -54.62
C HIS D 195 -31.73 57.28 -55.67
N LYS D 196 -31.07 57.47 -56.80
CA LYS D 196 -31.28 56.64 -57.98
C LYS D 196 -30.09 55.73 -58.28
N VAL D 197 -28.91 56.28 -58.45
CA VAL D 197 -27.75 55.52 -58.91
C VAL D 197 -26.95 55.04 -57.71
N TYR D 198 -26.68 53.74 -57.67
CA TYR D 198 -25.89 53.11 -56.61
C TYR D 198 -24.73 52.37 -57.26
N ALA D 199 -23.51 52.73 -56.88
CA ALA D 199 -22.32 52.22 -57.56
C ALA D 199 -21.26 51.83 -56.54
N CYS D 200 -20.50 50.81 -56.90
CA CYS D 200 -19.33 50.36 -56.13
C CYS D 200 -18.12 50.41 -57.04
N GLU D 201 -17.13 51.22 -56.66
CA GLU D 201 -15.91 51.39 -57.44
C GLU D 201 -14.75 50.73 -56.73
N VAL D 202 -14.04 49.87 -57.44
CA VAL D 202 -13.00 49.02 -56.86
C VAL D 202 -11.66 49.36 -57.52
N THR D 203 -10.66 49.63 -56.69
CA THR D 203 -9.28 49.82 -57.14
C THR D 203 -8.41 48.70 -56.58
N HIS D 204 -7.60 48.11 -57.44
CA HIS D 204 -6.78 46.97 -57.03
C HIS D 204 -5.59 46.86 -57.98
N GLN D 205 -4.51 46.26 -57.47
CA GLN D 205 -3.28 46.14 -58.25
C GLN D 205 -3.50 45.34 -59.54
N GLY D 206 -4.38 44.35 -59.50
CA GLY D 206 -4.67 43.56 -60.69
C GLY D 206 -5.50 44.23 -61.74
N LEU D 207 -6.00 45.44 -61.48
CA LEU D 207 -6.83 46.18 -62.41
C LEU D 207 -6.04 47.37 -62.94
N SER D 208 -5.91 47.46 -64.26
CA SER D 208 -5.18 48.59 -64.86
C SER D 208 -5.91 49.91 -64.62
N SER D 209 -7.22 49.86 -64.43
CA SER D 209 -8.02 51.02 -64.06
C SER D 209 -9.14 50.54 -63.16
N PRO D 210 -9.68 51.42 -62.30
CA PRO D 210 -10.73 50.99 -61.38
C PRO D 210 -11.97 50.51 -62.13
N VAL D 211 -12.63 49.51 -61.55
CA VAL D 211 -13.85 48.93 -62.09
C VAL D 211 -15.03 49.41 -61.25
N THR D 212 -16.14 49.72 -61.91
CA THR D 212 -17.35 50.18 -61.25
C THR D 212 -18.51 49.28 -61.61
N LYS D 213 -19.21 48.78 -60.60
CA LYS D 213 -20.47 48.06 -60.77
C LYS D 213 -21.58 48.91 -60.19
N SER D 214 -22.67 49.07 -60.94
CA SER D 214 -23.72 49.99 -60.51
C SER D 214 -25.08 49.46 -60.93
N PHE D 215 -26.10 49.98 -60.26
CA PHE D 215 -27.49 49.72 -60.61
C PHE D 215 -28.29 50.99 -60.32
N ASN D 216 -29.40 51.14 -61.03
CA ASN D 216 -30.35 52.20 -60.79
C ASN D 216 -31.55 51.64 -60.05
N ARG D 217 -31.92 52.29 -58.94
CA ARG D 217 -33.05 51.81 -58.15
C ARG D 217 -34.32 51.84 -58.99
N GLY D 218 -35.04 50.72 -59.01
CA GLY D 218 -36.27 50.58 -59.75
C GLY D 218 -36.11 49.88 -61.08
N GLU D 219 -34.91 49.86 -61.65
CA GLU D 219 -34.66 49.23 -62.94
C GLU D 219 -34.11 47.83 -62.75
N CYS D 220 -34.29 46.99 -63.78
CA CYS D 220 -33.78 45.63 -63.73
C CYS D 220 -32.25 45.64 -63.71
N SER D 221 -31.68 44.87 -62.79
CA SER D 221 -30.24 44.82 -62.61
C SER D 221 -29.72 43.39 -62.72
N GLN E 1 -6.40 -15.01 23.67
CA GLN E 1 -5.57 -16.21 23.71
C GLN E 1 -6.39 -17.44 24.08
N VAL E 2 -5.95 -18.60 23.60
CA VAL E 2 -6.65 -19.85 23.85
C VAL E 2 -6.14 -20.44 25.17
N GLN E 3 -7.00 -21.23 25.82
CA GLN E 3 -6.67 -21.79 27.12
C GLN E 3 -7.51 -23.04 27.35
N LEU E 4 -6.91 -24.01 28.04
CA LEU E 4 -7.59 -25.23 28.45
C LEU E 4 -7.41 -25.39 29.96
N VAL E 5 -8.51 -25.64 30.67
CA VAL E 5 -8.49 -25.85 32.11
C VAL E 5 -9.13 -27.20 32.39
N GLN E 6 -8.38 -28.09 33.04
CA GLN E 6 -8.83 -29.43 33.36
C GLN E 6 -9.35 -29.48 34.80
N SER E 7 -10.09 -30.55 35.08
CA SER E 7 -10.57 -30.83 36.43
C SER E 7 -10.96 -32.31 36.50
N GLY E 8 -11.07 -32.80 37.73
CA GLY E 8 -11.33 -34.21 37.97
C GLY E 8 -10.08 -34.96 38.36
N GLY E 9 -10.19 -36.28 38.37
CA GLY E 9 -9.08 -37.15 38.67
C GLY E 9 -9.02 -37.55 40.13
N GLY E 10 -7.84 -38.01 40.52
CA GLY E 10 -7.57 -38.39 41.89
C GLY E 10 -7.30 -39.88 42.05
N LEU E 11 -7.47 -40.34 43.28
CA LEU E 11 -7.21 -41.73 43.62
C LEU E 11 -8.43 -42.60 43.28
N ILE E 12 -8.17 -43.74 42.66
CA ILE E 12 -9.23 -44.68 42.32
C ILE E 12 -8.66 -46.09 42.42
N GLN E 13 -9.53 -47.05 42.69
CA GLN E 13 -9.12 -48.44 42.80
C GLN E 13 -9.34 -49.17 41.47
N PRO E 14 -8.59 -50.25 41.22
CA PRO E 14 -8.74 -50.95 39.95
C PRO E 14 -10.18 -51.38 39.70
N GLY E 15 -10.59 -51.29 38.43
CA GLY E 15 -11.96 -51.55 38.04
C GLY E 15 -12.89 -50.36 38.16
N GLY E 16 -12.47 -49.29 38.84
CA GLY E 16 -13.30 -48.12 39.02
C GLY E 16 -13.34 -47.23 37.79
N SER E 17 -14.04 -46.11 37.93
CA SER E 17 -14.24 -45.18 36.84
C SER E 17 -14.05 -43.75 37.30
N LEU E 18 -13.44 -42.94 36.43
CA LEU E 18 -13.26 -41.52 36.66
C LEU E 18 -13.68 -40.76 35.41
N ARG E 19 -14.10 -39.51 35.59
CA ARG E 19 -14.46 -38.64 34.47
C ARG E 19 -13.62 -37.38 34.56
N LEU E 20 -12.74 -37.18 33.58
CA LEU E 20 -11.95 -35.97 33.48
C LEU E 20 -12.64 -34.99 32.54
N SER E 21 -12.59 -33.71 32.88
CA SER E 21 -13.19 -32.65 32.07
C SER E 21 -12.11 -31.67 31.63
N CYS E 22 -12.30 -31.10 30.44
CA CYS E 22 -11.37 -30.15 29.86
C CYS E 22 -12.16 -29.00 29.27
N ALA E 23 -12.14 -27.85 29.95
CA ALA E 23 -12.89 -26.68 29.54
C ALA E 23 -12.01 -25.76 28.70
N ALA E 24 -12.52 -25.35 27.54
CA ALA E 24 -11.77 -24.51 26.61
C ALA E 24 -12.31 -23.08 26.62
N SER E 25 -11.42 -22.14 26.31
CA SER E 25 -11.78 -20.74 26.12
C SER E 25 -10.91 -20.17 25.02
N GLY E 26 -11.46 -19.21 24.28
CA GLY E 26 -10.76 -18.61 23.16
C GLY E 26 -10.94 -19.33 21.84
N PHE E 27 -11.45 -20.55 21.84
CA PHE E 27 -11.77 -21.27 20.62
C PHE E 27 -12.91 -22.23 20.92
N THR E 28 -13.50 -22.77 19.85
CA THR E 28 -14.67 -23.62 19.95
C THR E 28 -14.25 -25.09 19.84
N VAL E 29 -14.57 -25.87 20.87
CA VAL E 29 -14.22 -27.29 20.87
C VAL E 29 -14.89 -28.01 19.71
N SER E 30 -16.18 -27.72 19.49
CA SER E 30 -16.95 -28.43 18.48
C SER E 30 -16.46 -28.17 17.06
N LEU E 31 -15.57 -27.21 16.85
CA LEU E 31 -14.96 -26.97 15.56
C LEU E 31 -13.51 -27.44 15.50
N SER E 32 -13.04 -28.10 16.55
CA SER E 32 -11.62 -28.45 16.68
C SER E 32 -11.45 -29.96 16.78
N HIS E 33 -10.19 -30.38 16.73
CA HIS E 33 -9.78 -31.74 17.05
C HIS E 33 -9.01 -31.69 18.37
N MET E 34 -9.44 -32.50 19.34
CA MET E 34 -8.90 -32.45 20.69
C MET E 34 -8.28 -33.79 21.05
N ASN E 35 -7.07 -33.74 21.58
CA ASN E 35 -6.35 -34.93 22.03
C ASN E 35 -6.44 -35.08 23.54
N TRP E 36 -6.34 -36.32 24.00
CA TRP E 36 -6.01 -36.63 25.39
C TRP E 36 -4.67 -37.36 25.37
N VAL E 37 -3.72 -36.85 26.15
CA VAL E 37 -2.38 -37.42 26.24
C VAL E 37 -2.06 -37.66 27.71
N ARG E 38 -1.39 -38.77 28.00
CA ARG E 38 -1.08 -39.13 29.38
C ARG E 38 0.40 -39.39 29.54
N GLN E 39 0.88 -39.24 30.79
CA GLN E 39 2.29 -39.34 31.11
C GLN E 39 2.44 -40.12 32.41
N ALA E 40 2.89 -41.37 32.30
CA ALA E 40 3.15 -42.19 33.48
C ALA E 40 4.26 -41.56 34.33
N PRO E 41 4.31 -41.87 35.62
CA PRO E 41 5.32 -41.24 36.49
C PRO E 41 6.73 -41.57 36.02
N GLY E 42 7.47 -40.52 35.65
CA GLY E 42 8.85 -40.68 35.20
C GLY E 42 9.00 -41.22 33.79
N LYS E 43 7.93 -41.31 33.03
CA LYS E 43 7.97 -41.84 31.68
C LYS E 43 7.63 -40.74 30.67
N GLY E 44 7.55 -41.13 29.39
CA GLY E 44 7.31 -40.20 28.32
C GLY E 44 5.84 -39.87 28.14
N LEU E 45 5.50 -39.45 26.92
CA LEU E 45 4.15 -39.03 26.57
C LEU E 45 3.52 -40.09 25.67
N GLU E 46 2.28 -40.46 25.99
CA GLU E 46 1.53 -41.44 25.22
C GLU E 46 0.21 -40.83 24.79
N TRP E 47 -0.04 -40.84 23.49
CA TRP E 47 -1.32 -40.37 22.96
C TRP E 47 -2.41 -41.37 23.30
N VAL E 48 -3.55 -40.87 23.77
CA VAL E 48 -4.65 -41.69 24.21
C VAL E 48 -5.81 -41.67 23.22
N SER E 49 -6.18 -40.49 22.73
CA SER E 49 -7.38 -40.37 21.92
C SER E 49 -7.39 -39.03 21.21
N ILE E 50 -8.16 -38.96 20.13
CA ILE E 50 -8.44 -37.73 19.42
C ILE E 50 -9.94 -37.65 19.20
N THR E 51 -10.50 -36.44 19.27
CA THR E 51 -11.93 -36.24 19.12
C THR E 51 -12.17 -35.15 18.08
N TYR E 52 -12.92 -35.49 17.04
CA TYR E 52 -13.17 -34.58 15.93
C TYR E 52 -14.39 -33.71 16.21
N GLY E 53 -14.61 -32.73 15.32
CA GLY E 53 -15.66 -31.75 15.54
C GLY E 53 -17.05 -32.36 15.58
N ASP E 54 -17.26 -33.48 14.92
CA ASP E 54 -18.55 -34.15 14.94
C ASP E 54 -18.81 -34.90 16.23
N GLY E 55 -17.82 -35.02 17.10
CA GLY E 55 -17.95 -35.76 18.34
C GLY E 55 -17.44 -37.19 18.30
N ASN E 56 -17.07 -37.68 17.13
CA ASN E 56 -16.52 -39.02 17.03
C ASN E 56 -15.03 -39.02 17.36
N SER E 57 -14.52 -40.18 17.76
CA SER E 57 -13.19 -40.27 18.32
C SER E 57 -12.47 -41.52 17.83
N ASP E 58 -11.14 -41.42 17.78
CA ASP E 58 -10.25 -42.56 17.58
C ASP E 58 -9.40 -42.71 18.83
N TYR E 59 -9.06 -43.96 19.16
CA TYR E 59 -8.38 -44.27 20.40
C TYR E 59 -7.13 -45.10 20.14
N ALA E 60 -6.15 -44.94 21.01
CA ALA E 60 -5.01 -45.86 21.02
C ALA E 60 -5.45 -47.24 21.47
N ASP E 61 -4.72 -48.26 21.03
CA ASP E 61 -5.12 -49.64 21.30
C ASP E 61 -5.10 -49.95 22.81
N SER E 62 -4.23 -49.27 23.57
CA SER E 62 -4.10 -49.57 24.99
C SER E 62 -5.30 -49.16 25.81
N VAL E 63 -6.23 -48.37 25.26
CA VAL E 63 -7.41 -47.92 25.98
C VAL E 63 -8.71 -48.17 25.22
N LYS E 64 -8.65 -48.76 24.03
CA LYS E 64 -9.85 -48.99 23.25
C LYS E 64 -10.80 -49.93 23.99
N GLY E 65 -12.10 -49.64 23.91
CA GLY E 65 -13.11 -50.39 24.61
C GLY E 65 -13.29 -50.03 26.06
N ARG E 66 -12.43 -49.18 26.62
CA ARG E 66 -12.54 -48.76 28.00
C ARG E 66 -12.71 -47.25 28.18
N PHE E 67 -12.17 -46.44 27.28
CA PHE E 67 -12.25 -44.99 27.37
C PHE E 67 -13.26 -44.46 26.37
N THR E 68 -14.01 -43.43 26.79
CA THR E 68 -15.06 -42.84 25.97
C THR E 68 -15.04 -41.34 26.16
N ILE E 69 -15.13 -40.58 25.06
CA ILE E 69 -15.13 -39.13 25.11
C ILE E 69 -16.54 -38.63 24.80
N SER E 70 -17.03 -37.74 25.65
CA SER E 70 -18.25 -36.98 25.43
C SER E 70 -17.89 -35.49 25.41
N ARG E 71 -18.90 -34.64 25.24
CA ARG E 71 -18.66 -33.20 25.27
C ARG E 71 -19.99 -32.48 25.47
N ASP E 72 -19.88 -31.28 26.02
CA ASP E 72 -21.01 -30.37 26.23
C ASP E 72 -20.69 -29.08 25.50
N ASN E 73 -21.35 -28.86 24.35
CA ASN E 73 -21.08 -27.68 23.55
C ASN E 73 -21.44 -26.41 24.30
N SER E 74 -22.51 -26.44 25.09
CA SER E 74 -22.95 -25.26 25.83
C SER E 74 -21.85 -24.75 26.77
N LYS E 75 -21.09 -25.65 27.36
CA LYS E 75 -20.03 -25.28 28.29
C LYS E 75 -18.64 -25.37 27.66
N ASN E 76 -18.56 -25.65 26.36
CA ASN E 76 -17.28 -25.68 25.64
C ASN E 76 -16.30 -26.64 26.31
N THR E 77 -16.81 -27.79 26.75
CA THR E 77 -16.06 -28.72 27.59
C THR E 77 -16.02 -30.09 26.94
N LEU E 78 -14.89 -30.78 27.11
CA LEU E 78 -14.69 -32.13 26.63
C LEU E 78 -14.50 -33.06 27.83
N TYR E 79 -15.03 -34.27 27.74
CA TYR E 79 -15.02 -35.22 28.85
C TYR E 79 -14.36 -36.51 28.43
N LEU E 80 -13.40 -36.97 29.22
CA LEU E 80 -12.80 -38.28 29.06
C LEU E 80 -13.35 -39.20 30.15
N GLN E 81 -14.14 -40.18 29.75
CA GLN E 81 -14.73 -41.16 30.66
C GLN E 81 -13.87 -42.42 30.64
N MET E 82 -13.24 -42.72 31.77
CA MET E 82 -12.33 -43.85 31.89
C MET E 82 -13.00 -44.94 32.71
N ASN E 83 -13.24 -46.09 32.08
CA ASN E 83 -13.84 -47.24 32.74
C ASN E 83 -12.85 -48.38 32.83
N SER E 84 -13.10 -49.28 33.79
CA SER E 84 -12.28 -50.47 34.01
C SER E 84 -10.80 -50.12 34.11
N LEU E 85 -10.50 -49.17 34.99
CA LEU E 85 -9.13 -48.68 35.14
C LEU E 85 -8.24 -49.74 35.77
N ARG E 86 -6.96 -49.68 35.41
CA ARG E 86 -5.94 -50.58 35.95
C ARG E 86 -4.74 -49.77 36.41
N ALA E 87 -3.82 -50.45 37.11
CA ALA E 87 -2.68 -49.77 37.70
C ALA E 87 -1.81 -49.09 36.65
N GLU E 88 -1.68 -49.71 35.48
CA GLU E 88 -0.85 -49.12 34.42
C GLU E 88 -1.48 -47.88 33.79
N ASP E 89 -2.74 -47.58 34.10
CA ASP E 89 -3.35 -46.33 33.68
C ASP E 89 -2.94 -45.14 34.55
N THR E 90 -2.14 -45.38 35.60
CA THR E 90 -1.66 -44.31 36.45
C THR E 90 -0.78 -43.36 35.66
N ALA E 91 -1.15 -42.08 35.63
CA ALA E 91 -0.46 -41.09 34.83
C ALA E 91 -1.07 -39.72 35.12
N VAL E 92 -0.36 -38.69 34.71
CA VAL E 92 -0.95 -37.37 34.55
C VAL E 92 -1.60 -37.30 33.18
N TYR E 93 -2.86 -36.87 33.13
CA TYR E 93 -3.62 -36.83 31.89
C TYR E 93 -3.74 -35.38 31.43
N TYR E 94 -3.45 -35.16 30.14
CA TYR E 94 -3.57 -33.84 29.53
C TYR E 94 -4.61 -33.88 28.43
N CYS E 95 -5.32 -32.77 28.27
CA CYS E 95 -6.07 -32.49 27.07
C CYS E 95 -5.30 -31.44 26.27
N ALA E 96 -5.30 -31.58 24.95
CA ALA E 96 -4.57 -30.67 24.09
C ALA E 96 -5.26 -30.60 22.74
N ARG E 97 -5.32 -29.40 22.17
CA ARG E 97 -5.89 -29.24 20.85
C ARG E 97 -4.93 -29.80 19.81
N GLU E 98 -5.46 -30.62 18.89
CA GLU E 98 -4.69 -31.07 17.73
C GLU E 98 -4.87 -30.05 16.62
N TYR E 99 -4.08 -28.98 16.70
CA TYR E 99 -3.99 -28.06 15.57
C TYR E 99 -3.36 -28.78 14.38
N TYR E 100 -3.54 -28.20 13.20
CA TYR E 100 -3.08 -28.90 12.00
C TYR E 100 -1.56 -29.00 11.91
N TYR E 101 -0.81 -28.34 12.80
CA TYR E 101 0.63 -28.49 12.82
C TYR E 101 1.14 -28.88 14.21
N GLY E 102 0.29 -29.51 15.03
CA GLY E 102 0.73 -30.03 16.31
C GLY E 102 -0.21 -29.65 17.42
N MET E 103 0.21 -29.96 18.65
CA MET E 103 -0.58 -29.71 19.85
C MET E 103 -0.12 -28.37 20.43
N ASP E 104 -0.82 -27.30 20.06
CA ASP E 104 -0.38 -25.94 20.35
C ASP E 104 -0.77 -25.45 21.73
N VAL E 105 -1.92 -25.90 22.26
CA VAL E 105 -2.39 -25.46 23.58
C VAL E 105 -2.73 -26.70 24.40
N TRP E 106 -2.33 -26.68 25.67
CA TRP E 106 -2.48 -27.83 26.56
C TRP E 106 -3.21 -27.42 27.82
N GLY E 107 -3.90 -28.40 28.42
CA GLY E 107 -4.39 -28.24 29.77
C GLY E 107 -3.26 -28.35 30.77
N GLN E 108 -3.58 -28.03 32.03
CA GLN E 108 -2.55 -28.00 33.07
C GLN E 108 -2.16 -29.39 33.56
N GLY E 109 -2.98 -30.40 33.30
CA GLY E 109 -2.66 -31.74 33.73
C GLY E 109 -3.51 -32.17 34.92
N THR E 110 -3.80 -33.47 34.96
CA THR E 110 -4.66 -34.04 36.00
C THR E 110 -4.09 -35.39 36.41
N THR E 111 -3.83 -35.56 37.70
CA THR E 111 -3.27 -36.81 38.21
C THR E 111 -4.35 -37.85 38.41
N VAL E 112 -4.16 -39.02 37.82
CA VAL E 112 -5.01 -40.19 38.05
C VAL E 112 -4.13 -41.29 38.60
N THR E 113 -4.44 -41.76 39.81
CA THR E 113 -3.68 -42.81 40.47
C THR E 113 -4.60 -44.01 40.68
N VAL E 114 -4.24 -45.13 40.07
CA VAL E 114 -5.02 -46.37 40.17
C VAL E 114 -4.19 -47.37 40.96
N SER E 115 -4.68 -47.75 42.14
CA SER E 115 -3.93 -48.65 43.01
C SER E 115 -4.88 -49.29 44.00
N SER E 116 -4.56 -50.52 44.41
CA SER E 116 -5.31 -51.20 45.45
C SER E 116 -4.91 -50.78 46.85
N ALA E 117 -3.86 -49.98 46.99
CA ALA E 117 -3.38 -49.59 48.31
C ALA E 117 -4.34 -48.61 48.96
N SER E 118 -4.52 -48.75 50.27
CA SER E 118 -5.35 -47.84 51.04
C SER E 118 -4.54 -46.63 51.49
N THR E 119 -5.24 -45.52 51.73
CA THR E 119 -4.59 -44.33 52.22
C THR E 119 -3.99 -44.59 53.60
N LYS E 120 -2.74 -44.16 53.80
CA LYS E 120 -2.02 -44.48 55.02
C LYS E 120 -0.97 -43.41 55.28
N GLY E 121 -0.89 -42.95 56.53
CA GLY E 121 0.12 -42.01 56.93
C GLY E 121 1.46 -42.69 57.13
N PRO E 122 2.55 -41.92 57.09
CA PRO E 122 3.89 -42.50 57.15
C PRO E 122 4.38 -42.70 58.57
N SER E 123 5.34 -43.62 58.69
CA SER E 123 6.16 -43.75 59.88
C SER E 123 7.46 -42.99 59.64
N VAL E 124 7.87 -42.18 60.61
CA VAL E 124 9.03 -41.31 60.47
C VAL E 124 10.10 -41.80 61.44
N PHE E 125 11.29 -42.09 60.91
CA PHE E 125 12.40 -42.58 61.70
C PHE E 125 13.62 -41.70 61.49
N PRO E 126 14.42 -41.49 62.54
CA PRO E 126 15.58 -40.60 62.40
C PRO E 126 16.74 -41.26 61.67
N LEU E 127 17.41 -40.47 60.84
CA LEU E 127 18.71 -40.83 60.29
C LEU E 127 19.73 -40.04 61.10
N ALA E 128 20.15 -40.62 62.21
CA ALA E 128 20.96 -39.91 63.19
C ALA E 128 22.34 -39.60 62.64
N PRO E 129 22.91 -38.44 63.00
CA PRO E 129 24.27 -38.12 62.57
C PRO E 129 25.28 -39.07 63.21
N SER E 130 26.30 -39.42 62.44
CA SER E 130 27.29 -40.39 62.89
C SER E 130 28.12 -39.84 64.04
N SER E 131 28.57 -40.75 64.91
CA SER E 131 29.44 -40.38 66.02
C SER E 131 30.82 -39.93 65.55
N LYS E 132 31.25 -40.36 64.38
CA LYS E 132 32.60 -40.08 63.89
C LYS E 132 32.60 -39.03 62.80
N GLY E 136 34.65 -30.04 63.49
CA GLY E 136 35.61 -30.48 62.50
C GLY E 136 35.19 -30.18 61.08
N GLY E 137 34.34 -31.04 60.52
CA GLY E 137 33.85 -30.85 59.17
C GLY E 137 32.35 -30.69 59.10
N THR E 138 31.71 -31.43 58.21
CA THR E 138 30.26 -31.39 58.01
C THR E 138 29.66 -32.76 58.31
N ALA E 139 28.53 -32.76 59.00
CA ALA E 139 27.80 -33.98 59.30
C ALA E 139 26.50 -34.02 58.51
N ALA E 140 25.98 -35.23 58.32
CA ALA E 140 24.72 -35.45 57.62
C ALA E 140 23.71 -36.10 58.55
N LEU E 141 22.47 -35.63 58.50
CA LEU E 141 21.39 -36.23 59.26
C LEU E 141 20.12 -36.09 58.44
N GLY E 142 19.07 -36.79 58.88
CA GLY E 142 17.82 -36.73 58.16
C GLY E 142 16.74 -37.55 58.84
N CYS E 143 15.63 -37.70 58.13
CA CYS E 143 14.47 -38.46 58.58
C CYS E 143 14.05 -39.41 57.47
N LEU E 144 13.72 -40.64 57.85
CA LEU E 144 13.21 -41.64 56.92
C LEU E 144 11.68 -41.66 57.01
N VAL E 145 11.02 -41.40 55.89
CA VAL E 145 9.57 -41.28 55.81
C VAL E 145 9.07 -42.51 55.05
N LYS E 146 8.55 -43.49 55.78
CA LYS E 146 8.33 -44.83 55.24
C LYS E 146 6.87 -45.23 55.25
N ASP E 147 6.45 -45.90 54.17
CA ASP E 147 5.18 -46.62 54.11
C ASP E 147 3.97 -45.69 54.22
N TYR E 148 3.85 -44.80 53.25
CA TYR E 148 2.68 -43.92 53.16
C TYR E 148 2.05 -44.05 51.78
N PHE E 149 0.78 -43.64 51.70
CA PHE E 149 0.04 -43.65 50.45
C PHE E 149 -1.17 -42.74 50.61
N PRO E 150 -1.49 -41.92 49.60
CA PRO E 150 -0.69 -41.75 48.39
C PRO E 150 0.28 -40.58 48.48
N GLU E 151 0.89 -40.22 47.35
CA GLU E 151 1.70 -39.02 47.30
C GLU E 151 0.83 -37.78 47.48
N PRO E 152 1.41 -36.67 47.97
CA PRO E 152 2.80 -36.50 48.39
C PRO E 152 2.96 -36.32 49.91
N VAL E 153 4.20 -36.38 50.37
CA VAL E 153 4.55 -35.91 51.70
C VAL E 153 5.52 -34.75 51.54
N THR E 154 5.53 -33.86 52.52
CA THR E 154 6.48 -32.77 52.59
C THR E 154 7.24 -32.85 53.91
N VAL E 155 8.50 -32.45 53.88
CA VAL E 155 9.34 -32.41 55.07
C VAL E 155 9.98 -31.03 55.14
N SER E 156 9.71 -30.31 56.23
CA SER E 156 10.47 -29.11 56.58
C SER E 156 11.37 -29.44 57.75
N TRP E 157 12.36 -28.58 57.97
CA TRP E 157 13.32 -28.75 59.04
C TRP E 157 13.28 -27.54 59.95
N ASN E 158 13.09 -27.80 61.25
CA ASN E 158 12.98 -26.74 62.25
C ASN E 158 11.89 -25.73 61.87
N SER E 159 10.78 -26.25 61.34
CA SER E 159 9.62 -25.45 60.97
C SER E 159 9.95 -24.39 59.92
N GLY E 160 10.94 -24.69 59.06
CA GLY E 160 11.31 -23.81 57.97
C GLY E 160 12.60 -23.03 58.18
N ALA E 161 13.13 -22.98 59.40
CA ALA E 161 14.33 -22.19 59.66
C ALA E 161 15.58 -22.81 59.04
N LEU E 162 15.54 -24.10 58.69
CA LEU E 162 16.68 -24.80 58.11
C LEU E 162 16.33 -25.16 56.66
N THR E 163 16.99 -24.50 55.71
CA THR E 163 16.72 -24.72 54.30
C THR E 163 17.98 -25.05 53.52
N SER E 164 19.11 -24.46 53.91
CA SER E 164 20.36 -24.67 53.20
C SER E 164 20.83 -26.11 53.37
N GLY E 165 21.14 -26.76 52.24
CA GLY E 165 21.64 -28.11 52.28
C GLY E 165 20.60 -29.19 52.47
N VAL E 166 19.32 -28.85 52.40
CA VAL E 166 18.26 -29.84 52.56
C VAL E 166 18.04 -30.54 51.23
N HIS E 167 17.99 -31.87 51.26
CA HIS E 167 17.66 -32.68 50.10
C HIS E 167 16.54 -33.63 50.49
N THR E 168 15.34 -33.40 49.95
CA THR E 168 14.21 -34.30 50.12
C THR E 168 14.06 -35.10 48.84
N PHE E 169 14.39 -36.38 48.88
CA PHE E 169 14.49 -37.18 47.67
C PHE E 169 13.09 -37.48 47.12
N PRO E 170 12.98 -37.67 45.80
CA PRO E 170 11.72 -38.16 45.24
C PRO E 170 11.33 -39.49 45.86
N ALA E 171 10.03 -39.66 46.08
CA ALA E 171 9.54 -40.89 46.67
C ALA E 171 9.77 -42.07 45.72
N VAL E 172 9.95 -43.24 46.30
CA VAL E 172 10.06 -44.49 45.56
C VAL E 172 8.85 -45.34 45.89
N LEU E 173 8.30 -46.00 44.89
CA LEU E 173 7.19 -46.93 45.09
C LEU E 173 7.75 -48.30 45.46
N GLN E 174 7.44 -48.75 46.67
CA GLN E 174 7.91 -50.05 47.13
C GLN E 174 7.02 -51.17 46.59
N SER E 175 7.52 -52.40 46.70
CA SER E 175 6.76 -53.55 46.22
C SER E 175 5.45 -53.73 46.97
N SER E 176 5.34 -53.20 48.19
CA SER E 176 4.11 -53.25 48.94
C SER E 176 3.02 -52.34 48.39
N GLY E 177 3.36 -51.45 47.44
CA GLY E 177 2.44 -50.45 46.96
C GLY E 177 2.47 -49.15 47.72
N LEU E 178 3.22 -49.08 48.82
CA LEU E 178 3.37 -47.86 49.60
C LEU E 178 4.61 -47.11 49.18
N TYR E 179 4.59 -45.80 49.37
CA TYR E 179 5.72 -44.95 49.03
C TYR E 179 6.65 -44.79 50.23
N SER E 180 7.90 -44.48 49.93
CA SER E 180 8.89 -44.21 50.97
C SER E 180 9.85 -43.15 50.47
N LEU E 181 10.43 -42.42 51.41
CA LEU E 181 11.17 -41.21 51.08
C LEU E 181 12.12 -40.90 52.23
N SER E 182 13.23 -40.23 51.90
CA SER E 182 14.15 -39.71 52.89
C SER E 182 14.43 -38.24 52.58
N SER E 183 14.51 -37.43 53.64
CA SER E 183 14.94 -36.04 53.55
C SER E 183 16.16 -35.86 54.45
N VAL E 184 17.25 -35.37 53.86
CA VAL E 184 18.53 -35.25 54.56
C VAL E 184 18.98 -33.80 54.53
N VAL E 185 19.95 -33.50 55.39
CA VAL E 185 20.55 -32.17 55.46
C VAL E 185 21.97 -32.30 55.98
N THR E 186 22.87 -31.50 55.43
CA THR E 186 24.24 -31.42 55.91
C THR E 186 24.40 -30.17 56.75
N VAL E 187 25.03 -30.32 57.91
CA VAL E 187 25.21 -29.22 58.86
C VAL E 187 26.65 -29.25 59.37
N PRO E 188 27.11 -28.15 59.95
CA PRO E 188 28.40 -28.18 60.65
C PRO E 188 28.36 -29.18 61.80
N SER E 189 29.40 -30.01 61.89
CA SER E 189 29.48 -30.99 62.98
C SER E 189 29.60 -30.29 64.34
N SER E 190 30.11 -29.05 64.34
CA SER E 190 30.20 -28.30 65.59
C SER E 190 28.82 -28.02 66.18
N SER E 191 27.80 -27.96 65.34
CA SER E 191 26.44 -27.65 65.80
C SER E 191 25.73 -28.84 66.43
N LEU E 192 26.32 -30.04 66.38
CA LEU E 192 25.58 -31.24 66.74
C LEU E 192 25.22 -31.27 68.21
N GLY E 193 26.10 -30.76 69.08
CA GLY E 193 25.82 -30.77 70.51
C GLY E 193 25.13 -29.56 71.05
N THR E 194 24.78 -28.60 70.20
CA THR E 194 24.19 -27.34 70.63
C THR E 194 22.92 -26.95 69.89
N GLN E 195 22.67 -27.49 68.70
CA GLN E 195 21.51 -27.13 67.89
C GLN E 195 20.62 -28.36 67.70
N THR E 196 19.35 -28.23 68.07
CA THR E 196 18.41 -29.32 67.89
C THR E 196 17.86 -29.31 66.47
N TYR E 197 17.65 -30.50 65.93
CA TYR E 197 17.16 -30.68 64.56
C TYR E 197 15.88 -31.50 64.59
N ILE E 198 14.82 -30.93 64.04
CA ILE E 198 13.51 -31.58 63.99
C ILE E 198 13.01 -31.55 62.57
N CYS E 199 12.56 -32.70 62.07
CA CYS E 199 11.91 -32.79 60.77
C CYS E 199 10.41 -32.76 60.97
N ASN E 200 9.73 -31.90 60.21
CA ASN E 200 8.28 -31.75 60.27
C ASN E 200 7.68 -32.39 59.03
N VAL E 201 7.04 -33.54 59.22
CA VAL E 201 6.53 -34.34 58.11
C VAL E 201 5.02 -34.16 58.02
N ASN E 202 4.53 -33.81 56.84
CA ASN E 202 3.11 -33.61 56.59
C ASN E 202 2.65 -34.53 55.47
N HIS E 203 1.58 -35.28 55.73
CA HIS E 203 0.92 -36.12 54.73
C HIS E 203 -0.56 -35.77 54.76
N LYS E 204 -0.94 -34.80 53.93
CA LYS E 204 -2.30 -34.29 53.97
C LYS E 204 -3.37 -35.31 53.57
N PRO E 205 -3.15 -36.22 52.61
CA PRO E 205 -4.23 -37.18 52.29
C PRO E 205 -4.68 -38.02 53.48
N SER E 206 -3.82 -38.26 54.46
CA SER E 206 -4.19 -38.95 55.69
C SER E 206 -4.30 -38.00 56.87
N ASN E 207 -4.14 -36.70 56.65
CA ASN E 207 -4.19 -35.69 57.72
C ASN E 207 -3.21 -36.04 58.83
N THR E 208 -1.98 -36.37 58.44
CA THR E 208 -0.93 -36.79 59.37
C THR E 208 0.13 -35.71 59.47
N LYS E 209 0.54 -35.42 60.70
CA LYS E 209 1.62 -34.48 60.98
C LYS E 209 2.51 -35.09 62.05
N VAL E 210 3.81 -35.24 61.74
CA VAL E 210 4.77 -35.84 62.66
C VAL E 210 5.96 -34.92 62.78
N ASP E 211 6.35 -34.61 64.02
CA ASP E 211 7.61 -33.92 64.31
C ASP E 211 8.54 -34.93 64.96
N LYS E 212 9.72 -35.12 64.37
CA LYS E 212 10.68 -36.12 64.83
C LYS E 212 12.01 -35.44 65.11
N LYS E 213 12.43 -35.46 66.37
CA LYS E 213 13.73 -34.92 66.74
C LYS E 213 14.84 -35.88 66.30
N VAL E 214 15.86 -35.34 65.64
CA VAL E 214 16.99 -36.12 65.16
C VAL E 214 18.22 -35.69 65.95
N GLU E 215 18.78 -36.61 66.71
CA GLU E 215 19.88 -36.31 67.62
C GLU E 215 20.91 -37.43 67.55
N PRO E 216 22.15 -37.15 67.92
CA PRO E 216 23.17 -38.20 67.92
C PRO E 216 22.85 -39.28 68.94
N LYS E 217 23.11 -40.53 68.56
CA LYS E 217 22.89 -41.65 69.45
C LYS E 217 24.00 -41.74 70.50
N SER E 218 23.62 -42.17 71.70
CA SER E 218 24.56 -42.26 72.81
C SER E 218 25.42 -43.52 72.70
N ASP F 1 2.31 -48.35 13.01
CA ASP F 1 2.65 -47.24 13.90
C ASP F 1 4.02 -46.67 13.56
N ILE F 2 4.14 -45.35 13.66
CA ILE F 2 5.39 -44.66 13.37
C ILE F 2 6.14 -44.49 14.68
N VAL F 3 7.30 -45.14 14.77
CA VAL F 3 8.09 -45.15 16.00
C VAL F 3 9.10 -44.01 15.96
N MET F 4 9.10 -43.18 16.99
CA MET F 4 10.03 -42.06 17.11
C MET F 4 11.12 -42.41 18.12
N THR F 5 12.36 -42.24 17.72
CA THR F 5 13.51 -42.52 18.56
C THR F 5 14.37 -41.27 18.70
N GLN F 6 14.65 -40.88 19.94
CA GLN F 6 15.46 -39.71 20.23
C GLN F 6 16.85 -40.12 20.71
N SER F 7 17.80 -39.22 20.53
CA SER F 7 19.18 -39.47 20.89
C SER F 7 19.91 -38.16 21.15
N PRO F 8 20.63 -38.03 22.27
CA PRO F 8 20.73 -39.06 23.31
C PRO F 8 19.59 -38.98 24.30
N ASP F 9 19.52 -39.95 25.23
CA ASP F 9 18.49 -39.91 26.26
C ASP F 9 18.74 -38.77 27.25
N SER F 10 20.01 -38.44 27.50
CA SER F 10 20.38 -37.35 28.37
C SER F 10 21.53 -36.58 27.72
N LEU F 11 21.57 -35.27 27.97
CA LEU F 11 22.59 -34.42 27.38
C LEU F 11 22.95 -33.31 28.36
N ALA F 12 24.24 -33.10 28.59
CA ALA F 12 24.74 -32.05 29.45
C ALA F 12 25.51 -31.04 28.62
N VAL F 13 25.14 -29.76 28.74
CA VAL F 13 25.73 -28.69 27.96
C VAL F 13 26.06 -27.54 28.89
N SER F 14 27.24 -26.93 28.70
CA SER F 14 27.63 -25.78 29.48
C SER F 14 26.78 -24.56 29.10
N LEU F 15 26.64 -23.64 30.05
CA LEU F 15 25.85 -22.44 29.82
C LEU F 15 26.44 -21.63 28.68
N GLY F 16 25.58 -21.19 27.76
CA GLY F 16 26.01 -20.43 26.61
C GLY F 16 26.54 -21.24 25.46
N GLU F 17 26.68 -22.56 25.61
CA GLU F 17 27.17 -23.42 24.55
C GLU F 17 26.01 -24.03 23.77
N ARG F 18 26.36 -24.66 22.64
CA ARG F 18 25.38 -25.18 21.71
C ARG F 18 24.92 -26.58 22.11
N ALA F 19 23.63 -26.86 21.92
CA ALA F 19 23.04 -28.15 22.24
C ALA F 19 22.26 -28.66 21.03
N THR F 20 22.50 -29.91 20.66
CA THR F 20 21.80 -30.55 19.55
C THR F 20 21.15 -31.84 20.03
N ILE F 21 19.89 -32.03 19.64
CA ILE F 21 19.11 -33.22 19.97
C ILE F 21 18.59 -33.79 18.66
N ASN F 22 18.59 -35.11 18.56
CA ASN F 22 18.25 -35.80 17.32
C ASN F 22 16.99 -36.62 17.51
N CYS F 23 16.18 -36.68 16.46
CA CYS F 23 14.99 -37.52 16.45
C CYS F 23 14.87 -38.22 15.11
N LYS F 24 14.60 -39.52 15.14
CA LYS F 24 14.49 -40.35 13.96
C LYS F 24 13.14 -41.07 13.96
N SER F 25 12.55 -41.19 12.77
CA SER F 25 11.26 -41.85 12.63
C SER F 25 11.43 -43.16 11.86
N SER F 26 10.60 -44.15 12.21
CA SER F 26 10.64 -45.43 11.52
C SER F 26 10.10 -45.33 10.10
N GLN F 27 9.26 -44.34 9.81
CA GLN F 27 8.78 -44.07 8.46
C GLN F 27 8.94 -42.59 8.17
N SER F 28 8.99 -42.25 6.88
CA SER F 28 9.14 -40.87 6.47
C SER F 28 7.86 -40.09 6.77
N VAL F 29 8.02 -38.93 7.41
CA VAL F 29 6.90 -38.04 7.66
C VAL F 29 6.90 -36.88 6.66
N LEU F 30 7.56 -37.04 5.52
CA LEU F 30 7.57 -36.05 4.46
C LEU F 30 6.39 -36.32 3.52
N TYR F 31 5.49 -35.34 3.43
CA TYR F 31 4.32 -35.44 2.55
C TYR F 31 4.67 -34.87 1.19
N SER F 32 4.62 -35.70 0.16
CA SER F 32 5.04 -35.28 -1.17
C SER F 32 4.12 -34.24 -1.79
N SER F 33 2.87 -34.14 -1.31
CA SER F 33 1.93 -33.24 -1.95
C SER F 33 2.22 -31.78 -1.62
N ASN F 34 2.61 -31.49 -0.37
CA ASN F 34 2.93 -30.14 0.03
C ASN F 34 4.38 -29.95 0.46
N ASN F 35 5.19 -31.01 0.41
CA ASN F 35 6.62 -30.95 0.75
C ASN F 35 6.83 -30.44 2.18
N LYS F 36 5.97 -30.89 3.09
CA LYS F 36 6.05 -30.52 4.50
C LYS F 36 6.36 -31.74 5.34
N ASN F 37 7.26 -31.56 6.31
CA ASN F 37 7.58 -32.61 7.27
C ASN F 37 6.65 -32.48 8.46
N TYR F 38 5.85 -33.52 8.71
CA TYR F 38 4.86 -33.50 9.79
C TYR F 38 5.54 -33.92 11.09
N LEU F 39 6.38 -33.02 11.61
CA LEU F 39 7.12 -33.26 12.84
C LEU F 39 7.08 -32.02 13.71
N ALA F 40 7.01 -32.23 15.02
CA ALA F 40 6.95 -31.14 15.99
C ALA F 40 7.90 -31.43 17.15
N TRP F 41 8.38 -30.35 17.77
CA TRP F 41 9.25 -30.44 18.95
C TRP F 41 8.55 -29.77 20.12
N TYR F 42 8.69 -30.37 21.31
CA TYR F 42 8.06 -29.86 22.51
C TYR F 42 9.09 -29.72 23.63
N GLN F 43 8.84 -28.75 24.50
CA GLN F 43 9.64 -28.54 25.70
C GLN F 43 8.76 -28.72 26.92
N GLN F 44 9.16 -29.61 27.84
CA GLN F 44 8.41 -29.87 29.04
C GLN F 44 9.30 -29.69 30.26
N LYS F 45 8.87 -28.87 31.18
CA LYS F 45 9.48 -28.66 32.48
C LYS F 45 8.66 -29.36 33.56
N PRO F 46 9.27 -29.74 34.68
CA PRO F 46 8.56 -30.53 35.69
C PRO F 46 7.30 -29.82 36.19
N GLY F 47 6.22 -30.59 36.31
CA GLY F 47 4.96 -30.06 36.77
C GLY F 47 4.19 -29.24 35.77
N GLN F 48 4.60 -29.24 34.51
CA GLN F 48 4.00 -28.44 33.47
C GLN F 48 3.67 -29.32 32.26
N PRO F 49 2.70 -28.93 31.45
CA PRO F 49 2.47 -29.62 30.20
C PRO F 49 3.57 -29.30 29.20
N PRO F 50 3.74 -30.12 28.16
CA PRO F 50 4.70 -29.78 27.11
C PRO F 50 4.30 -28.48 26.41
N LYS F 51 5.30 -27.81 25.85
CA LYS F 51 5.12 -26.52 25.19
C LYS F 51 5.60 -26.65 23.75
N LEU F 52 4.70 -26.41 22.80
CA LEU F 52 5.05 -26.52 21.39
C LEU F 52 6.12 -25.48 21.04
N LEU F 53 7.27 -25.97 20.59
CA LEU F 53 8.38 -25.11 20.20
C LEU F 53 8.50 -24.95 18.69
N ILE F 54 8.54 -26.06 17.96
CA ILE F 54 8.78 -26.05 16.52
C ILE F 54 7.82 -27.02 15.86
N TYR F 55 7.28 -26.62 14.71
CA TYR F 55 6.45 -27.48 13.88
C TYR F 55 6.91 -27.37 12.43
N TRP F 56 6.37 -28.27 11.60
CA TRP F 56 6.86 -28.46 10.22
C TRP F 56 8.38 -28.66 10.22
N ALA F 57 8.89 -29.27 11.29
CA ALA F 57 10.31 -29.59 11.49
C ALA F 57 11.18 -28.37 11.69
N SER F 58 10.81 -27.21 11.11
CA SER F 58 11.69 -26.05 11.12
C SER F 58 11.02 -24.73 11.48
N THR F 59 9.70 -24.68 11.62
CA THR F 59 9.00 -23.42 11.89
C THR F 59 8.86 -23.20 13.39
N ARG F 60 9.29 -22.03 13.85
CA ARG F 60 9.23 -21.70 15.28
C ARG F 60 7.85 -21.23 15.65
N GLU F 61 7.31 -21.76 16.74
CA GLU F 61 6.08 -21.23 17.31
C GLU F 61 6.29 -19.79 17.74
N SER F 62 5.21 -19.00 17.70
CA SER F 62 5.32 -17.59 18.07
C SER F 62 5.78 -17.44 19.52
N GLY F 63 6.67 -16.48 19.74
CA GLY F 63 7.20 -16.24 21.06
C GLY F 63 8.36 -17.14 21.46
N VAL F 64 8.75 -18.08 20.62
CA VAL F 64 9.91 -18.94 20.92
C VAL F 64 11.19 -18.18 20.56
N PRO F 65 12.16 -18.11 21.46
CA PRO F 65 13.35 -17.29 21.22
C PRO F 65 14.14 -17.77 20.01
N ASP F 66 14.97 -16.86 19.48
CA ASP F 66 15.70 -17.13 18.24
C ASP F 66 16.68 -18.28 18.38
N ARG F 67 17.16 -18.56 19.60
CA ARG F 67 18.18 -19.58 19.77
C ARG F 67 17.66 -21.00 19.51
N PHE F 68 16.35 -21.19 19.47
CA PHE F 68 15.78 -22.49 19.13
C PHE F 68 15.60 -22.61 17.63
N SER F 69 15.99 -23.77 17.09
CA SER F 69 15.89 -24.00 15.65
C SER F 69 15.80 -25.50 15.39
N GLY F 70 15.10 -25.84 14.31
CA GLY F 70 14.95 -27.23 13.92
C GLY F 70 15.33 -27.42 12.47
N SER F 71 15.77 -28.64 12.15
CA SER F 71 16.21 -28.97 10.81
C SER F 71 15.95 -30.45 10.56
N GLY F 72 16.36 -30.92 9.39
CA GLY F 72 16.16 -32.30 8.99
C GLY F 72 14.97 -32.48 8.08
N SER F 73 14.89 -33.67 7.50
CA SER F 73 13.83 -33.98 6.55
C SER F 73 13.63 -35.49 6.50
N GLY F 74 12.44 -35.89 6.03
CA GLY F 74 12.12 -37.29 5.87
C GLY F 74 12.01 -38.06 7.17
N THR F 75 13.10 -38.71 7.58
CA THR F 75 13.12 -39.53 8.78
C THR F 75 14.08 -39.06 9.86
N ASP F 76 14.92 -38.06 9.57
CA ASP F 76 15.96 -37.64 10.50
C ASP F 76 15.84 -36.14 10.75
N PHE F 77 15.71 -35.77 12.03
CA PHE F 77 15.48 -34.38 12.40
C PHE F 77 16.38 -34.02 13.57
N THR F 78 16.56 -32.70 13.77
CA THR F 78 17.48 -32.19 14.78
C THR F 78 16.92 -30.93 15.39
N LEU F 79 16.98 -30.84 16.71
CA LEU F 79 16.64 -29.63 17.44
C LEU F 79 17.91 -29.02 18.01
N THR F 80 18.13 -27.74 17.74
CA THR F 80 19.36 -27.06 18.12
C THR F 80 19.05 -25.85 19.01
N ILE F 81 19.78 -25.73 20.12
CA ILE F 81 19.81 -24.52 20.93
C ILE F 81 21.19 -23.91 20.73
N SER F 82 21.25 -22.76 20.06
CA SER F 82 22.53 -22.21 19.65
C SER F 82 23.36 -21.74 20.84
N SER F 83 22.71 -21.25 21.90
CA SER F 83 23.43 -20.82 23.10
C SER F 83 22.53 -21.11 24.30
N LEU F 84 22.91 -22.10 25.10
CA LEU F 84 22.05 -22.60 26.16
C LEU F 84 21.88 -21.58 27.27
N GLN F 85 20.62 -21.35 27.66
CA GLN F 85 20.29 -20.58 28.84
C GLN F 85 19.85 -21.52 29.96
N ALA F 86 19.93 -21.02 31.21
CA ALA F 86 19.52 -21.83 32.34
C ALA F 86 18.05 -22.20 32.26
N GLU F 87 17.22 -21.32 31.69
CA GLU F 87 15.79 -21.59 31.54
C GLU F 87 15.49 -22.63 30.46
N ASP F 88 16.51 -23.15 29.78
CA ASP F 88 16.32 -24.16 28.76
C ASP F 88 16.48 -25.58 29.30
N VAL F 89 16.84 -25.74 30.57
CA VAL F 89 16.92 -27.06 31.18
C VAL F 89 15.52 -27.63 31.28
N ALA F 90 15.26 -28.70 30.54
CA ALA F 90 13.95 -29.32 30.46
C ALA F 90 14.12 -30.66 29.75
N VAL F 91 13.01 -31.31 29.43
CA VAL F 91 12.99 -32.52 28.62
C VAL F 91 12.33 -32.17 27.29
N TYR F 92 12.95 -32.59 26.19
CA TYR F 92 12.49 -32.22 24.85
C TYR F 92 11.97 -33.45 24.14
N TYR F 93 10.76 -33.36 23.59
CA TYR F 93 10.12 -34.47 22.91
C TYR F 93 9.94 -34.14 21.44
N CYS F 94 10.14 -35.11 20.56
CA CYS F 94 9.67 -34.96 19.18
C CYS F 94 8.36 -35.71 19.03
N GLN F 95 7.64 -35.38 17.96
CA GLN F 95 6.32 -35.96 17.73
C GLN F 95 6.00 -35.87 16.26
N GLN F 96 5.51 -36.98 15.70
CA GLN F 96 4.96 -36.99 14.37
C GLN F 96 3.45 -36.81 14.44
N TYR F 97 2.92 -35.97 13.58
CA TYR F 97 1.48 -35.84 13.37
C TYR F 97 1.14 -36.18 11.92
N TYR F 98 1.81 -37.20 11.40
CA TYR F 98 1.61 -37.66 10.03
C TYR F 98 0.46 -38.65 9.92
N SER F 99 0.27 -39.50 10.93
CA SER F 99 -0.80 -40.48 10.91
C SER F 99 -1.07 -40.97 12.33
N LEU F 100 -2.26 -41.53 12.52
CA LEU F 100 -2.61 -42.16 13.78
C LEU F 100 -1.96 -43.54 13.87
N PRO F 101 -1.54 -43.96 15.08
CA PRO F 101 -1.62 -43.19 16.32
C PRO F 101 -0.52 -42.13 16.44
N LEU F 102 -0.85 -40.98 17.01
CA LEU F 102 0.17 -39.97 17.26
C LEU F 102 1.18 -40.50 18.25
N THR F 103 2.46 -40.32 17.95
CA THR F 103 3.52 -40.91 18.74
C THR F 103 4.62 -39.88 19.01
N PHE F 104 5.15 -39.91 20.23
CA PHE F 104 6.26 -39.06 20.62
C PHE F 104 7.55 -39.87 20.68
N GLY F 105 8.67 -39.15 20.69
CA GLY F 105 9.93 -39.77 21.01
C GLY F 105 10.04 -40.07 22.50
N GLY F 106 11.13 -40.75 22.87
CA GLY F 106 11.34 -41.09 24.27
C GLY F 106 11.69 -39.91 25.14
N GLY F 107 12.08 -38.80 24.55
CA GLY F 107 12.43 -37.62 25.31
C GLY F 107 13.92 -37.52 25.55
N THR F 108 14.42 -36.29 25.61
CA THR F 108 15.82 -36.00 25.88
C THR F 108 15.91 -34.96 26.97
N LYS F 109 16.50 -35.33 28.10
CA LYS F 109 16.67 -34.40 29.22
C LYS F 109 17.94 -33.59 29.01
N LEU F 110 17.79 -32.26 28.98
CA LEU F 110 18.89 -31.34 28.80
C LEU F 110 19.26 -30.73 30.14
N GLU F 111 20.55 -30.83 30.50
CA GLU F 111 21.00 -30.41 31.82
C GLU F 111 22.28 -29.59 31.69
N ILE F 112 22.60 -28.89 32.78
CA ILE F 112 23.77 -28.01 32.82
C ILE F 112 25.03 -28.84 33.04
N LYS F 113 26.06 -28.59 32.24
CA LYS F 113 27.35 -29.22 32.42
C LYS F 113 28.22 -28.38 33.34
N ARG F 114 28.89 -29.05 34.27
CA ARG F 114 29.79 -28.38 35.21
C ARG F 114 31.01 -29.27 35.43
N THR F 115 31.90 -28.83 36.32
CA THR F 115 33.08 -29.62 36.63
C THR F 115 32.71 -30.84 37.47
N VAL F 116 33.59 -31.83 37.45
CA VAL F 116 33.40 -33.04 38.24
C VAL F 116 33.44 -32.69 39.73
N ALA F 117 32.53 -33.29 40.49
CA ALA F 117 32.50 -33.11 41.94
C ALA F 117 32.29 -34.47 42.58
N ALA F 118 33.24 -34.89 43.40
CA ALA F 118 33.11 -36.17 44.10
C ALA F 118 32.03 -36.06 45.18
N PRO F 119 31.29 -37.14 45.41
CA PRO F 119 30.27 -37.11 46.46
C PRO F 119 30.87 -37.32 47.84
N SER F 120 30.24 -36.70 48.83
CA SER F 120 30.47 -37.04 50.22
C SER F 120 29.49 -38.14 50.61
N VAL F 121 30.03 -39.25 51.12
CA VAL F 121 29.24 -40.45 51.37
C VAL F 121 28.97 -40.59 52.86
N PHE F 122 27.73 -40.93 53.20
CA PHE F 122 27.31 -41.19 54.57
C PHE F 122 26.47 -42.45 54.59
N ILE F 123 26.61 -43.25 55.64
CA ILE F 123 25.81 -44.44 55.85
C ILE F 123 25.03 -44.28 57.15
N PHE F 124 23.79 -44.73 57.15
CA PHE F 124 22.90 -44.61 58.31
C PHE F 124 22.36 -45.97 58.67
N PRO F 125 22.67 -46.50 59.85
CA PRO F 125 22.08 -47.76 60.28
C PRO F 125 20.60 -47.58 60.58
N PRO F 126 19.83 -48.66 60.68
CA PRO F 126 18.43 -48.53 61.07
C PRO F 126 18.30 -48.03 62.51
N SER F 127 17.29 -47.20 62.74
CA SER F 127 17.05 -46.71 64.09
C SER F 127 16.47 -47.82 64.96
N ASP F 128 16.68 -47.69 66.27
CA ASP F 128 16.08 -48.63 67.20
C ASP F 128 14.56 -48.59 67.13
N GLU F 129 13.99 -47.43 66.85
CA GLU F 129 12.54 -47.33 66.73
C GLU F 129 12.01 -48.15 65.56
N GLN F 130 12.69 -48.10 64.41
CA GLN F 130 12.27 -48.90 63.28
C GLN F 130 12.51 -50.38 63.52
N LEU F 131 13.55 -50.74 64.28
CA LEU F 131 13.80 -52.14 64.56
C LEU F 131 12.66 -52.76 65.35
N LYS F 132 12.05 -51.99 66.26
CA LYS F 132 10.88 -52.47 66.97
C LYS F 132 9.69 -52.67 66.04
N SER F 133 9.71 -52.07 64.84
CA SER F 133 8.67 -52.30 63.85
C SER F 133 8.80 -53.65 63.17
N GLY F 134 9.98 -54.27 63.23
CA GLY F 134 10.23 -55.51 62.54
C GLY F 134 10.91 -55.37 61.20
N THR F 135 11.29 -54.16 60.80
CA THR F 135 11.93 -53.90 59.53
C THR F 135 13.16 -53.03 59.77
N ALA F 136 14.19 -53.25 58.96
CA ALA F 136 15.42 -52.48 59.02
C ALA F 136 15.72 -51.88 57.65
N SER F 137 15.94 -50.57 57.63
CA SER F 137 16.33 -49.86 56.42
C SER F 137 17.71 -49.24 56.64
N VAL F 138 18.66 -49.59 55.78
CA VAL F 138 20.01 -49.04 55.81
C VAL F 138 20.13 -48.05 54.66
N VAL F 139 20.44 -46.80 54.98
CA VAL F 139 20.46 -45.73 53.99
C VAL F 139 21.90 -45.29 53.75
N CYS F 140 22.28 -45.20 52.49
CA CYS F 140 23.55 -44.64 52.06
C CYS F 140 23.28 -43.37 51.28
N LEU F 141 23.99 -42.29 51.62
CA LEU F 141 23.75 -40.98 51.04
C LEU F 141 24.97 -40.52 50.25
N LEU F 142 24.76 -40.16 49.00
CA LEU F 142 25.75 -39.50 48.16
C LEU F 142 25.29 -38.05 47.99
N ASN F 143 26.14 -37.11 48.40
CA ASN F 143 25.73 -35.70 48.48
C ASN F 143 26.55 -34.84 47.55
N ASN F 144 25.86 -34.06 46.71
CA ASN F 144 26.45 -32.97 45.93
C ASN F 144 27.59 -33.47 45.04
N PHE F 145 27.22 -34.29 44.06
CA PHE F 145 28.20 -34.83 43.13
C PHE F 145 27.79 -34.54 41.69
N TYR F 146 28.79 -34.59 40.81
CA TYR F 146 28.59 -34.44 39.37
C TYR F 146 29.73 -35.17 38.67
N PRO F 147 29.47 -35.92 37.59
CA PRO F 147 28.16 -36.11 36.95
C PRO F 147 27.25 -37.08 37.70
N ARG F 148 26.02 -37.26 37.20
CA ARG F 148 25.02 -38.06 37.89
C ARG F 148 25.42 -39.53 37.96
N GLU F 149 26.15 -40.02 36.96
CA GLU F 149 26.47 -41.44 36.88
C GLU F 149 27.34 -41.85 38.07
N ALA F 150 26.86 -42.82 38.84
CA ALA F 150 27.58 -43.31 40.00
C ALA F 150 27.22 -44.77 40.22
N LYS F 151 28.10 -45.47 40.94
CA LYS F 151 27.94 -46.89 41.23
C LYS F 151 27.91 -47.07 42.75
N VAL F 152 26.77 -47.53 43.26
CA VAL F 152 26.57 -47.71 44.69
C VAL F 152 26.31 -49.19 44.95
N GLN F 153 27.21 -49.83 45.68
CA GLN F 153 27.13 -51.26 45.95
C GLN F 153 26.97 -51.50 47.45
N TRP F 154 26.06 -52.39 47.81
CA TRP F 154 25.87 -52.80 49.19
C TRP F 154 26.61 -54.09 49.46
N LYS F 155 27.30 -54.15 50.60
CA LYS F 155 28.02 -55.34 51.03
C LYS F 155 27.66 -55.62 52.48
N VAL F 156 27.14 -56.83 52.73
CA VAL F 156 26.72 -57.25 54.06
C VAL F 156 27.54 -58.47 54.43
N ASP F 157 28.32 -58.35 55.51
CA ASP F 157 29.29 -59.38 55.89
C ASP F 157 30.20 -59.70 54.71
N ASN F 158 30.57 -58.65 53.96
CA ASN F 158 31.47 -58.70 52.81
C ASN F 158 30.89 -59.45 51.63
N ALA F 159 29.57 -59.59 51.55
CA ALA F 159 28.90 -60.22 50.42
C ALA F 159 28.12 -59.17 49.65
N LEU F 160 28.38 -59.06 48.35
CA LEU F 160 27.68 -58.09 47.51
C LEU F 160 26.19 -58.41 47.46
N GLN F 161 25.37 -57.42 47.81
CA GLN F 161 23.92 -57.60 47.91
C GLN F 161 23.25 -56.96 46.69
N SER F 162 22.45 -57.75 45.98
CA SER F 162 21.80 -57.32 44.75
C SER F 162 20.31 -57.58 44.82
N GLY F 163 19.54 -56.76 44.12
CA GLY F 163 18.10 -56.89 44.12
C GLY F 163 17.45 -56.58 45.45
N ASN F 164 18.12 -55.84 46.32
CA ASN F 164 17.69 -55.63 47.68
C ASN F 164 17.57 -54.16 48.05
N SER F 165 17.79 -53.24 47.12
CA SER F 165 17.87 -51.83 47.43
C SER F 165 17.16 -51.02 46.36
N GLN F 166 16.81 -49.78 46.71
CA GLN F 166 16.16 -48.86 45.80
C GLN F 166 16.91 -47.53 45.84
N GLU F 167 17.17 -46.96 44.66
CA GLU F 167 17.86 -45.69 44.55
C GLU F 167 16.88 -44.56 44.26
N SER F 168 17.18 -43.39 44.79
CA SER F 168 16.46 -42.17 44.47
C SER F 168 17.47 -41.06 44.26
N VAL F 169 17.27 -40.28 43.21
CA VAL F 169 18.20 -39.21 42.84
C VAL F 169 17.42 -37.91 42.66
N THR F 170 17.97 -36.83 43.19
CA THR F 170 17.34 -35.52 43.02
C THR F 170 17.61 -34.99 41.62
N GLU F 171 16.82 -33.99 41.24
CA GLU F 171 17.10 -33.28 40.01
C GLU F 171 18.29 -32.35 40.23
N GLN F 172 18.85 -31.87 39.11
CA GLN F 172 20.05 -31.02 39.19
C GLN F 172 19.78 -29.78 40.03
N ASP F 173 20.62 -29.58 41.03
CA ASP F 173 20.46 -28.44 41.93
C ASP F 173 20.57 -27.13 41.15
N SER F 174 19.70 -26.18 41.49
CA SER F 174 19.63 -24.94 40.71
C SER F 174 20.87 -24.07 40.89
N LYS F 175 21.51 -24.14 42.05
CA LYS F 175 22.62 -23.24 42.36
C LYS F 175 23.99 -23.81 42.07
N ASP F 176 24.25 -25.09 42.40
CA ASP F 176 25.56 -25.68 42.20
C ASP F 176 25.59 -26.74 41.10
N SER F 177 24.43 -27.06 40.50
CA SER F 177 24.34 -27.99 39.38
C SER F 177 24.77 -29.41 39.75
N THR F 178 24.72 -29.78 41.02
CA THR F 178 25.09 -31.12 41.45
C THR F 178 23.84 -31.98 41.65
N TYR F 179 24.08 -33.28 41.83
CA TYR F 179 23.04 -34.23 42.16
C TYR F 179 23.32 -34.83 43.54
N SER F 180 22.26 -35.30 44.18
CA SER F 180 22.37 -36.08 45.40
C SER F 180 21.58 -37.37 45.21
N LEU F 181 22.08 -38.45 45.82
CA LEU F 181 21.50 -39.77 45.62
C LEU F 181 21.42 -40.49 46.96
N SER F 182 20.34 -41.25 47.14
CA SER F 182 20.18 -42.13 48.28
C SER F 182 19.94 -43.55 47.78
N SER F 183 20.56 -44.52 48.44
CA SER F 183 20.30 -45.93 48.19
C SER F 183 19.90 -46.57 49.50
N THR F 184 18.76 -47.27 49.50
CA THR F 184 18.15 -47.77 50.72
C THR F 184 18.07 -49.28 50.66
N LEU F 185 18.76 -49.94 51.58
CA LEU F 185 18.72 -51.39 51.72
C LEU F 185 17.64 -51.75 52.74
N THR F 186 16.69 -52.59 52.33
CA THR F 186 15.56 -52.96 53.18
C THR F 186 15.68 -54.43 53.58
N LEU F 187 15.65 -54.67 54.90
CA LEU F 187 15.74 -56.01 55.45
C LEU F 187 14.69 -56.20 56.53
N SER F 188 14.32 -57.46 56.76
CA SER F 188 13.60 -57.78 57.98
C SER F 188 14.53 -57.65 59.18
N LYS F 189 13.94 -57.42 60.35
CA LYS F 189 14.75 -57.27 61.55
C LYS F 189 15.55 -58.54 61.84
N ALA F 190 14.94 -59.71 61.62
CA ALA F 190 15.65 -60.96 61.83
C ALA F 190 16.84 -61.08 60.88
N ASP F 191 16.65 -60.71 59.61
CA ASP F 191 17.75 -60.74 58.66
C ASP F 191 18.83 -59.75 59.05
N TYR F 192 18.44 -58.55 59.48
CA TYR F 192 19.42 -57.53 59.83
C TYR F 192 20.28 -57.98 61.01
N GLU F 193 19.68 -58.63 62.00
CA GLU F 193 20.41 -59.06 63.18
C GLU F 193 21.20 -60.35 62.96
N LYS F 194 21.16 -60.91 61.76
CA LYS F 194 21.95 -62.09 61.42
C LYS F 194 23.30 -61.73 60.82
N HIS F 195 23.62 -60.44 60.70
CA HIS F 195 24.87 -60.00 60.09
C HIS F 195 25.46 -58.87 60.90
N LYS F 196 26.76 -58.63 60.69
CA LYS F 196 27.52 -57.68 61.49
C LYS F 196 27.97 -56.45 60.71
N VAL F 197 28.64 -56.64 59.58
CA VAL F 197 29.25 -55.55 58.84
C VAL F 197 28.30 -55.12 57.73
N TYR F 198 27.96 -53.83 57.71
CA TYR F 198 27.13 -53.24 56.67
C TYR F 198 27.91 -52.11 56.02
N ALA F 199 28.18 -52.25 54.72
CA ALA F 199 29.06 -51.33 54.02
C ALA F 199 28.39 -50.79 52.77
N CYS F 200 28.62 -49.52 52.49
CA CYS F 200 28.21 -48.88 51.25
C CYS F 200 29.46 -48.47 50.48
N GLU F 201 29.61 -48.98 49.28
CA GLU F 201 30.78 -48.71 48.45
C GLU F 201 30.36 -47.88 47.24
N VAL F 202 31.02 -46.74 47.05
CA VAL F 202 30.65 -45.77 46.03
C VAL F 202 31.78 -45.63 45.03
N THR F 203 31.46 -45.80 43.76
CA THR F 203 32.39 -45.54 42.66
C THR F 203 31.87 -44.34 41.86
N HIS F 204 32.77 -43.42 41.55
CA HIS F 204 32.38 -42.19 40.86
C HIS F 204 33.60 -41.61 40.17
N GLN F 205 33.35 -40.85 39.10
CA GLN F 205 34.43 -40.27 38.32
C GLN F 205 35.33 -39.37 39.18
N GLY F 206 34.73 -38.66 40.14
CA GLY F 206 35.48 -37.79 41.01
C GLY F 206 36.29 -38.46 42.08
N LEU F 207 36.26 -39.79 42.16
CA LEU F 207 36.99 -40.55 43.16
C LEU F 207 38.09 -41.35 42.46
N SER F 208 39.34 -41.15 42.91
CA SER F 208 40.45 -41.92 42.35
C SER F 208 40.32 -43.40 42.67
N SER F 209 39.70 -43.73 43.80
CA SER F 209 39.42 -45.09 44.21
C SER F 209 38.06 -45.12 44.89
N PRO F 210 37.35 -46.24 44.82
CA PRO F 210 36.02 -46.30 45.44
C PRO F 210 36.08 -46.04 46.94
N VAL F 211 35.06 -45.35 47.43
CA VAL F 211 34.96 -44.99 48.85
C VAL F 211 33.95 -45.91 49.51
N THR F 212 34.28 -46.41 50.69
CA THR F 212 33.43 -47.31 51.45
C THR F 212 33.11 -46.70 52.80
N LYS F 213 31.82 -46.64 53.13
CA LYS F 213 31.36 -46.27 54.45
C LYS F 213 30.65 -47.47 55.07
N SER F 214 30.99 -47.77 56.32
CA SER F 214 30.49 -49.00 56.92
C SER F 214 30.26 -48.80 58.42
N PHE F 215 29.49 -49.71 59.00
CA PHE F 215 29.30 -49.79 60.43
C PHE F 215 29.15 -51.24 60.83
N ASN F 216 29.40 -51.52 62.11
CA ASN F 216 29.13 -52.83 62.70
C ASN F 216 27.86 -52.75 63.53
N ARG F 217 26.96 -53.70 63.32
CA ARG F 217 25.71 -53.70 64.08
C ARG F 217 26.00 -53.85 65.56
N GLY F 218 25.37 -52.99 66.37
CA GLY F 218 25.55 -53.00 67.80
C GLY F 218 26.66 -52.10 68.31
N GLU F 219 27.61 -51.73 67.46
CA GLU F 219 28.72 -50.88 67.85
C GLU F 219 28.42 -49.42 67.52
N CYS F 220 29.10 -48.52 68.23
CA CYS F 220 28.87 -47.09 68.06
C CYS F 220 29.26 -46.66 66.65
N SER F 221 28.36 -45.99 65.97
CA SER F 221 28.58 -45.56 64.59
C SER F 221 28.52 -44.03 64.47
C1 NAG G . 9.35 -9.32 -2.71
C2 NAG G . 10.65 -10.08 -2.51
C3 NAG G . 10.57 -11.48 -3.14
C4 NAG G . 9.27 -11.72 -3.91
C5 NAG G . 8.02 -11.26 -3.14
C6 NAG G . 7.47 -12.33 -2.23
C7 NAG G . 12.97 -9.30 -2.43
C8 NAG G . 14.03 -8.48 -3.11
N2 NAG G . 11.78 -9.34 -3.03
O3 NAG G . 10.74 -12.46 -2.14
O4 NAG G . 9.32 -11.11 -5.19
O5 NAG G . 8.28 -10.12 -2.31
O6 NAG G . 7.26 -13.56 -2.91
O7 NAG G . 13.18 -9.89 -1.37
C1 EDO H . 29.41 3.18 -6.87
O1 EDO H . 30.07 3.85 -7.96
C2 EDO H . 30.43 2.36 -6.09
O2 EDO H . 31.44 3.23 -5.57
C1 EDO I . 29.21 4.61 -3.26
O1 EDO I . 29.87 4.49 -2.00
C2 EDO I . 27.84 5.23 -3.06
O2 EDO I . 27.99 6.59 -2.60
C1 NAG J . -23.18 6.91 13.85
C2 NAG J . -23.01 7.97 12.76
C3 NAG J . -22.35 9.24 13.34
C4 NAG J . -23.08 9.71 14.59
C5 NAG J . -23.18 8.57 15.59
C6 NAG J . -23.97 8.93 16.82
C7 NAG J . -22.52 7.70 10.37
C8 NAG J . -21.59 7.08 9.36
N2 NAG J . -22.22 7.46 11.65
O3 NAG J . -22.37 10.26 12.35
O4 NAG J . -22.39 10.80 15.18
O5 NAG J . -23.87 7.46 14.97
O6 NAG J . -25.38 8.84 16.59
O7 NAG J . -23.49 8.37 10.04
S SO4 K . 4.97 17.18 -19.53
O1 SO4 K . 5.79 18.29 -19.04
O2 SO4 K . 5.83 16.18 -20.14
O3 SO4 K . 4.23 16.60 -18.42
O4 SO4 K . 4.03 17.69 -20.53
C1 EDO L . -3.41 19.08 -6.61
O1 EDO L . -4.78 18.69 -6.40
C2 EDO L . -2.79 19.44 -5.26
O2 EDO L . -2.90 18.32 -4.38
C1 EDO M . -23.07 41.84 -43.95
O1 EDO M . -22.66 41.69 -45.32
C2 EDO M . -22.27 42.96 -43.29
O2 EDO M . -20.87 42.65 -43.33
S SO4 N . -38.01 57.50 -58.82
O1 SO4 N . -37.03 57.19 -59.86
O2 SO4 N . -37.33 58.01 -57.65
O3 SO4 N . -38.74 56.28 -58.47
O4 SO4 N . -38.95 58.49 -59.32
C1 PGE O . -32.77 48.00 -58.01
O1 PGE O . -32.63 46.99 -59.00
C2 PGE O . -34.20 48.02 -57.53
O2 PGE O . -34.27 48.63 -56.26
C3 PGE O . -35.35 48.14 -55.47
C4 PGE O . -34.81 47.13 -54.49
O4 PGE O . -34.50 43.35 -55.61
C6 PGE O . -34.51 44.62 -56.25
C5 PGE O . -35.74 45.38 -55.82
O3 PGE O . -35.55 45.92 -54.53
C1 PGE P . -37.00 38.34 -50.99
O1 PGE P . -37.70 37.30 -50.33
C2 PGE P . -37.99 39.28 -51.65
O2 PGE P . -37.31 40.11 -52.57
C3 PGE P . -38.01 40.27 -53.79
C4 PGE P . -37.16 41.12 -54.72
O3 PGE P . -36.28 41.92 -53.96
C1 EDO Q . 13.54 -45.10 50.39
O1 EDO Q . 13.92 -44.62 49.10
C2 EDO Q . 13.80 -44.04 51.44
O2 EDO Q . 15.21 -43.74 51.49
C1 EDO R . 20.99 -23.86 48.51
O1 EDO R . 21.16 -24.81 49.57
C2 EDO R . 19.60 -23.24 48.60
O2 EDO R . 19.42 -22.28 47.56
C1 EDO S . 26.30 -59.43 68.09
O1 EDO S . 24.94 -59.54 68.54
C2 EDO S . 26.64 -60.63 67.22
O2 EDO S . 27.97 -60.48 66.72
C1 EDO T . 23.23 -50.48 65.77
O1 EDO T . 22.19 -51.29 65.21
C2 EDO T . 24.25 -50.14 64.68
O2 EDO T . 25.23 -49.25 65.20
#